data_5QHE
# 
_entry.id   5QHE 
# 
_audit_conform.dict_name       mmcif_pdbx.dic 
_audit_conform.dict_version    5.381 
_audit_conform.dict_location   http://mmcif.pdb.org/dictionaries/ascii/mmcif_pdbx.dic 
# 
loop_
_database_2.database_id 
_database_2.database_code 
_database_2.pdbx_database_accession 
_database_2.pdbx_DOI 
PDB   5QHE         pdb_00005qhe 10.2210/pdb5qhe/pdb 
WWPDB D_1001401951 ?            ?                   
# 
_pdbx_database_status.entry_id                        5QHE 
_pdbx_database_status.status_code                     REL 
_pdbx_database_status.status_code_sf                  REL 
_pdbx_database_status.status_code_mr                  ? 
_pdbx_database_status.status_code_cs                  ? 
_pdbx_database_status.recvd_initial_deposition_date   2018-05-15 
_pdbx_database_status.deposit_site                    RCSB 
_pdbx_database_status.process_site                    RCSB 
_pdbx_database_status.SG_entry                        ? 
_pdbx_database_status.pdb_format_compatible           Y 
_pdbx_database_status.methods_development_category    ? 
_pdbx_database_status.status_code_nmr_data            ? 
# 
loop_
_audit_author.name 
_audit_author.pdbx_ordinal 
_audit_author.identifier_ORCID 
'Krojer, T.'         1  ? 
'Talon, R.'          2  ? 
'Fairhead, M.'       3  ? 
'Diaz Saez, L.'      4  ? 
'Bradley, A.R.'      5  ? 
'Aimon, A.'          6  ? 
'Collins, P.'        7  ? 
'Brandao-Neto, J.'   8  ? 
'Douangamath, A.'    9  ? 
'Ruda, G.F.'         10 ? 
'Szommer, T.'        11 ? 
'Srikannathasan, V.' 12 ? 
'Elkins, J.'         13 ? 
'Spencer, J.'        14 ? 
'London, N.'         15 ? 
'Nelson, A.'         16 ? 
'Brennan, P.E.'      17 ? 
'Huber, K.'          18 ? 
'Bountra, C.'        19 ? 
'Arrowsmith, C.H.'   20 ? 
'Edwards, A.'        21 ? 
'von Delft, F.'      22 ? 
# 
_citation.id                        primary 
_citation.title                     'PanDDA analysis group deposition of models with modelled events (e.g. bound ligands)' 
_citation.journal_abbrev            'To Be Published' 
_citation.journal_volume            ? 
_citation.page_first                ? 
_citation.page_last                 ? 
_citation.year                      ? 
_citation.journal_id_ASTM           ? 
_citation.country                   ? 
_citation.journal_id_ISSN           ? 
_citation.journal_id_CSD            0353 
_citation.book_publisher            ? 
_citation.pdbx_database_id_PubMed   ? 
_citation.pdbx_database_id_DOI      ? 
# 
loop_
_citation_author.citation_id 
_citation_author.name 
_citation_author.identifier_ORCID 
_citation_author.ordinal 
primary 'Krojer, T.'         ? 1  
primary 'Talon, R.'          ? 2  
primary 'Fairhead, M.'       ? 3  
primary 'Diaz Saez, L.'      ? 4  
primary 'Bradley, A.R.'      ? 5  
primary 'Aimon, A.'          ? 6  
primary 'Collins, P.'        ? 7  
primary 'Brandao-Neto, J.'   ? 8  
primary 'Douangamath, A.'    ? 9  
primary 'Ruda, G.F.'         ? 10 
primary 'Szommer, T.'        ? 11 
primary 'Srikannathasan, V.' ? 12 
primary 'Elkins, J.'         ? 13 
primary 'Spencer, J.'        ? 14 
primary 'London, N.'         ? 15 
primary 'Nelson, A.'         ? 16 
primary 'Brennan, P.E.'      ? 17 
primary 'Huber, K.'          ? 18 
primary 'Bountra, C.'        ? 19 
primary 'Arrowsmith, C.H.'   ? 20 
primary 'Edwards, A.'        ? 21 
primary 'von Delft, F.'      ? 22 
# 
_cell.entry_id           5QHE 
_cell.length_a           125.220 
_cell.length_b           125.220 
_cell.length_c           41.270 
_cell.angle_alpha        90.000 
_cell.angle_beta         90.000 
_cell.angle_gamma        120.000 
_cell.Z_PDB              6 
_cell.pdbx_unique_axis   ? 
# 
_symmetry.entry_id                         5QHE 
_symmetry.Int_Tables_number                150 
_symmetry.space_group_name_H-M             'P 3 2 1' 
_symmetry.pdbx_full_space_group_name_H-M   ? 
_symmetry.cell_setting                     ? 
# 
loop_
_entity.id 
_entity.type 
_entity.src_method 
_entity.pdbx_description 
_entity.formula_weight 
_entity.pdbx_number_of_molecules 
_entity.pdbx_ec 
_entity.pdbx_mutation 
_entity.pdbx_fragment 
_entity.details 
1 polymer     man 'Peroxisomal coenzyme A diphosphatase NUDT7'                    22197.600 1   3.6.1.- ? ? ? 
2 non-polymer syn 'ACETATE ION'                                                   59.044    2   ?       ? ? ? 
3 non-polymer syn 'DIMETHYL SULFOXIDE'                                            78.133    2   ?       ? ? ? 
4 non-polymer syn "1-(4'-fluoro[1,1'-biphenyl]-2-yl)-1,3-dihydro-2H-pyrrol-2-one" 253.271   1   ?       ? ? ? 
5 water       nat water                                                           18.015    158 ?       ? ? ? 
# 
_entity_name_com.entity_id   1 
_entity_name_com.name        'Nucleoside diphosphate-linked moiety X motif 7,Nudix motif 7' 
# 
_entity_poly.entity_id                      1 
_entity_poly.type                           'polypeptide(L)' 
_entity_poly.nstd_linkage                   no 
_entity_poly.nstd_monomer                   yes 
_entity_poly.pdbx_seq_one_letter_code       
;SMLDDAKARLRKYDIGGKYSHLPYNKYSVLLPLVAKEGKLHLLFTVRSEKLRRAPGEVCFPGGKRDPTDMDDAATALREA
QEEVGLR(HYP)HQVEVV(CSO)CLVPCLIDTDTLITPFVGLIDHNFQAQPNPAEVKDVFLVPLAYFLHPQVHDQHYVTR
LGHRFINHIFEYTNPEDGVTYQIKGMTANLAVLVAFIILEKKPT
;
_entity_poly.pdbx_seq_one_letter_code_can   
;SMLDDAKARLRKYDIGGKYSHLPYNKYSVLLPLVAKEGKLHLLFTVRSEKLRRAPGEVCFPGGKRDPTDMDDAATALREA
QEEVGLRPHQVEVVCCLVPCLIDTDTLITPFVGLIDHNFQAQPNPAEVKDVFLVPLAYFLHPQVHDQHYVTRLGHRFINH
IFEYTNPEDGVTYQIKGMTANLAVLVAFIILEKKPT
;
_entity_poly.pdbx_strand_id                 A 
_entity_poly.pdbx_target_identifier         ? 
# 
loop_
_entity_poly_seq.entity_id 
_entity_poly_seq.num 
_entity_poly_seq.mon_id 
_entity_poly_seq.hetero 
1 1   SER n 
1 2   MET n 
1 3   LEU n 
1 4   ASP n 
1 5   ASP n 
1 6   ALA n 
1 7   LYS n 
1 8   ALA n 
1 9   ARG n 
1 10  LEU n 
1 11  ARG n 
1 12  LYS n 
1 13  TYR n 
1 14  ASP n 
1 15  ILE n 
1 16  GLY n 
1 17  GLY n 
1 18  LYS n 
1 19  TYR n 
1 20  SER n 
1 21  HIS n 
1 22  LEU n 
1 23  PRO n 
1 24  TYR n 
1 25  ASN n 
1 26  LYS n 
1 27  TYR n 
1 28  SER n 
1 29  VAL n 
1 30  LEU n 
1 31  LEU n 
1 32  PRO n 
1 33  LEU n 
1 34  VAL n 
1 35  ALA n 
1 36  LYS n 
1 37  GLU n 
1 38  GLY n 
1 39  LYS n 
1 40  LEU n 
1 41  HIS n 
1 42  LEU n 
1 43  LEU n 
1 44  PHE n 
1 45  THR n 
1 46  VAL n 
1 47  ARG n 
1 48  SER n 
1 49  GLU n 
1 50  LYS n 
1 51  LEU n 
1 52  ARG n 
1 53  ARG n 
1 54  ALA n 
1 55  PRO n 
1 56  GLY n 
1 57  GLU n 
1 58  VAL n 
1 59  CYS n 
1 60  PHE n 
1 61  PRO n 
1 62  GLY n 
1 63  GLY n 
1 64  LYS n 
1 65  ARG n 
1 66  ASP n 
1 67  PRO n 
1 68  THR n 
1 69  ASP n 
1 70  MET n 
1 71  ASP n 
1 72  ASP n 
1 73  ALA n 
1 74  ALA n 
1 75  THR n 
1 76  ALA n 
1 77  LEU n 
1 78  ARG n 
1 79  GLU n 
1 80  ALA n 
1 81  GLN n 
1 82  GLU n 
1 83  GLU n 
1 84  VAL n 
1 85  GLY n 
1 86  LEU n 
1 87  ARG n 
1 88  HYP n 
1 89  HIS n 
1 90  GLN n 
1 91  VAL n 
1 92  GLU n 
1 93  VAL n 
1 94  VAL n 
1 95  CSO n 
1 96  CYS n 
1 97  LEU n 
1 98  VAL n 
1 99  PRO n 
1 100 CYS n 
1 101 LEU n 
1 102 ILE n 
1 103 ASP n 
1 104 THR n 
1 105 ASP n 
1 106 THR n 
1 107 LEU n 
1 108 ILE n 
1 109 THR n 
1 110 PRO n 
1 111 PHE n 
1 112 VAL n 
1 113 GLY n 
1 114 LEU n 
1 115 ILE n 
1 116 ASP n 
1 117 HIS n 
1 118 ASN n 
1 119 PHE n 
1 120 GLN n 
1 121 ALA n 
1 122 GLN n 
1 123 PRO n 
1 124 ASN n 
1 125 PRO n 
1 126 ALA n 
1 127 GLU n 
1 128 VAL n 
1 129 LYS n 
1 130 ASP n 
1 131 VAL n 
1 132 PHE n 
1 133 LEU n 
1 134 VAL n 
1 135 PRO n 
1 136 LEU n 
1 137 ALA n 
1 138 TYR n 
1 139 PHE n 
1 140 LEU n 
1 141 HIS n 
1 142 PRO n 
1 143 GLN n 
1 144 VAL n 
1 145 HIS n 
1 146 ASP n 
1 147 GLN n 
1 148 HIS n 
1 149 TYR n 
1 150 VAL n 
1 151 THR n 
1 152 ARG n 
1 153 LEU n 
1 154 GLY n 
1 155 HIS n 
1 156 ARG n 
1 157 PHE n 
1 158 ILE n 
1 159 ASN n 
1 160 HIS n 
1 161 ILE n 
1 162 PHE n 
1 163 GLU n 
1 164 TYR n 
1 165 THR n 
1 166 ASN n 
1 167 PRO n 
1 168 GLU n 
1 169 ASP n 
1 170 GLY n 
1 171 VAL n 
1 172 THR n 
1 173 TYR n 
1 174 GLN n 
1 175 ILE n 
1 176 LYS n 
1 177 GLY n 
1 178 MET n 
1 179 THR n 
1 180 ALA n 
1 181 ASN n 
1 182 LEU n 
1 183 ALA n 
1 184 VAL n 
1 185 LEU n 
1 186 VAL n 
1 187 ALA n 
1 188 PHE n 
1 189 ILE n 
1 190 ILE n 
1 191 LEU n 
1 192 GLU n 
1 193 LYS n 
1 194 LYS n 
1 195 PRO n 
1 196 THR n 
# 
_entity_src_gen.entity_id                          1 
_entity_src_gen.pdbx_src_id                        1 
_entity_src_gen.pdbx_alt_source_flag               sample 
_entity_src_gen.pdbx_seq_type                      'Biological sequence' 
_entity_src_gen.pdbx_beg_seq_num                   1 
_entity_src_gen.pdbx_end_seq_num                   196 
_entity_src_gen.gene_src_common_name               Human 
_entity_src_gen.gene_src_genus                     ? 
_entity_src_gen.pdbx_gene_src_gene                 NUDT7 
_entity_src_gen.gene_src_species                   ? 
_entity_src_gen.gene_src_strain                    ? 
_entity_src_gen.gene_src_tissue                    ? 
_entity_src_gen.gene_src_tissue_fraction           ? 
_entity_src_gen.gene_src_details                   ? 
_entity_src_gen.pdbx_gene_src_fragment             ? 
_entity_src_gen.pdbx_gene_src_scientific_name      'Homo sapiens' 
_entity_src_gen.pdbx_gene_src_ncbi_taxonomy_id     9606 
_entity_src_gen.pdbx_gene_src_variant              ? 
_entity_src_gen.pdbx_gene_src_cell_line            ? 
_entity_src_gen.pdbx_gene_src_atcc                 ? 
_entity_src_gen.pdbx_gene_src_organ                ? 
_entity_src_gen.pdbx_gene_src_organelle            ? 
_entity_src_gen.pdbx_gene_src_cell                 ? 
_entity_src_gen.pdbx_gene_src_cellular_location    ? 
_entity_src_gen.host_org_common_name               ? 
_entity_src_gen.pdbx_host_org_scientific_name      'Escherichia coli' 
_entity_src_gen.pdbx_host_org_ncbi_taxonomy_id     562 
_entity_src_gen.host_org_genus                     ? 
_entity_src_gen.pdbx_host_org_gene                 ? 
_entity_src_gen.pdbx_host_org_organ                ? 
_entity_src_gen.host_org_species                   ? 
_entity_src_gen.pdbx_host_org_tissue               ? 
_entity_src_gen.pdbx_host_org_tissue_fraction      ? 
_entity_src_gen.pdbx_host_org_strain               ? 
_entity_src_gen.pdbx_host_org_variant              ? 
_entity_src_gen.pdbx_host_org_cell_line            ? 
_entity_src_gen.pdbx_host_org_atcc                 ? 
_entity_src_gen.pdbx_host_org_culture_collection   ? 
_entity_src_gen.pdbx_host_org_cell                 ? 
_entity_src_gen.pdbx_host_org_organelle            ? 
_entity_src_gen.pdbx_host_org_cellular_location    ? 
_entity_src_gen.pdbx_host_org_vector_type          ? 
_entity_src_gen.pdbx_host_org_vector               ? 
_entity_src_gen.host_org_details                   ? 
_entity_src_gen.expression_system_id               ? 
_entity_src_gen.plasmid_name                       ? 
_entity_src_gen.plasmid_details                    ? 
_entity_src_gen.pdbx_description                   ? 
# 
_struct_ref.id                         1 
_struct_ref.db_name                    UNP 
_struct_ref.db_code                    NUDT7_HUMAN 
_struct_ref.pdbx_db_accession          P0C024 
_struct_ref.pdbx_db_isoform            ? 
_struct_ref.entity_id                  1 
_struct_ref.pdbx_seq_one_letter_code   
;SLLDDAKARLRKYDIGGKYSHLPYNKYSVLLPLVAKEGKLHLLFTVRSEKLRRAPGEVCFPGGKRDPTDMDDAATALREA
QEEVGLRPHQVEVVCCLVPCLIDTDTLITPFVGLIDHNFQAQPNPAEVKDVFLVPLAYFLHPQVHDQHYVTRLGHRFINH
IFEYTNPEDGVTYQIKGMTANLAVLVAFIILEKKPT
;
_struct_ref.pdbx_align_begin           14 
# 
_struct_ref_seq.align_id                      1 
_struct_ref_seq.ref_id                        1 
_struct_ref_seq.pdbx_PDB_id_code              5QHE 
_struct_ref_seq.pdbx_strand_id                A 
_struct_ref_seq.seq_align_beg                 1 
_struct_ref_seq.pdbx_seq_align_beg_ins_code   ? 
_struct_ref_seq.seq_align_end                 196 
_struct_ref_seq.pdbx_seq_align_end_ins_code   ? 
_struct_ref_seq.pdbx_db_accession             P0C024 
_struct_ref_seq.db_align_beg                  14 
_struct_ref_seq.pdbx_db_align_beg_ins_code    ? 
_struct_ref_seq.db_align_end                  209 
_struct_ref_seq.pdbx_db_align_end_ins_code    ? 
_struct_ref_seq.pdbx_auth_seq_align_beg       15 
_struct_ref_seq.pdbx_auth_seq_align_end       210 
# 
_struct_ref_seq_dif.align_id                     1 
_struct_ref_seq_dif.pdbx_pdb_id_code             5QHE 
_struct_ref_seq_dif.mon_id                       MET 
_struct_ref_seq_dif.pdbx_pdb_strand_id           A 
_struct_ref_seq_dif.seq_num                      2 
_struct_ref_seq_dif.pdbx_pdb_ins_code            ? 
_struct_ref_seq_dif.pdbx_seq_db_name             UNP 
_struct_ref_seq_dif.pdbx_seq_db_accession_code   P0C024 
_struct_ref_seq_dif.db_mon_id                    LEU 
_struct_ref_seq_dif.pdbx_seq_db_seq_num          15 
_struct_ref_seq_dif.details                      conflict 
_struct_ref_seq_dif.pdbx_auth_seq_num            16 
_struct_ref_seq_dif.pdbx_ordinal                 1 
# 
loop_
_chem_comp.id 
_chem_comp.type 
_chem_comp.mon_nstd_flag 
_chem_comp.name 
_chem_comp.pdbx_synonyms 
_chem_comp.formula 
_chem_comp.formula_weight 
ACT non-polymer         . 'ACETATE ION'                                                   ?              'C2 H3 O2 -1'    59.044  
ALA 'L-peptide linking' y ALANINE                                                         ?              'C3 H7 N O2'     89.093  
ARG 'L-peptide linking' y ARGININE                                                        ?              'C6 H15 N4 O2 1' 175.209 
ASN 'L-peptide linking' y ASPARAGINE                                                      ?              'C4 H8 N2 O3'    132.118 
ASP 'L-peptide linking' y 'ASPARTIC ACID'                                                 ?              'C4 H7 N O4'     133.103 
CSO 'L-peptide linking' n S-HYDROXYCYSTEINE                                               ?              'C3 H7 N O3 S'   137.158 
CYS 'L-peptide linking' y CYSTEINE                                                        ?              'C3 H7 N O2 S'   121.158 
DMS non-polymer         . 'DIMETHYL SULFOXIDE'                                            ?              'C2 H6 O S'      78.133  
GLN 'L-peptide linking' y GLUTAMINE                                                       ?              'C5 H10 N2 O3'   146.144 
GLU 'L-peptide linking' y 'GLUTAMIC ACID'                                                 ?              'C5 H9 N O4'     147.129 
GLY 'peptide linking'   y GLYCINE                                                         ?              'C2 H5 N O2'     75.067  
H1P non-polymer         . "1-(4'-fluoro[1,1'-biphenyl]-2-yl)-1,3-dihydro-2H-pyrrol-2-one" ?              'C16 H12 F N O'  253.271 
HIS 'L-peptide linking' y HISTIDINE                                                       ?              'C6 H10 N3 O2 1' 156.162 
HOH non-polymer         . WATER                                                           ?              'H2 O'           18.015  
HYP 'L-peptide linking' n 4-HYDROXYPROLINE                                                HYDROXYPROLINE 'C5 H9 N O3'     131.130 
ILE 'L-peptide linking' y ISOLEUCINE                                                      ?              'C6 H13 N O2'    131.173 
LEU 'L-peptide linking' y LEUCINE                                                         ?              'C6 H13 N O2'    131.173 
LYS 'L-peptide linking' y LYSINE                                                          ?              'C6 H15 N2 O2 1' 147.195 
MET 'L-peptide linking' y METHIONINE                                                      ?              'C5 H11 N O2 S'  149.211 
PHE 'L-peptide linking' y PHENYLALANINE                                                   ?              'C9 H11 N O2'    165.189 
PRO 'L-peptide linking' y PROLINE                                                         ?              'C5 H9 N O2'     115.130 
SER 'L-peptide linking' y SERINE                                                          ?              'C3 H7 N O3'     105.093 
THR 'L-peptide linking' y THREONINE                                                       ?              'C4 H9 N O3'     119.119 
TYR 'L-peptide linking' y TYROSINE                                                        ?              'C9 H11 N O3'    181.189 
VAL 'L-peptide linking' y VALINE                                                          ?              'C5 H11 N O2'    117.146 
# 
_exptl.crystals_number   1 
_exptl.entry_id          5QHE 
_exptl.method            'X-RAY DIFFRACTION' 
# 
_exptl_crystal.id                    1 
_exptl_crystal.pdbx_mosaicity        0.000 
_exptl_crystal.pdbx_mosaicity_esd    ? 
_exptl_crystal.density_Matthews      4.21 
_exptl_crystal.density_diffrn        ? 
_exptl_crystal.density_meas          ? 
_exptl_crystal.density_meas_temp     ? 
_exptl_crystal.density_percent_sol   70.77 
_exptl_crystal.size_max              ? 
_exptl_crystal.size_mid              ? 
_exptl_crystal.size_min              ? 
_exptl_crystal.size_rad              ? 
_exptl_crystal.description           ? 
_exptl_crystal.preparation           ? 
# 
_exptl_crystal_grow.crystal_id      1 
_exptl_crystal_grow.method          'VAPOR DIFFUSION, SITTING DROP' 
_exptl_crystal_grow.pH              5.5 
_exptl_crystal_grow.temp            293 
_exptl_crystal_grow.pdbx_details    '0.1M bis-tris pH 5.5 -- 0.1M ammonium acetate -- 5%(w/v) PEG10K' 
_exptl_crystal_grow.temp_details    ? 
_exptl_crystal_grow.pdbx_pH_range   ? 
# 
_diffrn.id                     1 
_diffrn.ambient_temp           100 
_diffrn.crystal_id             1 
_diffrn.ambient_temp_details   ? 
# 
_diffrn_detector.detector               PIXEL 
_diffrn_detector.type                   'DECTRIS PILATUS 6M' 
_diffrn_detector.pdbx_collection_date   2017-10-25 
_diffrn_detector.diffrn_id              1 
_diffrn_detector.details                ? 
# 
_diffrn_radiation.diffrn_id                        1 
_diffrn_radiation.wavelength_id                    1 
_diffrn_radiation.pdbx_diffrn_protocol             'SINGLE WAVELENGTH' 
_diffrn_radiation.pdbx_monochromatic_or_laue_m_l   ? 
_diffrn_radiation.monochromator                    ? 
_diffrn_radiation.pdbx_scattering_type             x-ray 
# 
_diffrn_radiation_wavelength.id           1 
_diffrn_radiation_wavelength.wavelength   0.91587 
_diffrn_radiation_wavelength.wt           1.0 
# 
_diffrn_source.diffrn_id                   1 
_diffrn_source.source                      SYNCHROTRON 
_diffrn_source.type                        'DIAMOND BEAMLINE I04-1' 
_diffrn_source.pdbx_wavelength_list        0.91587 
_diffrn_source.pdbx_synchrotron_site       Diamond 
_diffrn_source.pdbx_synchrotron_beamline   I04-1 
_diffrn_source.pdbx_wavelength             ? 
# 
_reflns.entry_id                     5QHE 
_reflns.pdbx_diffrn_id               1 
_reflns.pdbx_ordinal                 1 
_reflns.observed_criterion_sigma_I   ? 
_reflns.observed_criterion_sigma_F   ? 
_reflns.d_resolution_low             108.440 
_reflns.d_resolution_high            1.740 
_reflns.number_obs                   38283 
_reflns.number_all                   ? 
_reflns.percent_possible_obs         99.900 
_reflns.pdbx_Rmerge_I_obs            0.090 
_reflns.pdbx_Rsym_value              ? 
_reflns.pdbx_netI_over_sigmaI        13.600 
_reflns.B_iso_Wilson_estimate        ? 
_reflns.pdbx_redundancy              10.000 
_reflns.pdbx_Rrim_I_all              0.095 
_reflns.pdbx_Rpim_I_all              0.030 
_reflns.pdbx_CC_half                 0.997 
_reflns.pdbx_netI_over_av_sigmaI     ? 
_reflns.pdbx_number_measured_all     384426 
_reflns.pdbx_scaling_rejects         0 
_reflns.pdbx_chi_squared             ? 
_reflns.Rmerge_F_all                 ? 
_reflns.Rmerge_F_obs                 ? 
_reflns.observed_criterion_F_max     ? 
_reflns.observed_criterion_F_min     ? 
_reflns.observed_criterion_I_max     ? 
_reflns.observed_criterion_I_min     ? 
_reflns.pdbx_d_res_high_opt          ? 
_reflns.pdbx_d_res_low_opt           ? 
_reflns.details                      ? 
# 
loop_
_reflns_shell.pdbx_diffrn_id 
_reflns_shell.pdbx_ordinal 
_reflns_shell.d_res_high 
_reflns_shell.d_res_low 
_reflns_shell.number_measured_obs 
_reflns_shell.number_measured_all 
_reflns_shell.number_unique_obs 
_reflns_shell.pdbx_rejects 
_reflns_shell.Rmerge_I_obs 
_reflns_shell.meanI_over_sigI_obs 
_reflns_shell.pdbx_Rsym_value 
_reflns_shell.pdbx_chi_squared 
_reflns_shell.pdbx_redundancy 
_reflns_shell.percent_possible_obs 
_reflns_shell.pdbx_netI_over_sigmaI_obs 
_reflns_shell.number_possible 
_reflns_shell.number_unique_all 
_reflns_shell.Rmerge_F_all 
_reflns_shell.Rmerge_F_obs 
_reflns_shell.Rmerge_I_all 
_reflns_shell.meanI_over_sigI_all 
_reflns_shell.percent_possible_all 
_reflns_shell.pdbx_Rrim_I_all 
_reflns_shell.pdbx_Rpim_I_all 
_reflns_shell.pdbx_CC_half 
1 1 1.740 1.790   ? 25533 ? ? 1.481 ? ? ? 9.000 ? 1.400  ? 2823 ? ? ? ? 100.000 1.571 0.521 0.711 
1 2 7.780 108.440 ? 4431  ? ? 0.071 ? ? ? 9.300 ? 31.800 ? 474  ? ? ? ? 99.400  0.076 0.025 0.994 
# 
_refine.entry_id                                 5QHE 
_refine.pdbx_refine_id                           'X-RAY DIFFRACTION' 
_refine.ls_d_res_high                            1.7400 
_refine.ls_d_res_low                             108.4400 
_refine.pdbx_ls_sigma_F                          0.000 
_refine.pdbx_data_cutoff_high_absF               ? 
_refine.pdbx_data_cutoff_low_absF                ? 
_refine.ls_percent_reflns_obs                    99.8600 
_refine.ls_number_reflns_obs                     36419 
_refine.ls_number_reflns_all                     ? 
_refine.pdbx_ls_cross_valid_method               THROUGHOUT 
_refine.ls_matrix_type                           ? 
_refine.pdbx_R_Free_selection_details            RANDOM 
_refine.details                                  
'HYDROGENS HAVE BEEN ADDED IN THE RIDING POSITIONS U VALUES      : REFINED INDIVIDUALLY' 
_refine.ls_R_factor_all                          ? 
_refine.ls_R_factor_obs                          0.1992 
_refine.ls_R_factor_R_work                       0.1981 
_refine.ls_wR_factor_R_work                      ? 
_refine.ls_R_factor_R_free                       0.2189 
_refine.ls_wR_factor_R_free                      ? 
_refine.ls_percent_reflns_R_free                 4.9000 
_refine.ls_number_reflns_R_free                  1862 
_refine.ls_number_reflns_R_work                  ? 
_refine.ls_R_factor_R_free_error                 ? 
_refine.B_iso_mean                               37.7250 
_refine.solvent_model_param_bsol                 ? 
_refine.solvent_model_param_ksol                 ? 
_refine.pdbx_isotropic_thermal_model             ? 
_refine.aniso_B[1][1]                            0.0100 
_refine.aniso_B[2][2]                            0.0100 
_refine.aniso_B[3][3]                            -0.0200 
_refine.aniso_B[1][2]                            0.0000 
_refine.aniso_B[1][3]                            0.0000 
_refine.aniso_B[2][3]                            -0.0000 
_refine.correlation_coeff_Fo_to_Fc               0.9590 
_refine.correlation_coeff_Fo_to_Fc_free          0.9500 
_refine.overall_SU_R_Cruickshank_DPI             ? 
_refine.pdbx_overall_SU_R_free_Cruickshank_DPI   ? 
_refine.pdbx_overall_SU_R_Blow_DPI               ? 
_refine.pdbx_overall_SU_R_free_Blow_DPI          ? 
_refine.overall_SU_R_free                        ? 
_refine.pdbx_overall_ESU_R                       0.0830 
_refine.pdbx_overall_ESU_R_Free                  0.0830 
_refine.overall_SU_ML                            0.0630 
_refine.overall_SU_B                             2.0210 
_refine.solvent_model_details                    MASK 
_refine.pdbx_solvent_vdw_probe_radii             1.2000 
_refine.pdbx_solvent_ion_probe_radii             0.8000 
_refine.pdbx_solvent_shrinkage_radii             0.8000 
_refine.ls_number_parameters                     ? 
_refine.ls_number_restraints                     ? 
_refine.pdbx_starting_model                      5T3P 
_refine.pdbx_method_to_determine_struct          'FOURIER SYNTHESIS' 
_refine.pdbx_stereochemistry_target_values       'MAXIMUM LIKELIHOOD' 
_refine.pdbx_stereochem_target_val_spec_case     ? 
_refine.overall_FOM_work_R_set                   ? 
_refine.B_iso_max                                119.060 
_refine.B_iso_min                                15.170 
_refine.pdbx_overall_phase_error                 ? 
_refine.occupancy_max                            ? 
_refine.occupancy_min                            ? 
_refine.pdbx_diffrn_id                           1 
_refine.pdbx_TLS_residual_ADP_flag               ? 
_refine.pdbx_ls_sigma_I                          ? 
_refine.pdbx_data_cutoff_high_rms_absF           ? 
_refine.ls_R_factor_R_free_error_details         ? 
# 
_refine_hist.cycle_id                         final 
_refine_hist.pdbx_refine_id                   'X-RAY DIFFRACTION' 
_refine_hist.d_res_high                       1.7400 
_refine_hist.d_res_low                        108.4400 
_refine_hist.pdbx_number_atoms_ligand         35 
_refine_hist.number_atoms_solvent             158 
_refine_hist.number_atoms_total               1660 
_refine_hist.pdbx_number_residues_total       186 
_refine_hist.pdbx_B_iso_mean_ligand           49.82 
_refine_hist.pdbx_B_iso_mean_solvent          47.62 
_refine_hist.pdbx_number_atoms_protein        1467 
_refine_hist.pdbx_number_atoms_nucleic_acid   0 
# 
loop_
_refine_ls_restr.pdbx_refine_id 
_refine_ls_restr.type 
_refine_ls_restr.number 
_refine_ls_restr.dev_ideal 
_refine_ls_restr.dev_ideal_target 
_refine_ls_restr.weight 
_refine_ls_restr.pdbx_restraint_function 
'X-RAY DIFFRACTION' r_bond_refined_d       1553 0.017  0.019  ? ? 
'X-RAY DIFFRACTION' r_bond_other_d         1465 0.002  0.020  ? ? 
'X-RAY DIFFRACTION' r_angle_refined_deg    2111 1.812  2.006  ? ? 
'X-RAY DIFFRACTION' r_angle_other_deg      3399 0.992  3.000  ? ? 
'X-RAY DIFFRACTION' r_dihedral_angle_1_deg 188  6.510  5.000  ? ? 
'X-RAY DIFFRACTION' r_dihedral_angle_2_deg 67   34.267 24.179 ? ? 
'X-RAY DIFFRACTION' r_dihedral_angle_3_deg 254  14.147 15.000 ? ? 
'X-RAY DIFFRACTION' r_dihedral_angle_4_deg 8    15.945 15.000 ? ? 
'X-RAY DIFFRACTION' r_chiral_restr         239  0.117  0.200  ? ? 
'X-RAY DIFFRACTION' r_gen_planes_refined   1782 0.008  0.021  ? ? 
'X-RAY DIFFRACTION' r_gen_planes_other     298  0.002  0.020  ? ? 
'X-RAY DIFFRACTION' r_mcbond_it            754  3.217  3.365  ? ? 
'X-RAY DIFFRACTION' r_mcbond_other         755  3.215  3.365  ? ? 
'X-RAY DIFFRACTION' r_mcangle_it           941  4.642  4.995  ? ? 
# 
_refine_ls_shell.d_res_high                       1.7400 
_refine_ls_shell.d_res_low                        1.7850 
_refine_ls_shell.pdbx_total_number_of_bins_used   20 
_refine_ls_shell.percent_reflns_obs               99.8200 
_refine_ls_shell.number_reflns_R_work             2696 
_refine_ls_shell.R_factor_all                     ? 
_refine_ls_shell.R_factor_R_work                  0.4110 
_refine_ls_shell.R_factor_R_free                  0.4230 
_refine_ls_shell.percent_reflns_R_free            ? 
_refine_ls_shell.number_reflns_R_free             123 
_refine_ls_shell.R_factor_R_free_error            ? 
_refine_ls_shell.number_reflns_all                2819 
_refine_ls_shell.number_reflns_obs                ? 
_refine_ls_shell.pdbx_refine_id                   'X-RAY DIFFRACTION' 
# 
_struct.entry_id                  5QHE 
_struct.title                     
;PanDDA analysis group deposition of models with modelled events (e.g. bound ligands) -- Crystal Structure of NUDT7 in complex with RK4-350
;
_struct.pdbx_model_details        ? 
_struct.pdbx_CASP_flag            ? 
_struct.pdbx_model_type_details   ? 
# 
_struct_keywords.entry_id        5QHE 
_struct_keywords.text            'PanDDA, SGC - Diamond I04-1 fragment screening, NUDIX domain, XChemExplorer, HYDROLASE' 
_struct_keywords.pdbx_keywords   HYDROLASE 
# 
loop_
_struct_asym.id 
_struct_asym.pdbx_blank_PDB_chainid_flag 
_struct_asym.pdbx_modified 
_struct_asym.entity_id 
_struct_asym.details 
A N N 1 ? 
B N N 2 ? 
C N N 2 ? 
D N N 3 ? 
E N N 3 ? 
F N N 4 ? 
G N N 5 ? 
# 
loop_
_struct_conf.conf_type_id 
_struct_conf.id 
_struct_conf.pdbx_PDB_helix_id 
_struct_conf.beg_label_comp_id 
_struct_conf.beg_label_asym_id 
_struct_conf.beg_label_seq_id 
_struct_conf.pdbx_beg_PDB_ins_code 
_struct_conf.end_label_comp_id 
_struct_conf.end_label_asym_id 
_struct_conf.end_label_seq_id 
_struct_conf.pdbx_end_PDB_ins_code 
_struct_conf.beg_auth_comp_id 
_struct_conf.beg_auth_asym_id 
_struct_conf.beg_auth_seq_id 
_struct_conf.end_auth_comp_id 
_struct_conf.end_auth_asym_id 
_struct_conf.end_auth_seq_id 
_struct_conf.pdbx_PDB_helix_class 
_struct_conf.details 
_struct_conf.pdbx_PDB_helix_length 
HELX_P HELX_P1 AA1 SER A 1   ? LYS A 12  ? SER A 15  LYS A 26  1 ? 12 
HELX_P HELX_P2 AA2 ASP A 71  ? GLY A 85  ? ASP A 85  GLY A 99  1 ? 15 
HELX_P HELX_P3 AA3 ARG A 87  ? HIS A 89  ? ARG A 101 HIS A 103 5 ? 3  
HELX_P HELX_P4 AA4 ALA A 137 ? HIS A 141 ? ALA A 151 HIS A 155 5 ? 5  
HELX_P HELX_P5 AA5 LYS A 176 ? GLU A 192 ? LYS A 190 GLU A 206 1 ? 17 
# 
_struct_conf_type.id          HELX_P 
_struct_conf_type.criteria    ? 
_struct_conf_type.reference   ? 
# 
loop_
_struct_conn.id 
_struct_conn.conn_type_id 
_struct_conn.pdbx_leaving_atom_flag 
_struct_conn.pdbx_PDB_id 
_struct_conn.ptnr1_label_asym_id 
_struct_conn.ptnr1_label_comp_id 
_struct_conn.ptnr1_label_seq_id 
_struct_conn.ptnr1_label_atom_id 
_struct_conn.pdbx_ptnr1_label_alt_id 
_struct_conn.pdbx_ptnr1_PDB_ins_code 
_struct_conn.pdbx_ptnr1_standard_comp_id 
_struct_conn.ptnr1_symmetry 
_struct_conn.ptnr2_label_asym_id 
_struct_conn.ptnr2_label_comp_id 
_struct_conn.ptnr2_label_seq_id 
_struct_conn.ptnr2_label_atom_id 
_struct_conn.pdbx_ptnr2_label_alt_id 
_struct_conn.pdbx_ptnr2_PDB_ins_code 
_struct_conn.ptnr1_auth_asym_id 
_struct_conn.ptnr1_auth_comp_id 
_struct_conn.ptnr1_auth_seq_id 
_struct_conn.ptnr2_auth_asym_id 
_struct_conn.ptnr2_auth_comp_id 
_struct_conn.ptnr2_auth_seq_id 
_struct_conn.ptnr2_symmetry 
_struct_conn.pdbx_ptnr3_label_atom_id 
_struct_conn.pdbx_ptnr3_label_seq_id 
_struct_conn.pdbx_ptnr3_label_comp_id 
_struct_conn.pdbx_ptnr3_label_asym_id 
_struct_conn.pdbx_ptnr3_label_alt_id 
_struct_conn.pdbx_ptnr3_PDB_ins_code 
_struct_conn.details 
_struct_conn.pdbx_dist_value 
_struct_conn.pdbx_value_order 
_struct_conn.pdbx_role 
covale1 covale both ? A ARG 87 C ? ? ? 1_555 A HYP 88 N ? ? A ARG 101 A HYP 102 1_555 ? ? ? ? ? ? ? 1.334 ? ? 
covale2 covale both ? A HYP 88 C ? ? ? 1_555 A HIS 89 N ? ? A HYP 102 A HIS 103 1_555 ? ? ? ? ? ? ? 1.333 ? ? 
covale3 covale both ? A VAL 94 C ? ? ? 1_555 A CSO 95 N ? ? A VAL 108 A CSO 109 1_555 ? ? ? ? ? ? ? 1.326 ? ? 
covale4 covale both ? A CSO 95 C ? ? ? 1_555 A CYS 96 N ? ? A CSO 109 A CYS 110 1_555 ? ? ? ? ? ? ? 1.324 ? ? 
# 
_struct_conn_type.id          covale 
_struct_conn_type.criteria    ? 
_struct_conn_type.reference   ? 
# 
loop_
_struct_sheet.id 
_struct_sheet.type 
_struct_sheet.number_strands 
_struct_sheet.details 
AA1 ? 4 ? 
AA2 ? 4 ? 
AA3 ? 3 ? 
AA4 ? 3 ? 
# 
loop_
_struct_sheet_order.sheet_id 
_struct_sheet_order.range_id_1 
_struct_sheet_order.range_id_2 
_struct_sheet_order.offset 
_struct_sheet_order.sense 
AA1 1 2 ? anti-parallel 
AA1 2 3 ? parallel      
AA1 3 4 ? anti-parallel 
AA2 1 2 ? anti-parallel 
AA2 2 3 ? parallel      
AA2 3 4 ? anti-parallel 
AA3 1 2 ? anti-parallel 
AA3 2 3 ? anti-parallel 
AA4 1 2 ? anti-parallel 
AA4 2 3 ? anti-parallel 
# 
loop_
_struct_sheet_range.sheet_id 
_struct_sheet_range.id 
_struct_sheet_range.beg_label_comp_id 
_struct_sheet_range.beg_label_asym_id 
_struct_sheet_range.beg_label_seq_id 
_struct_sheet_range.pdbx_beg_PDB_ins_code 
_struct_sheet_range.end_label_comp_id 
_struct_sheet_range.end_label_asym_id 
_struct_sheet_range.end_label_seq_id 
_struct_sheet_range.pdbx_end_PDB_ins_code 
_struct_sheet_range.beg_auth_comp_id 
_struct_sheet_range.beg_auth_asym_id 
_struct_sheet_range.beg_auth_seq_id 
_struct_sheet_range.end_auth_comp_id 
_struct_sheet_range.end_auth_asym_id 
_struct_sheet_range.end_auth_seq_id 
AA1 1 VAL A 91  ? CYS A 96  ? VAL A 105 CYS A 110 
AA1 2 THR A 106 ? ILE A 115 ? THR A 120 ILE A 129 
AA1 3 ASN A 25  ? LYS A 36  ? ASN A 39  LYS A 50  
AA1 4 LYS A 39  ? ARG A 47  ? LYS A 53  ARG A 61  
AA2 1 CYS A 100 ? ILE A 102 ? CYS A 114 ILE A 116 
AA2 2 THR A 106 ? ILE A 115 ? THR A 120 ILE A 129 
AA2 3 ASN A 25  ? LYS A 36  ? ASN A 39  LYS A 50  
AA2 4 GLY A 62  ? LYS A 64  ? GLY A 76  LYS A 78  
AA3 1 VAL A 128 ? PRO A 135 ? VAL A 142 PRO A 149 
AA3 2 LYS A 39  ? ARG A 47  ? LYS A 53  ARG A 61  
AA3 3 VAL A 58  ? CYS A 59  ? VAL A 72  CYS A 73  
AA4 1 VAL A 144 ? ASP A 146 ? VAL A 158 ASP A 160 
AA4 2 HIS A 160 ? THR A 165 ? HIS A 174 THR A 179 
AA4 3 THR A 172 ? ILE A 175 ? THR A 186 ILE A 189 
# 
loop_
_pdbx_struct_sheet_hbond.sheet_id 
_pdbx_struct_sheet_hbond.range_id_1 
_pdbx_struct_sheet_hbond.range_id_2 
_pdbx_struct_sheet_hbond.range_1_label_atom_id 
_pdbx_struct_sheet_hbond.range_1_label_comp_id 
_pdbx_struct_sheet_hbond.range_1_label_asym_id 
_pdbx_struct_sheet_hbond.range_1_label_seq_id 
_pdbx_struct_sheet_hbond.range_1_PDB_ins_code 
_pdbx_struct_sheet_hbond.range_1_auth_atom_id 
_pdbx_struct_sheet_hbond.range_1_auth_comp_id 
_pdbx_struct_sheet_hbond.range_1_auth_asym_id 
_pdbx_struct_sheet_hbond.range_1_auth_seq_id 
_pdbx_struct_sheet_hbond.range_2_label_atom_id 
_pdbx_struct_sheet_hbond.range_2_label_comp_id 
_pdbx_struct_sheet_hbond.range_2_label_asym_id 
_pdbx_struct_sheet_hbond.range_2_label_seq_id 
_pdbx_struct_sheet_hbond.range_2_PDB_ins_code 
_pdbx_struct_sheet_hbond.range_2_auth_atom_id 
_pdbx_struct_sheet_hbond.range_2_auth_comp_id 
_pdbx_struct_sheet_hbond.range_2_auth_asym_id 
_pdbx_struct_sheet_hbond.range_2_auth_seq_id 
AA1 1 2 N GLU A 92  ? N GLU A 106 O LEU A 114 ? O LEU A 128 
AA1 2 3 O GLY A 113 ? O GLY A 127 N LEU A 33  ? N LEU A 47  
AA1 3 4 N LYS A 36  ? N LYS A 50  O LYS A 39  ? O LYS A 53  
AA2 1 2 N CYS A 100 ? N CYS A 114 O ILE A 108 ? O ILE A 122 
AA2 2 3 O GLY A 113 ? O GLY A 127 N LEU A 33  ? N LEU A 47  
AA2 3 4 N SER A 28  ? N SER A 42  O GLY A 63  ? O GLY A 77  
AA3 1 2 O PHE A 132 ? O PHE A 146 N PHE A 44  ? N PHE A 58  
AA3 2 3 N THR A 45  ? N THR A 59  O CYS A 59  ? O CYS A 73  
AA4 1 2 N HIS A 145 ? N HIS A 159 O ILE A 161 ? O ILE A 175 
AA4 2 3 N TYR A 164 ? N TYR A 178 O TYR A 173 ? O TYR A 187 
# 
loop_
_struct_site.id 
_struct_site.pdbx_evidence_code 
_struct_site.pdbx_auth_asym_id 
_struct_site.pdbx_auth_comp_id 
_struct_site.pdbx_auth_seq_id 
_struct_site.pdbx_auth_ins_code 
_struct_site.pdbx_num_residues 
_struct_site.details 
AC1 Software A ACT 301 ? 4 'binding site for residue ACT A 301' 
AC2 Software A ACT 302 ? 2 'binding site for residue ACT A 302' 
AC3 Software A DMS 303 ? 6 'binding site for residue DMS A 303' 
AC4 Software A DMS 304 ? 4 'binding site for residue DMS A 304' 
AC5 Software A H1P 305 ? 8 'binding site for residue H1P A 305' 
# 
loop_
_struct_site_gen.id 
_struct_site_gen.site_id 
_struct_site_gen.pdbx_num_res 
_struct_site_gen.label_comp_id 
_struct_site_gen.label_asym_id 
_struct_site_gen.label_seq_id 
_struct_site_gen.pdbx_auth_ins_code 
_struct_site_gen.auth_comp_id 
_struct_site_gen.auth_asym_id 
_struct_site_gen.auth_seq_id 
_struct_site_gen.label_atom_id 
_struct_site_gen.label_alt_id 
_struct_site_gen.symmetry 
_struct_site_gen.details 
1  AC1 4 GLY A 56  ? GLY A 70  . ? 1_555 ? 
2  AC1 4 VAL A 58  ? VAL A 72  . ? 1_555 ? 
3  AC1 4 TYR A 173 ? TYR A 187 . ? 1_555 ? 
4  AC1 4 GLN A 174 ? GLN A 188 . ? 1_555 ? 
5  AC2 2 HYP A 88  ? HYP A 102 . ? 1_555 ? 
6  AC2 2 VAL A 91  ? VAL A 105 . ? 1_555 ? 
7  AC3 6 GLY A 85  ? GLY A 99  . ? 1_555 ? 
8  AC3 6 ARG A 87  ? ARG A 101 . ? 1_555 ? 
9  AC3 6 GLN A 90  ? GLN A 104 . ? 1_555 ? 
10 AC3 6 PHE A 119 ? PHE A 133 . ? 1_555 ? 
11 AC3 6 GLN A 120 ? GLN A 134 . ? 1_555 ? 
12 AC3 6 GLN A 122 ? GLN A 136 . ? 1_555 ? 
13 AC4 4 ASP A 116 ? ASP A 130 . ? 1_555 ? 
14 AC4 4 HIS A 117 ? HIS A 131 . ? 1_555 ? 
15 AC4 4 ASP A 130 ? ASP A 144 . ? 2_545 ? 
16 AC4 4 HOH G .   ? HOH A 444 . ? 2_545 ? 
17 AC5 8 TYR A 27  ? TYR A 41  . ? 1_555 ? 
18 AC5 8 VAL A 29  ? VAL A 43  . ? 1_555 ? 
19 AC5 8 ARG A 53  ? ARG A 67  . ? 1_555 ? 
20 AC5 8 PHE A 60  ? PHE A 74  . ? 1_555 ? 
21 AC5 8 GLY A 62  ? GLY A 76  . ? 1_555 ? 
22 AC5 8 ILE A 102 ? ILE A 116 . ? 1_555 ? 
23 AC5 8 ILE A 108 ? ILE A 122 . ? 1_555 ? 
24 AC5 8 MET A 178 ? MET A 192 . ? 1_555 ? 
# 
_atom_sites.entry_id                    5QHE 
_atom_sites.fract_transf_matrix[1][1]   0.00624141 
_atom_sites.fract_transf_matrix[1][2]   0.00666457 
_atom_sites.fract_transf_matrix[1][3]   0.00129068 
_atom_sites.fract_transf_matrix[2][1]   0.00895626 
_atom_sites.fract_transf_matrix[2][2]   -0.00211829 
_atom_sites.fract_transf_matrix[2][3]   0.00057015 
_atom_sites.fract_transf_matrix[3][1]   0.00214998 
_atom_sites.fract_transf_matrix[3][2]   0.00263279 
_atom_sites.fract_transf_matrix[3][3]   -0.02399140 
_atom_sites.fract_transf_vector[1]      0.135755 
_atom_sites.fract_transf_vector[2]      -0.434492 
_atom_sites.fract_transf_vector[3]      1.978919 
# 
loop_
_atom_type.symbol 
C 
F 
N 
O 
S 
# 
loop_
_atom_site.group_PDB 
_atom_site.id 
_atom_site.type_symbol 
_atom_site.label_atom_id 
_atom_site.label_alt_id 
_atom_site.label_comp_id 
_atom_site.label_asym_id 
_atom_site.label_entity_id 
_atom_site.label_seq_id 
_atom_site.pdbx_PDB_ins_code 
_atom_site.Cartn_x 
_atom_site.Cartn_y 
_atom_site.Cartn_z 
_atom_site.occupancy 
_atom_site.B_iso_or_equiv 
_atom_site.pdbx_formal_charge 
_atom_site.auth_seq_id 
_atom_site.auth_comp_id 
_atom_site.auth_asym_id 
_atom_site.auth_atom_id 
_atom_site.pdbx_PDB_model_num 
ATOM   1    N N   . SER A 1 1   ? -7.193  19.059  -10.920 1.00 55.26  ? 15  SER A N   1 
ATOM   2    C CA  . SER A 1 1   ? -5.728  18.842  -10.721 1.00 50.01  ? 15  SER A CA  1 
ATOM   3    C C   . SER A 1 1   ? -5.418  17.330  -10.677 1.00 49.41  ? 15  SER A C   1 
ATOM   4    O O   . SER A 1 1   ? -6.360  16.495  -10.683 1.00 51.32  ? 15  SER A O   1 
ATOM   5    C CB  . SER A 1 1   ? -5.240  19.583  -9.452  1.00 51.58  ? 15  SER A CB  1 
ATOM   6    O OG  . SER A 1 1   ? -5.733  19.013  -8.228  1.00 44.27  ? 15  SER A OG  1 
ATOM   7    N N   . MET A 1 2   ? -4.124  16.996  -10.708 1.00 45.28  ? 16  MET A N   1 
ATOM   8    C CA  . MET A 1 2   ? -3.642  15.600  -10.647 1.00 49.07  ? 16  MET A CA  1 
ATOM   9    C C   . MET A 1 2   ? -4.144  14.907  -9.371  1.00 53.05  ? 16  MET A C   1 
ATOM   10   O O   . MET A 1 2   ? -4.585  13.740  -9.417  1.00 44.46  ? 16  MET A O   1 
ATOM   11   C CB  . MET A 1 2   ? -2.100  15.504  -10.709 1.00 47.79  ? 16  MET A CB  1 
ATOM   12   C CG  . MET A 1 2   ? -1.499  14.172  -10.238 1.00 49.49  ? 16  MET A CG  1 
ATOM   13   S SD  . MET A 1 2   ? 0.250   13.956  -10.715 1.00 54.92  ? 16  MET A SD  1 
ATOM   14   C CE  . MET A 1 2   ? 1.108   14.848  -9.451  1.00 45.81  ? 16  MET A CE  1 
ATOM   15   N N   . LEU A 1 3   ? -4.076  15.613  -8.246  1.00 49.64  ? 17  LEU A N   1 
ATOM   16   C CA  . LEU A 1 3   ? -4.430  14.980  -6.971  1.00 49.50  ? 17  LEU A CA  1 
ATOM   17   C C   . LEU A 1 3   ? -5.945  14.888  -6.801  1.00 51.24  ? 17  LEU A C   1 
ATOM   18   O O   . LEU A 1 3   ? -6.458  13.884  -6.273  1.00 52.45  ? 17  LEU A O   1 
ATOM   19   C CB  . LEU A 1 3   ? -3.797  15.710  -5.800  1.00 47.89  ? 17  LEU A CB  1 
ATOM   20   C CG  . LEU A 1 3   ? -2.364  15.256  -5.516  1.00 54.16  ? 17  LEU A CG  1 
ATOM   21   C CD1 . LEU A 1 3   ? -1.620  16.368  -4.761  1.00 47.71  ? 17  LEU A CD1 1 
ATOM   22   C CD2 . LEU A 1 3   ? -2.379  13.939  -4.723  1.00 56.42  ? 17  LEU A CD2 1 
ATOM   23   N N   . ASP A 1 4   ? -6.649  15.913  -7.282  1.00 49.73  ? 18  ASP A N   1 
ATOM   24   C CA  . ASP A 1 4   ? -8.099  15.933  -7.225  1.00 51.34  ? 18  ASP A CA  1 
ATOM   25   C C   . ASP A 1 4   ? -8.715  14.881  -8.169  1.00 48.07  ? 18  ASP A C   1 
ATOM   26   O O   . ASP A 1 4   ? -9.743  14.305  -7.858  1.00 41.50  ? 18  ASP A O   1 
ATOM   27   C CB  . ASP A 1 4   ? -8.652  17.334  -7.534  1.00 53.46  ? 18  ASP A CB  1 
ATOM   28   C CG  . ASP A 1 4   ? -8.489  18.320  -6.339  1.00 63.14  ? 18  ASP A CG  1 
ATOM   29   O OD1 . ASP A 1 4   ? -7.889  17.963  -5.288  1.00 60.68  ? 18  ASP A OD1 1 
ATOM   30   O OD2 . ASP A 1 4   ? -8.984  19.459  -6.460  1.00 68.31  ? 18  ASP A OD2 1 
ATOM   31   N N   . ASP A 1 5   ? -8.078  14.690  -9.315  1.00 40.77  ? 19  ASP A N   1 
ATOM   32   C CA  . ASP A 1 5   ? -8.450  13.690  -10.271 1.00 44.65  ? 19  ASP A CA  1 
ATOM   33   C C   . ASP A 1 5   ? -8.236  12.262  -9.668  1.00 36.52  ? 19  ASP A C   1 
ATOM   34   O O   . ASP A 1 5   ? -9.102  11.393  -9.843  1.00 37.07  ? 19  ASP A O   1 
ATOM   35   C CB  . ASP A 1 5   ? -7.632  13.863  -11.567 1.00 48.48  ? 19  ASP A CB  1 
ATOM   36   C CG  . ASP A 1 5   ? -8.119  15.047  -12.459 1.00 57.71  ? 19  ASP A CG  1 
ATOM   37   O OD1 . ASP A 1 5   ? -9.207  15.637  -12.225 1.00 60.55  ? 19  ASP A OD1 1 
ATOM   38   O OD2 . ASP A 1 5   ? -7.376  15.386  -13.413 1.00 66.88  ? 19  ASP A OD2 1 
ATOM   39   N N   . ALA A 1 6   ? -7.131  12.056  -8.967  1.00 33.01  ? 20  ALA A N   1 
ATOM   40   C CA  . ALA A 1 6   ? -6.860  10.727  -8.343  1.00 35.27  ? 20  ALA A CA  1 
ATOM   41   C C   . ALA A 1 6   ? -7.892  10.356  -7.267  1.00 34.61  ? 20  ALA A C   1 
ATOM   42   O O   . ALA A 1 6   ? -8.483  9.244   -7.291  1.00 29.23  ? 20  ALA A O   1 
ATOM   43   C CB  . ALA A 1 6   ? -5.461  10.633  -7.808  1.00 36.45  ? 20  ALA A CB  1 
ATOM   44   N N   . LYS A 1 7   ? -8.178  11.302  -6.360  1.00 30.19  ? 21  LYS A N   1 
ATOM   45   C CA  . LYS A 1 7   ? -9.173  11.075  -5.327  1.00 33.69  ? 21  LYS A CA  1 
ATOM   46   C C   . LYS A 1 7   ? -10.595 10.839  -5.928  1.00 31.40  ? 21  LYS A C   1 
ATOM   47   O O   . LYS A 1 7   ? -11.334 9.941   -5.477  1.00 31.18  ? 21  LYS A O   1 
ATOM   48   C CB  . LYS A 1 7   ? -9.284  12.271  -4.386  1.00 35.79  ? 21  LYS A CB  1 
ATOM   49   C CG  . LYS A 1 7   ? -8.031  12.666  -3.701  1.00 42.56  ? 21  LYS A CG  1 
ATOM   50   C CD  . LYS A 1 7   ? -8.322  13.858  -2.771  1.00 52.32  ? 21  LYS A CD  1 
ATOM   51   C CE  . LYS A 1 7   ? -7.366  15.038  -2.929  1.00 54.00  ? 21  LYS A CE  1 
ATOM   52   N NZ  . LYS A 1 7   ? -7.318  15.800  -1.643  1.00 56.80  ? 21  LYS A NZ  1 
ATOM   53   N N   . ALA A 1 8   ? -10.946 11.602  -6.957  1.00 31.72  ? 22  ALA A N   1 
ATOM   54   C CA  . ALA A 1 8   ? -12.244 11.433  -7.600  1.00 32.71  ? 22  ALA A CA  1 
ATOM   55   C C   . ALA A 1 8   ? -12.383 10.008  -8.244  1.00 30.56  ? 22  ALA A C   1 
ATOM   56   O O   . ALA A 1 8   ? -13.430 9.353   -8.116  1.00 33.10  ? 22  ALA A O   1 
ATOM   57   C CB  . ALA A 1 8   ? -12.529 12.541  -8.613  1.00 35.35  ? 22  ALA A CB  1 
ATOM   58   N N   . ARG A 1 9   ? -11.304 9.531   -8.856  1.00 27.13  ? 23  ARG A N   1 
ATOM   59   C CA  . ARG A 1 9   ? -11.287 8.184   -9.431  1.00 27.92  ? 23  ARG A CA  1 
ATOM   60   C C   . ARG A 1 9   ? -11.408 7.123   -8.328  1.00 28.16  ? 23  ARG A C   1 
ATOM   61   O O   . ARG A 1 9   ? -12.162 6.165   -8.460  1.00 27.21  ? 23  ARG A O   1 
ATOM   62   C CB  . ARG A 1 9   ? -9.985  7.918   -10.200 1.00 30.96  ? 23  ARG A CB  1 
ATOM   63   C CG  . ARG A 1 9   ? -9.816  8.599   -11.559 1.00 35.32  ? 23  ARG A CG  1 
ATOM   64   C CD  . ARG A 1 9   ? -10.729 8.007   -12.600 1.00 39.75  ? 23  ARG A CD  1 
ATOM   65   N NE  . ARG A 1 9   ? -10.426 8.533   -13.960 1.00 42.78  ? 23  ARG A NE  1 
ATOM   66   C CZ  . ARG A 1 9   ? -9.477  8.072   -14.799 1.00 44.34  ? 23  ARG A CZ  1 
ATOM   67   N NH1 . ARG A 1 9   ? -8.703  7.028   -14.494 1.00 32.60  ? 23  ARG A NH1 1 
ATOM   68   N NH2 . ARG A 1 9   ? -9.350  8.628   -16.026 1.00 44.22  ? 23  ARG A NH2 1 
ATOM   69   N N   . LEU A 1 10  ? -10.588 7.263   -7.287  1.00 23.79  ? 24  LEU A N   1 
ATOM   70   C CA  . LEU A 1 10  ? -10.558 6.314   -6.189  1.00 26.31  ? 24  LEU A CA  1 
ATOM   71   C C   . LEU A 1 10  ? -11.903 6.162   -5.489  1.00 27.94  ? 24  LEU A C   1 
ATOM   72   O O   . LEU A 1 10  ? -12.281 5.028   -5.136  1.00 29.14  ? 24  LEU A O   1 
ATOM   73   C CB  . LEU A 1 10  ? -9.473  6.688   -5.191  1.00 27.59  ? 24  LEU A CB  1 
ATOM   74   C CG  . LEU A 1 10  ? -8.017  6.442   -5.611  1.00 27.69  ? 24  LEU A CG  1 
ATOM   75   C CD1 . LEU A 1 10  ? -7.079  7.284   -4.728  1.00 29.23  ? 24  LEU A CD1 1 
ATOM   76   C CD2 . LEU A 1 10  ? -7.592  5.002   -5.578  1.00 28.64  ? 24  LEU A CD2 1 
ATOM   77   N N   . ARG A 1 11  ? -12.621 7.270   -5.325  1.00 27.66  ? 25  ARG A N   1 
ATOM   78   C CA  . ARG A 1 11  ? -13.906 7.263   -4.613  1.00 31.86  ? 25  ARG A CA  1 
ATOM   79   C C   . ARG A 1 11  ? -14.950 6.359   -5.298  1.00 33.39  ? 25  ARG A C   1 
ATOM   80   O O   . ARG A 1 11  ? -15.802 5.791   -4.621  1.00 32.22  ? 25  ARG A O   1 
ATOM   81   C CB  . ARG A 1 11  ? -14.444 8.678   -4.407  1.00 36.74  ? 25  ARG A CB  1 
ATOM   82   C CG  . ARG A 1 11  ? -13.662 9.426   -3.319  1.00 42.49  ? 25  ARG A CG  1 
ATOM   83   C CD  . ARG A 1 11  ? -14.147 10.859  -3.142  1.00 49.87  ? 25  ARG A CD  1 
ATOM   84   N NE  . ARG A 1 11  ? -13.169 11.657  -2.389  1.00 55.01  ? 25  ARG A NE  1 
ATOM   85   C CZ  . ARG A 1 11  ? -12.631 12.827  -2.775  1.00 64.61  ? 25  ARG A CZ  1 
ATOM   86   N NH1 . ARG A 1 11  ? -12.973 13.423  -3.943  1.00 62.32  ? 25  ARG A NH1 1 
ATOM   87   N NH2 . ARG A 1 11  ? -11.732 13.420  -1.969  1.00 61.13  ? 25  ARG A NH2 1 
ATOM   88   N N   . LYS A 1 12  ? -14.850 6.206   -6.609  1.00 32.00  ? 26  LYS A N   1 
ATOM   89   C CA  . LYS A 1 12  ? -15.765 5.349   -7.344  1.00 34.65  ? 26  LYS A CA  1 
ATOM   90   C C   . LYS A 1 12  ? -15.637 3.850   -7.019  1.00 35.96  ? 26  LYS A C   1 
ATOM   91   O O   . LYS A 1 12  ? -16.533 3.063   -7.359  1.00 34.33  ? 26  LYS A O   1 
ATOM   92   C CB  . LYS A 1 12  ? -15.607 5.599   -8.852  1.00 40.81  ? 26  LYS A CB  1 
ATOM   93   C CG  . LYS A 1 12  ? -15.952 7.041   -9.265  1.00 45.20  ? 26  LYS A CG  1 
ATOM   94   C CD  . LYS A 1 12  ? -16.216 7.157   -10.766 1.00 54.85  ? 26  LYS A CD  1 
ATOM   95   C CE  . LYS A 1 12  ? -16.067 8.571   -11.320 1.00 62.91  ? 26  LYS A CE  1 
ATOM   96   N NZ  . LYS A 1 12  ? -16.609 9.635   -10.429 1.00 68.27  ? 26  LYS A NZ  1 
ATOM   97   N N   . TYR A 1 13  ? -14.519 3.439   -6.398  1.00 28.98  ? 27  TYR A N   1 
ATOM   98   C CA  . TYR A 1 13  ? -14.244 2.081   -6.076  1.00 27.22  ? 27  TYR A CA  1 
ATOM   99   C C   . TYR A 1 13  ? -14.351 1.804   -4.567  1.00 25.34  ? 27  TYR A C   1 
ATOM   100  O O   . TYR A 1 13  ? -14.026 0.712   -4.146  1.00 28.52  ? 27  TYR A O   1 
ATOM   101  C CB  . TYR A 1 13  ? -12.862 1.691   -6.609  1.00 26.22  ? 27  TYR A CB  1 
ATOM   102  C CG  . TYR A 1 13  ? -12.776 1.774   -8.119  1.00 27.09  ? 27  TYR A CG  1 
ATOM   103  C CD1 . TYR A 1 13  ? -12.465 2.989   -8.733  1.00 27.47  ? 27  TYR A CD1 1 
ATOM   104  C CD2 . TYR A 1 13  ? -13.034 0.678   -8.922  1.00 29.06  ? 27  TYR A CD2 1 
ATOM   105  C CE1 . TYR A 1 13  ? -12.390 3.105   -10.099 1.00 29.62  ? 27  TYR A CE1 1 
ATOM   106  C CE2 . TYR A 1 13  ? -12.962 0.786   -10.332 1.00 31.56  ? 27  TYR A CE2 1 
ATOM   107  C CZ  . TYR A 1 13  ? -12.644 2.023   -10.896 1.00 32.64  ? 27  TYR A CZ  1 
ATOM   108  O OH  . TYR A 1 13  ? -12.544 2.221   -12.265 1.00 36.16  ? 27  TYR A OH  1 
ATOM   109  N N   . ASP A 1 14  ? -14.751 2.800   -3.791  1.00 27.76  ? 28  ASP A N   1 
ATOM   110  C CA  . ASP A 1 14  ? -14.792 2.711   -2.322  1.00 28.91  ? 28  ASP A CA  1 
ATOM   111  C C   . ASP A 1 14  ? -15.905 1.721   -1.978  1.00 36.37  ? 28  ASP A C   1 
ATOM   112  O O   . ASP A 1 14  ? -17.017 1.846   -2.458  1.00 37.45  ? 28  ASP A O   1 
ATOM   113  C CB  . ASP A 1 14  ? -15.083 4.083   -1.763  1.00 30.72  ? 28  ASP A CB  1 
ATOM   114  C CG  . ASP A 1 14  ? -14.933 4.204   -0.238  1.00 36.24  ? 28  ASP A CG  1 
ATOM   115  O OD1 . ASP A 1 14  ? -14.351 3.358   0.442   1.00 32.44  ? 28  ASP A OD1 1 
ATOM   116  O OD2 . ASP A 1 14  ? -15.321 5.285   0.247   1.00 45.59  ? 28  ASP A OD2 1 
ATOM   117  N N   . ILE A 1 15  ? -15.561 0.672   -1.269  1.00 33.84  ? 29  ILE A N   1 
ATOM   118  C CA  . ILE A 1 15  ? -16.618 -0.195  -0.721  1.00 43.38  ? 29  ILE A CA  1 
ATOM   119  C C   . ILE A 1 15  ? -17.077 0.288   0.660   1.00 42.00  ? 29  ILE A C   1 
ATOM   120  O O   . ILE A 1 15  ? -18.065 -0.198  1.162   1.00 45.77  ? 29  ILE A O   1 
ATOM   121  C CB  . ILE A 1 15  ? -16.185 -1.660  -0.716  1.00 47.95  ? 29  ILE A CB  1 
ATOM   122  C CG1 . ILE A 1 15  ? -15.175 -1.963  0.373   1.00 49.50  ? 29  ILE A CG1 1 
ATOM   123  C CG2 . ILE A 1 15  ? -15.615 -2.061  -2.093  1.00 53.46  ? 29  ILE A CG2 1 
ATOM   124  C CD1 . ILE A 1 15  ? -15.353 -3.373  0.897   1.00 56.91  ? 29  ILE A CD1 1 
ATOM   125  N N   . GLY A 1 16  ? -16.322 1.214   1.281   1.00 45.10  ? 30  GLY A N   1 
ATOM   126  C CA  . GLY A 1 16  ? -16.579 1.660   2.669   1.00 44.79  ? 30  GLY A CA  1 
ATOM   127  C C   . GLY A 1 16  ? -16.506 0.529   3.705   1.00 45.42  ? 30  GLY A C   1 
ATOM   128  O O   . GLY A 1 16  ? -15.622 -0.324  3.641   1.00 43.56  ? 30  GLY A O   1 
ATOM   129  N N   . GLY A 1 17  ? -17.465 0.505   4.641   1.00 47.86  ? 31  GLY A N   1 
ATOM   130  C CA  . GLY A 1 17  ? -17.463 -0.472  5.750   1.00 42.87  ? 31  GLY A CA  1 
ATOM   131  C C   . GLY A 1 17  ? -18.298 -1.728  5.537   1.00 39.86  ? 31  GLY A C   1 
ATOM   132  O O   . GLY A 1 17  ? -18.540 -2.478  6.473   1.00 35.24  ? 31  GLY A O   1 
ATOM   133  N N   . LYS A 1 18  ? -18.689 -1.967  4.289   1.00 47.14  ? 32  LYS A N   1 
ATOM   134  C CA  . LYS A 1 18  ? -19.601 -3.043  3.914   1.00 42.74  ? 32  LYS A CA  1 
ATOM   135  C C   . LYS A 1 18  ? -19.174 -4.426  4.483   1.00 38.68  ? 32  LYS A C   1 
ATOM   136  O O   . LYS A 1 18  ? -19.986 -5.104  5.081   1.00 41.70  ? 32  LYS A O   1 
ATOM   137  C CB  . LYS A 1 18  ? -19.762 -2.987  2.359   1.00 43.63  ? 32  LYS A CB  1 
ATOM   138  C CG  . LYS A 1 18  ? -20.881 -3.803  1.769   1.00 49.20  ? 32  LYS A CG  1 
ATOM   139  C CD  . LYS A 1 18  ? -21.164 -3.470  0.314   1.00 48.06  ? 32  LYS A CD  1 
ATOM   140  C CE  . LYS A 1 18  ? -22.044 -2.242  0.192   1.00 53.43  ? 32  LYS A CE  1 
ATOM   141  N NZ  . LYS A 1 18  ? -22.452 -2.042  -1.219  1.00 56.99  ? 32  LYS A NZ  1 
ATOM   142  N N   . TYR A 1 19  ? -17.883 -4.773  4.398   1.00 33.57  ? 33  TYR A N   1 
ATOM   143  C CA  . TYR A 1 19  ? -17.319 -6.047  4.878   1.00 30.76  ? 33  TYR A CA  1 
ATOM   144  C C   . TYR A 1 19  ? -16.602 -5.999  6.261   1.00 31.63  ? 33  TYR A C   1 
ATOM   145  O O   . TYR A 1 19  ? -16.096 -7.028  6.759   1.00 32.26  ? 33  TYR A O   1 
ATOM   146  C CB  . TYR A 1 19  ? -16.335 -6.562  3.816   1.00 30.00  ? 33  TYR A CB  1 
ATOM   147  C CG  . TYR A 1 19  ? -17.057 -7.078  2.568   1.00 29.60  ? 33  TYR A CG  1 
ATOM   148  C CD1 . TYR A 1 19  ? -17.678 -6.213  1.668   1.00 30.67  ? 33  TYR A CD1 1 
ATOM   149  C CD2 . TYR A 1 19  ? -17.162 -8.426  2.342   1.00 28.56  ? 33  TYR A CD2 1 
ATOM   150  C CE1 . TYR A 1 19  ? -18.399 -6.696  0.547   1.00 31.39  ? 33  TYR A CE1 1 
ATOM   151  C CE2 . TYR A 1 19  ? -17.788 -8.922  1.202   1.00 28.77  ? 33  TYR A CE2 1 
ATOM   152  C CZ  . TYR A 1 19  ? -18.432 -8.076  0.332   1.00 28.58  ? 33  TYR A CZ  1 
ATOM   153  O OH  . TYR A 1 19  ? -19.059 -8.557  -0.788  1.00 27.91  ? 33  TYR A OH  1 
ATOM   154  N N   . SER A 1 20  ? -16.659 -4.832  6.900   1.00 31.30  ? 34  SER A N   1 
ATOM   155  C CA  . SER A 1 20  ? -15.796 -4.583  8.064   1.00 30.99  ? 34  SER A CA  1 
ATOM   156  C C   . SER A 1 20  ? -16.272 -5.251  9.403   1.00 31.22  ? 34  SER A C   1 
ATOM   157  O O   . SER A 1 20  ? -15.441 -5.379  10.327  1.00 32.37  ? 34  SER A O   1 
ATOM   158  C CB  . SER A 1 20  ? -15.710 -3.066  8.250   1.00 34.22  ? 34  SER A CB  1 
ATOM   159  O OG  . SER A 1 20  ? -16.971 -2.544  8.710   1.00 39.29  ? 34  SER A OG  1 
ATOM   160  N N   A HIS A 1 21  ? -17.533 -5.652  9.536   0.35 23.61  ? 35  HIS A N   1 
ATOM   161  N N   B HIS A 1 21  ? -17.545 -5.624  9.512   0.15 27.03  ? 35  HIS A N   1 
ATOM   162  C CA  A HIS A 1 21  ? -17.988 -6.295  10.802  0.35 24.98  ? 35  HIS A CA  1 
ATOM   163  C CA  B HIS A 1 21  ? -18.055 -6.245  10.745  0.15 27.08  ? 35  HIS A CA  1 
ATOM   164  C C   A HIS A 1 21  ? -17.898 -7.820  10.775  0.35 25.39  ? 35  HIS A C   1 
ATOM   165  C C   B HIS A 1 21  ? -18.084 -7.778  10.708  0.15 26.85  ? 35  HIS A C   1 
ATOM   166  O O   A HIS A 1 21  ? -18.013 -8.480  11.819  0.35 20.52  ? 35  HIS A O   1 
ATOM   167  O O   B HIS A 1 21  ? -18.500 -8.387  11.691  0.15 24.82  ? 35  HIS A O   1 
ATOM   168  C CB  A HIS A 1 21  ? -19.428 -5.958  11.130  0.35 26.73  ? 35  HIS A CB  1 
ATOM   169  C CB  B HIS A 1 21  ? -19.449 -5.711  11.089  0.15 27.71  ? 35  HIS A CB  1 
ATOM   170  C CG  A HIS A 1 21  ? -20.386 -6.812  10.379  0.35 28.51  ? 35  HIS A CG  1 
ATOM   171  C CG  B HIS A 1 21  ? -19.494 -4.230  11.324  0.15 27.95  ? 35  HIS A CG  1 
ATOM   172  N ND1 A HIS A 1 21  ? -20.791 -6.500  9.106   0.35 27.87  ? 35  HIS A ND1 1 
ATOM   173  N ND1 B HIS A 1 21  ? -18.391 -3.415  11.181  0.15 28.57  ? 35  HIS A ND1 1 
ATOM   174  C CD2 A HIS A 1 21  ? -20.934 -8.022  10.663  0.35 28.93  ? 35  HIS A CD2 1 
ATOM   175  C CD2 B HIS A 1 21  ? -20.524 -3.411  11.642  0.15 28.83  ? 35  HIS A CD2 1 
ATOM   176  C CE1 A HIS A 1 21  ? -21.575 -7.452  8.647   0.35 23.59  ? 35  HIS A CE1 1 
ATOM   177  C CE1 B HIS A 1 21  ? -18.734 -2.165  11.422  0.15 28.08  ? 35  HIS A CE1 1 
ATOM   178  N NE2 A HIS A 1 21  ? -21.679 -8.387  9.571   0.35 27.55  ? 35  HIS A NE2 1 
ATOM   179  N NE2 B HIS A 1 21  ? -20.025 -2.134  11.697  0.15 28.51  ? 35  HIS A NE2 1 
ATOM   180  N N   . LEU A 1 22  ? -17.662 -8.396  9.595   1.00 27.02  ? 36  LEU A N   1 
ATOM   181  C CA  . LEU A 1 22  ? -17.603 -9.857  9.494   1.00 28.15  ? 36  LEU A CA  1 
ATOM   182  C C   . LEU A 1 22  ? -16.588 -10.471 10.440  1.00 31.13  ? 36  LEU A C   1 
ATOM   183  O O   . LEU A 1 22  ? -15.502 -9.904  10.680  1.00 31.57  ? 36  LEU A O   1 
ATOM   184  C CB  . LEU A 1 22  ? -17.352 -10.303 8.045   1.00 29.64  ? 36  LEU A CB  1 
ATOM   185  C CG  . LEU A 1 22  ? -18.510 -9.975  7.091   1.00 28.53  ? 36  LEU A CG  1 
ATOM   186  C CD1 . LEU A 1 22  ? -18.069 -10.104 5.678   1.00 31.70  ? 36  LEU A CD1 1 
ATOM   187  C CD2 . LEU A 1 22  ? -19.693 -10.914 7.317   1.00 32.82  ? 36  LEU A CD2 1 
ATOM   188  N N   . PRO A 1 23  ? -16.894 -11.660 10.990  1.00 31.53  ? 37  PRO A N   1 
ATOM   189  C CA  . PRO A 1 23  ? -16.044 -12.200 12.096  1.00 30.07  ? 37  PRO A CA  1 
ATOM   190  C C   . PRO A 1 23  ? -14.742 -12.873 11.700  1.00 32.80  ? 37  PRO A C   1 
ATOM   191  O O   . PRO A 1 23  ? -14.486 -14.030 12.001  1.00 33.35  ? 37  PRO A O   1 
ATOM   192  C CB  . PRO A 1 23  ? -17.033 -13.195 12.794  1.00 35.15  ? 37  PRO A CB  1 
ATOM   193  C CG  . PRO A 1 23  ? -17.856 -13.707 11.639  1.00 32.40  ? 37  PRO A CG  1 
ATOM   194  C CD  . PRO A 1 23  ? -18.116 -12.484 10.785  1.00 33.82  ? 37  PRO A CD  1 
ATOM   195  N N   . TYR A 1 24  ? -13.851 -12.130 11.038  1.00 28.59  ? 38  TYR A N   1 
ATOM   196  C CA  . TYR A 1 24  ? -12.594 -12.657 10.641  1.00 24.63  ? 38  TYR A CA  1 
ATOM   197  C C   . TYR A 1 24  ? -11.423 -12.264 11.593  1.00 24.43  ? 38  TYR A C   1 
ATOM   198  O O   . TYR A 1 24  ? -11.583 -11.344 12.406  1.00 27.39  ? 38  TYR A O   1 
ATOM   199  C CB  . TYR A 1 24  ? -12.267 -12.022 9.266   1.00 27.23  ? 38  TYR A CB  1 
ATOM   200  C CG  . TYR A 1 24  ? -13.035 -12.679 8.134   1.00 25.86  ? 38  TYR A CG  1 
ATOM   201  C CD1 . TYR A 1 24  ? -12.603 -13.884 7.637   1.00 29.38  ? 38  TYR A CD1 1 
ATOM   202  C CD2 . TYR A 1 24  ? -14.113 -12.069 7.568   1.00 26.54  ? 38  TYR A CD2 1 
ATOM   203  C CE1 . TYR A 1 24  ? -13.273 -14.513 6.585   1.00 30.50  ? 38  TYR A CE1 1 
ATOM   204  C CE2 . TYR A 1 24  ? -14.807 -12.681 6.487   1.00 26.78  ? 38  TYR A CE2 1 
ATOM   205  C CZ  . TYR A 1 24  ? -14.386 -13.891 6.045   1.00 27.05  ? 38  TYR A CZ  1 
ATOM   206  O OH  . TYR A 1 24  ? -15.078 -14.511 4.985   1.00 30.37  ? 38  TYR A OH  1 
ATOM   207  N N   . ASN A 1 25  ? -10.292 -12.905 11.427  1.00 25.31  ? 39  ASN A N   1 
ATOM   208  C CA  . ASN A 1 25  ? -9.005  -12.342 11.922  1.00 29.04  ? 39  ASN A CA  1 
ATOM   209  C C   . ASN A 1 25  ? -8.720  -11.138 10.998  1.00 28.83  ? 39  ASN A C   1 
ATOM   210  O O   . ASN A 1 25  ? -8.623  -11.336 9.784   1.00 26.29  ? 39  ASN A O   1 
ATOM   211  C CB  . ASN A 1 25  ? -7.885  -13.340 11.842  1.00 31.64  ? 39  ASN A CB  1 
ATOM   212  C CG  . ASN A 1 25  ? -8.093  -14.527 12.785  1.00 39.49  ? 39  ASN A CG  1 
ATOM   213  O OD1 . ASN A 1 25  ? -8.364  -14.344 13.959  1.00 43.76  ? 39  ASN A OD1 1 
ATOM   214  N ND2 . ASN A 1 25  ? -8.043  -15.723 12.250  1.00 38.84  ? 39  ASN A ND2 1 
ATOM   215  N N   . LYS A 1 26  ? -8.605  -9.940  11.559  1.00 28.79  ? 40  LYS A N   1 
ATOM   216  C CA  . LYS A 1 26  ? -8.628  -8.694  10.729  1.00 25.14  ? 40  LYS A CA  1 
ATOM   217  C C   . LYS A 1 26  ? -7.244  -7.985  10.695  1.00 27.20  ? 40  LYS A C   1 
ATOM   218  O O   . LYS A 1 26  ? -6.587  -7.775  11.739  1.00 26.24  ? 40  LYS A O   1 
ATOM   219  C CB  . LYS A 1 26  ? -9.712  -7.793  11.197  1.00 27.31  ? 40  LYS A CB  1 
ATOM   220  C CG  . LYS A 1 26  ? -11.128 -8.342  10.917  1.00 29.89  ? 40  LYS A CG  1 
ATOM   221  C CD  . LYS A 1 26  ? -12.213 -7.561  11.579  1.00 30.82  ? 40  LYS A CD  1 
ATOM   222  C CE  . LYS A 1 26  ? -12.373 -6.120  11.063  1.00 32.06  ? 40  LYS A CE  1 
ATOM   223  N NZ  . LYS A 1 26  ? -12.375 -6.050  9.544   1.00 31.57  ? 40  LYS A NZ  1 
ATOM   224  N N   . TYR A 1 27  ? -6.804  -7.691  9.476   1.00 27.03  ? 41  TYR A N   1 
ATOM   225  C CA  . TYR A 1 27  ? -5.579  -6.896  9.179   1.00 25.11  ? 41  TYR A CA  1 
ATOM   226  C C   . TYR A 1 27  ? -5.930  -5.812  8.205   1.00 26.56  ? 41  TYR A C   1 
ATOM   227  O O   . TYR A 1 27  ? -6.849  -5.954  7.374   1.00 23.29  ? 41  TYR A O   1 
ATOM   228  C CB  . TYR A 1 27  ? -4.491  -7.759  8.560   1.00 24.69  ? 41  TYR A CB  1 
ATOM   229  C CG  . TYR A 1 27  ? -3.973  -8.889  9.388   1.00 28.12  ? 41  TYR A CG  1 
ATOM   230  C CD1 . TYR A 1 27  ? -4.768  -10.015 9.666   1.00 30.18  ? 41  TYR A CD1 1 
ATOM   231  C CD2 . TYR A 1 27  ? -2.691  -8.840  9.942   1.00 30.20  ? 41  TYR A CD2 1 
ATOM   232  C CE1 . TYR A 1 27  ? -4.268  -11.066 10.444  1.00 33.30  ? 41  TYR A CE1 1 
ATOM   233  C CE2 . TYR A 1 27  ? -2.197  -9.866  10.720  1.00 30.20  ? 41  TYR A CE2 1 
ATOM   234  C CZ  . TYR A 1 27  ? -2.983  -10.987 10.958  1.00 34.59  ? 41  TYR A CZ  1 
ATOM   235  O OH  . TYR A 1 27  ? -2.502  -12.035 11.744  1.00 39.89  ? 41  TYR A OH  1 
ATOM   236  N N   . SER A 1 28  ? -5.228  -4.651  8.311   1.00 23.62  ? 42  SER A N   1 
ATOM   237  C CA  . SER A 1 28  ? -5.378  -3.583  7.347   1.00 22.41  ? 42  SER A CA  1 
ATOM   238  C C   . SER A 1 28  ? -3.986  -3.219  6.764   1.00 22.90  ? 42  SER A C   1 
ATOM   239  O O   . SER A 1 28  ? -2.929  -3.447  7.403   1.00 22.89  ? 42  SER A O   1 
ATOM   240  C CB  . SER A 1 28  ? -5.991  -2.326  7.917   1.00 25.42  ? 42  SER A CB  1 
ATOM   241  O OG  . SER A 1 28  ? -7.321  -2.489  8.469   1.00 25.22  ? 42  SER A OG  1 
ATOM   242  N N   . VAL A 1 29  ? -4.015  -2.743  5.509   1.00 21.99  ? 43  VAL A N   1 
ATOM   243  C CA  . VAL A 1 29  ? -2.829  -2.178  4.845   1.00 23.12  ? 43  VAL A CA  1 
ATOM   244  C C   . VAL A 1 29  ? -3.162  -0.802  4.320   1.00 20.74  ? 43  VAL A C   1 
ATOM   245  O O   . VAL A 1 29  ? -4.323  -0.446  4.012   1.00 22.37  ? 43  VAL A O   1 
ATOM   246  C CB  . VAL A 1 29  ? -2.186  -3.038  3.752   1.00 25.52  ? 43  VAL A CB  1 
ATOM   247  C CG1 . VAL A 1 29  ? -1.671  -4.375  4.299   1.00 27.80  ? 43  VAL A CG1 1 
ATOM   248  C CG2 . VAL A 1 29  ? -3.117  -3.246  2.575   1.00 26.40  ? 43  VAL A CG2 1 
ATOM   249  N N   . LEU A 1 30  ? -2.104  0.052   4.323   1.00 22.16  ? 44  LEU A N   1 
ATOM   250  C CA  . LEU A 1 30  ? -2.184  1.365   3.752   1.00 21.99  ? 44  LEU A CA  1 
ATOM   251  C C   . LEU A 1 30  ? -1.418  1.426   2.448   1.00 21.08  ? 44  LEU A C   1 
ATOM   252  O O   . LEU A 1 30  ? -0.274  1.033   2.386   1.00 21.84  ? 44  LEU A O   1 
ATOM   253  C CB  . LEU A 1 30  ? -1.590  2.423   4.699   1.00 22.70  ? 44  LEU A CB  1 
ATOM   254  C CG  . LEU A 1 30  ? -1.659  3.864   4.188   1.00 21.82  ? 44  LEU A CG  1 
ATOM   255  C CD1 . LEU A 1 30  ? -3.068  4.398   4.175   1.00 25.10  ? 44  LEU A CD1 1 
ATOM   256  C CD2 . LEU A 1 30  ? -0.861  4.806   5.077   1.00 25.89  ? 44  LEU A CD2 1 
ATOM   257  N N   . LEU A 1 31  ? -2.090  1.850   1.388   1.00 20.80  ? 45  LEU A N   1 
ATOM   258  C CA  . LEU A 1 31  ? -1.476  2.022   0.071   1.00 23.02  ? 45  LEU A CA  1 
ATOM   259  C C   . LEU A 1 31  ? -1.144  3.549   -0.046  1.00 21.25  ? 45  LEU A C   1 
ATOM   260  O O   . LEU A 1 31  ? -2.043  4.348   -0.286  1.00 23.84  ? 45  LEU A O   1 
ATOM   261  C CB  . LEU A 1 31  ? -2.448  1.635   -1.034  1.00 25.20  ? 45  LEU A CB  1 
ATOM   262  C CG  . LEU A 1 31  ? -2.688  0.131   -1.347  1.00 32.55  ? 45  LEU A CG  1 
ATOM   263  C CD1 . LEU A 1 31  ? -2.444  -0.869  -0.310  1.00 30.24  ? 45  LEU A CD1 1 
ATOM   264  C CD2 . LEU A 1 31  ? -4.093  -0.099  -1.959  1.00 33.72  ? 45  LEU A CD2 1 
ATOM   265  N N   . PRO A 1 32  ? 0.109   3.930   0.217   1.00 21.14  ? 46  PRO A N   1 
ATOM   266  C CA  . PRO A 1 32  ? 0.396   5.363   0.381   1.00 21.13  ? 46  PRO A CA  1 
ATOM   267  C C   . PRO A 1 32  ? 0.823   6.009   -0.943  1.00 20.94  ? 46  PRO A C   1 
ATOM   268  O O   . PRO A 1 32  ? 1.810   5.562   -1.546  1.00 20.51  ? 46  PRO A O   1 
ATOM   269  C CB  . PRO A 1 32  ? 1.539   5.369   1.392   1.00 23.23  ? 46  PRO A CB  1 
ATOM   270  C CG  . PRO A 1 32  ? 1.778   3.919   1.791   1.00 22.32  ? 46  PRO A CG  1 
ATOM   271  C CD  . PRO A 1 32  ? 1.290   3.143   0.617   1.00 21.54  ? 46  PRO A CD  1 
ATOM   272  N N   . LEU A 1 33  ? 0.031   6.961   -1.404  1.00 22.13  ? 47  LEU A N   1 
ATOM   273  C CA  . LEU A 1 33  ? 0.296   7.646   -2.688  1.00 24.64  ? 47  LEU A CA  1 
ATOM   274  C C   . LEU A 1 33  ? 1.040   8.951   -2.384  1.00 24.81  ? 47  LEU A C   1 
ATOM   275  O O   . LEU A 1 33  ? 0.511   9.773   -1.615  1.00 24.52  ? 47  LEU A O   1 
ATOM   276  C CB  . LEU A 1 33  ? -0.979  8.036   -3.396  1.00 27.06  ? 47  LEU A CB  1 
ATOM   277  C CG  . LEU A 1 33  ? -1.712  6.940   -4.166  1.00 29.88  ? 47  LEU A CG  1 
ATOM   278  C CD1 . LEU A 1 33  ? -3.058  7.523   -4.626  1.00 31.97  ? 47  LEU A CD1 1 
ATOM   279  C CD2 . LEU A 1 33  ? -0.933  6.520   -5.408  1.00 30.04  ? 47  LEU A CD2 1 
ATOM   280  N N   . VAL A 1 34  ? 2.138   9.140   -3.071  1.00 25.70  ? 48  VAL A N   1 
ATOM   281  C CA  . VAL A 1 34  ? 3.078   10.286  -2.868  1.00 25.99  ? 48  VAL A CA  1 
ATOM   282  C C   . VAL A 1 34  ? 3.224   10.944  -4.227  1.00 27.64  ? 48  VAL A C   1 
ATOM   283  O O   . VAL A 1 34  ? 3.504   10.238  -5.214  1.00 28.67  ? 48  VAL A O   1 
ATOM   284  C CB  . VAL A 1 34  ? 4.442   9.724   -2.414  1.00 28.73  ? 48  VAL A CB  1 
ATOM   285  C CG1 . VAL A 1 34  ? 5.498   10.804  -2.329  1.00 33.34  ? 48  VAL A CG1 1 
ATOM   286  C CG2 . VAL A 1 34  ? 4.311   9.011   -1.057  1.00 31.82  ? 48  VAL A CG2 1 
ATOM   287  N N   . ALA A 1 35  ? 3.048   12.271  -4.283  1.00 26.38  ? 49  ALA A N   1 
ATOM   288  C CA  . ALA A 1 35  ? 3.306   13.010  -5.523  1.00 28.47  ? 49  ALA A CA  1 
ATOM   289  C C   . ALA A 1 35  ? 4.702   13.558  -5.518  1.00 35.05  ? 49  ALA A C   1 
ATOM   290  O O   . ALA A 1 35  ? 5.035   14.263  -4.574  1.00 36.68  ? 49  ALA A O   1 
ATOM   291  C CB  . ALA A 1 35  ? 2.300   14.101  -5.676  1.00 32.41  ? 49  ALA A CB  1 
ATOM   292  N N   . LYS A 1 36  ? 5.533   13.166  -6.495  1.00 32.42  ? 50  LYS A N   1 
ATOM   293  C CA  . LYS A 1 36  ? 6.942   13.690  -6.629  1.00 38.41  ? 50  LYS A CA  1 
ATOM   294  C C   . LYS A 1 36  ? 7.211   13.934  -8.090  1.00 38.42  ? 50  LYS A C   1 
ATOM   295  O O   . LYS A 1 36  ? 6.849   13.114  -8.947  1.00 32.22  ? 50  LYS A O   1 
ATOM   296  C CB  . LYS A 1 36  ? 8.020   12.708  -6.155  1.00 41.41  ? 50  LYS A CB  1 
ATOM   297  C CG  . LYS A 1 36  ? 8.089   12.400  -4.680  1.00 55.08  ? 50  LYS A CG  1 
ATOM   298  C CD  . LYS A 1 36  ? 8.366   13.600  -3.774  1.00 62.26  ? 50  LYS A CD  1 
ATOM   299  C CE  . LYS A 1 36  ? 8.494   13.155  -2.311  1.00 69.41  ? 50  LYS A CE  1 
ATOM   300  N NZ  . LYS A 1 36  ? 8.051   14.212  -1.349  1.00 74.69  ? 50  LYS A NZ  1 
ATOM   301  N N   . GLU A 1 37  ? 7.914   15.029  -8.401  1.00 36.17  ? 51  GLU A N   1 
ATOM   302  C CA  . GLU A 1 37  ? 8.341   15.286  -9.771  1.00 37.44  ? 51  GLU A CA  1 
ATOM   303  C C   . GLU A 1 37  ? 7.237   15.206  -10.793 1.00 35.02  ? 51  GLU A C   1 
ATOM   304  O O   . GLU A 1 37  ? 7.432   14.734  -11.917 1.00 38.26  ? 51  GLU A O   1 
ATOM   305  C CB  . GLU A 1 37  ? 9.467   14.311  -10.156 1.00 44.92  ? 51  GLU A CB  1 
ATOM   306  C CG  . GLU A 1 37  ? 10.641  14.351  -9.196  1.00 54.36  ? 51  GLU A CG  1 
ATOM   307  C CD  . GLU A 1 37  ? 11.768  13.405  -9.569  1.00 67.30  ? 51  GLU A CD  1 
ATOM   308  O OE1 . GLU A 1 37  ? 12.779  13.391  -8.830  1.00 78.12  ? 51  GLU A OE1 1 
ATOM   309  O OE2 . GLU A 1 37  ? 11.648  12.676  -10.582 1.00 77.01  ? 51  GLU A OE2 1 
ATOM   310  N N   . GLY A 1 38  ? 6.076   15.702  -10.403 1.00 31.48  ? 52  GLY A N   1 
ATOM   311  C CA  . GLY A 1 38  ? 4.928   15.799  -11.205 1.00 31.08  ? 52  GLY A CA  1 
ATOM   312  C C   . GLY A 1 38  ? 4.229   14.464  -11.490 1.00 35.27  ? 52  GLY A C   1 
ATOM   313  O O   . GLY A 1 38  ? 3.368   14.426  -12.389 1.00 36.89  ? 52  GLY A O   1 
ATOM   314  N N   . LYS A 1 39  ? 4.571   13.388  -10.756 1.00 30.37  ? 53  LYS A N   1 
ATOM   315  C CA  . LYS A 1 39  ? 3.930   12.051  -11.020 1.00 31.55  ? 53  LYS A CA  1 
ATOM   316  C C   . LYS A 1 39  ? 3.539   11.421  -9.670  1.00 27.99  ? 53  LYS A C   1 
ATOM   317  O O   . LYS A 1 39  ? 4.136   11.746  -8.646  1.00 29.02  ? 53  LYS A O   1 
ATOM   318  C CB  . LYS A 1 39  ? 4.937   11.116  -11.673 1.00 35.44  ? 53  LYS A CB  1 
ATOM   319  C CG  . LYS A 1 39  ? 5.449   11.565  -13.046 1.00 43.18  ? 53  LYS A CG  1 
ATOM   320  C CD  . LYS A 1 39  ? 6.652   10.771  -13.601 1.00 53.73  ? 53  LYS A CD  1 
ATOM   321  C CE  . LYS A 1 39  ? 7.484   9.928   -12.614 1.00 56.05  ? 53  LYS A CE  1 
ATOM   322  N NZ  . LYS A 1 39  ? 8.384   8.939   -13.302 1.00 56.59  ? 53  LYS A NZ  1 
ATOM   323  N N   . LEU A 1 40  ? 2.555   10.520  -9.691  1.00 25.95  ? 54  LEU A N   1 
ATOM   324  C CA  . LEU A 1 40  ? 2.219   9.744   -8.471  1.00 24.10  ? 54  LEU A CA  1 
ATOM   325  C C   . LEU A 1 40  ? 3.106   8.521   -8.319  1.00 23.55  ? 54  LEU A C   1 
ATOM   326  O O   . LEU A 1 40  ? 3.498   7.882   -9.329  1.00 24.79  ? 54  LEU A O   1 
ATOM   327  C CB  . LEU A 1 40  ? 0.746   9.315   -8.549  1.00 27.23  ? 54  LEU A CB  1 
ATOM   328  C CG  . LEU A 1 40  ? -0.270  10.437  -8.485  1.00 29.86  ? 54  LEU A CG  1 
ATOM   329  C CD1 . LEU A 1 40  ? -1.655  9.910   -8.872  1.00 33.13  ? 54  LEU A CD1 1 
ATOM   330  C CD2 . LEU A 1 40  ? -0.231  11.104  -7.144  1.00 31.55  ? 54  LEU A CD2 1 
ATOM   331  N N   . HIS A 1 41  ? 3.426   8.190   -7.059  1.00 22.85  ? 55  HIS A N   1 
ATOM   332  C CA  . HIS A 1 41  ? 4.255   7.056   -6.672  1.00 23.27  ? 55  HIS A CA  1 
ATOM   333  C C   . HIS A 1 41  ? 3.509   6.292   -5.556  1.00 23.03  ? 55  HIS A C   1 
ATOM   334  O O   . HIS A 1 41  ? 2.688   6.867   -4.870  1.00 25.07  ? 55  HIS A O   1 
ATOM   335  C CB  . HIS A 1 41  ? 5.589   7.490   -6.104  1.00 25.39  ? 55  HIS A CB  1 
ATOM   336  C CG  . HIS A 1 41  ? 6.413   8.247   -7.090  1.00 25.53  ? 55  HIS A CG  1 
ATOM   337  N ND1 . HIS A 1 41  ? 6.078   9.517   -7.502  1.00 31.20  ? 55  HIS A ND1 1 
ATOM   338  C CD2 . HIS A 1 41  ? 7.518   7.898   -7.775  1.00 28.33  ? 55  HIS A CD2 1 
ATOM   339  C CE1 . HIS A 1 41  ? 6.952   9.912   -8.426  1.00 30.39  ? 55  HIS A CE1 1 
ATOM   340  N NE2 . HIS A 1 41  ? 7.840   8.953   -8.597  1.00 32.36  ? 55  HIS A NE2 1 
ATOM   341  N N   . LEU A 1 42  ? 3.811   5.018   -5.426  1.00 22.39  ? 56  LEU A N   1 
ATOM   342  C CA  . LEU A 1 42  ? 3.439   4.274   -4.219  1.00 22.41  ? 56  LEU A CA  1 
ATOM   343  C C   . LEU A 1 42  ? 4.638   4.056   -3.343  1.00 21.27  ? 56  LEU A C   1 
ATOM   344  O O   . LEU A 1 42  ? 5.708   3.749   -3.837  1.00 24.16  ? 56  LEU A O   1 
ATOM   345  C CB  . LEU A 1 42  ? 2.796   2.921   -4.585  1.00 23.87  ? 56  LEU A CB  1 
ATOM   346  C CG  . LEU A 1 42  ? 1.330   2.970   -5.035  1.00 24.25  ? 56  LEU A CG  1 
ATOM   347  C CD1 . LEU A 1 42  ? 1.009   1.613   -5.714  1.00 26.30  ? 56  LEU A CD1 1 
ATOM   348  C CD2 . LEU A 1 42  ? 0.370   3.212   -3.884  1.00 24.73  ? 56  LEU A CD2 1 
ATOM   349  N N   . LEU A 1 43  ? 4.408   4.079   -2.043  1.00 21.59  ? 57  LEU A N   1 
ATOM   350  C CA  . LEU A 1 43  ? 5.438   3.813   -1.049  1.00 23.36  ? 57  LEU A CA  1 
ATOM   351  C C   . LEU A 1 43  ? 5.331   2.386   -0.548  1.00 24.56  ? 57  LEU A C   1 
ATOM   352  O O   . LEU A 1 43  ? 4.230   1.959   -0.146  1.00 23.80  ? 57  LEU A O   1 
ATOM   353  C CB  . LEU A 1 43  ? 5.269   4.783   0.114   1.00 23.45  ? 57  LEU A CB  1 
ATOM   354  C CG  . LEU A 1 43  ? 6.281   4.620   1.281   1.00 26.82  ? 57  LEU A CG  1 
ATOM   355  C CD1 . LEU A 1 43  ? 6.480   5.947   1.998   1.00 31.53  ? 57  LEU A CD1 1 
ATOM   356  C CD2 . LEU A 1 43  ? 5.884   3.597   2.303   1.00 29.22  ? 57  LEU A CD2 1 
ATOM   357  N N   . PHE A 1 44  ? 6.459   1.689   -0.563  1.00 22.43  ? 58  PHE A N   1 
ATOM   358  C CA  . PHE A 1 44  ? 6.577   0.289   -0.165  1.00 23.52  ? 58  PHE A CA  1 
ATOM   359  C C   . PHE A 1 44  ? 7.560   0.172   0.977   1.00 28.91  ? 58  PHE A C   1 
ATOM   360  O O   . PHE A 1 44  ? 8.469   1.052   1.147   1.00 26.55  ? 58  PHE A O   1 
ATOM   361  C CB  . PHE A 1 44  ? 7.061   -0.577  -1.311  1.00 24.17  ? 58  PHE A CB  1 
ATOM   362  C CG  . PHE A 1 44  ? 6.122   -0.658  -2.481  1.00 24.46  ? 58  PHE A CG  1 
ATOM   363  C CD1 . PHE A 1 44  ? 6.086   0.325   -3.470  1.00 23.22  ? 58  PHE A CD1 1 
ATOM   364  C CD2 . PHE A 1 44  ? 5.187   -1.707  -2.571  1.00 23.75  ? 58  PHE A CD2 1 
ATOM   365  C CE1 . PHE A 1 44  ? 5.216   0.247   -4.549  1.00 24.20  ? 58  PHE A CE1 1 
ATOM   366  C CE2 . PHE A 1 44  ? 4.292   -1.751  -3.641  1.00 23.99  ? 58  PHE A CE2 1 
ATOM   367  C CZ  . PHE A 1 44  ? 4.315   -0.798  -4.648  1.00 22.44  ? 58  PHE A CZ  1 
ATOM   368  N N   . THR A 1 45  ? 7.398   -0.907  1.765   1.00 24.89  ? 59  THR A N   1 
ATOM   369  C CA  . THR A 1 45  ? 8.380   -1.248  2.817   1.00 27.43  ? 59  THR A CA  1 
ATOM   370  C C   . THR A 1 45  ? 9.040   -2.583  2.448   1.00 29.69  ? 59  THR A C   1 
ATOM   371  O O   . THR A 1 45  ? 8.475   -3.403  1.711   1.00 31.60  ? 59  THR A O   1 
ATOM   372  C CB  . THR A 1 45  ? 7.777   -1.385  4.224   1.00 27.97  ? 59  THR A CB  1 
ATOM   373  O OG1 . THR A 1 45  ? 6.973   -2.586  4.352   1.00 30.04  ? 59  THR A OG1 1 
ATOM   374  C CG2 . THR A 1 45  ? 7.024   -0.217  4.650   1.00 29.14  ? 59  THR A CG2 1 
ATOM   375  N N   . VAL A 1 46  ? 10.264  -2.764  2.914   1.00 29.83  ? 60  VAL A N   1 
ATOM   376  C CA  . VAL A 1 46  ? 10.868  -4.066  3.003   1.00 29.84  ? 60  VAL A CA  1 
ATOM   377  C C   . VAL A 1 46  ? 10.849  -4.450  4.469   1.00 33.18  ? 60  VAL A C   1 
ATOM   378  O O   . VAL A 1 46  ? 11.412  -3.745  5.322   1.00 32.04  ? 60  VAL A O   1 
ATOM   379  C CB  . VAL A 1 46  ? 12.303  -4.136  2.419   1.00 31.46  ? 60  VAL A CB  1 
ATOM   380  C CG1 . VAL A 1 46  ? 12.866  -5.554  2.615   1.00 33.29  ? 60  VAL A CG1 1 
ATOM   381  C CG2 . VAL A 1 46  ? 12.337  -3.730  0.955   1.00 33.20  ? 60  VAL A CG2 1 
ATOM   382  N N   . ARG A 1 47  ? 10.210  -5.579  4.765   1.00 32.20  ? 61  ARG A N   1 
ATOM   383  C CA  . ARG A 1 47  ? 9.961   -6.005  6.148   1.00 33.95  ? 61  ARG A CA  1 
ATOM   384  C C   . ARG A 1 47  ? 11.271  -6.502  6.762   1.00 36.20  ? 61  ARG A C   1 
ATOM   385  O O   . ARG A 1 47  ? 12.112  -7.060  6.059   1.00 39.96  ? 61  ARG A O   1 
ATOM   386  C CB  . ARG A 1 47  ? 8.904   -7.130  6.186   1.00 36.87  ? 61  ARG A CB  1 
ATOM   387  C CG  . ARG A 1 47  ? 7.511   -6.619  5.866   1.00 38.11  ? 61  ARG A CG  1 
ATOM   388  C CD  . ARG A 1 47  ? 6.512   -7.745  5.637   1.00 45.46  ? 61  ARG A CD  1 
ATOM   389  N NE  . ARG A 1 47  ? 6.101   -8.367  6.899   1.00 46.37  ? 61  ARG A NE  1 
ATOM   390  C CZ  . ARG A 1 47  ? 5.244   -7.845  7.768   1.00 44.87  ? 61  ARG A CZ  1 
ATOM   391  N NH1 . ARG A 1 47  ? 4.670   -6.664  7.571   1.00 48.58  ? 61  ARG A NH1 1 
ATOM   392  N NH2 . ARG A 1 47  ? 4.981   -8.522  8.895   1.00 56.12  ? 61  ARG A NH2 1 
ATOM   393  N N   . SER A 1 48  ? 11.497  -6.225  8.040   1.00 37.03  ? 62  SER A N   1 
ATOM   394  C CA  . SER A 1 48  ? 12.773  -6.678  8.630   1.00 44.76  ? 62  SER A CA  1 
ATOM   395  C C   . SER A 1 48  ? 12.825  -8.232  8.664   1.00 46.76  ? 62  SER A C   1 
ATOM   396  O O   . SER A 1 48  ? 11.784  -8.900  8.822   1.00 45.00  ? 62  SER A O   1 
ATOM   397  C CB  . SER A 1 48  ? 12.995  -6.099  10.018  1.00 50.48  ? 62  SER A CB  1 
ATOM   398  O OG  . SER A 1 48  ? 11.909  -6.358  10.858  1.00 57.94  ? 62  SER A OG  1 
ATOM   399  N N   . GLU A 1 49  ? 14.030  -8.775  8.506   1.00 61.87  ? 63  GLU A N   1 
ATOM   400  C CA  . GLU A 1 49  ? 14.254  -10.236 8.611   1.00 72.03  ? 63  GLU A CA  1 
ATOM   401  C C   . GLU A 1 49  ? 13.821  -10.847 9.975   1.00 75.78  ? 63  GLU A C   1 
ATOM   402  O O   . GLU A 1 49  ? 13.501  -12.028 10.043  1.00 86.19  ? 63  GLU A O   1 
ATOM   403  C CB  . GLU A 1 49  ? 15.719  -10.573 8.301   1.00 77.20  ? 63  GLU A CB  1 
ATOM   404  C CG  . GLU A 1 49  ? 16.158  -10.285 6.860   1.00 82.27  ? 63  GLU A CG  1 
ATOM   405  C CD  . GLU A 1 49  ? 15.549  -11.226 5.807   1.00 90.05  ? 63  GLU A CD  1 
ATOM   406  O OE1 . GLU A 1 49  ? 14.936  -12.269 6.157   1.00 94.64  ? 63  GLU A OE1 1 
ATOM   407  O OE2 . GLU A 1 49  ? 15.695  -10.917 4.602   1.00 85.25  ? 63  GLU A OE2 1 
ATOM   408  N N   . LYS A 1 50  ? 13.786  -10.025 11.027  1.00 78.13  ? 64  LYS A N   1 
ATOM   409  C CA  . LYS A 1 50  ? 13.287  -10.404 12.375  1.00 85.35  ? 64  LYS A CA  1 
ATOM   410  C C   . LYS A 1 50  ? 11.833  -10.894 12.506  1.00 82.38  ? 64  LYS A C   1 
ATOM   411  O O   . LYS A 1 50  ? 11.524  -11.613 13.459  1.00 86.23  ? 64  LYS A O   1 
ATOM   412  C CB  . LYS A 1 50  ? 13.456  -9.216  13.362  1.00 90.02  ? 64  LYS A CB  1 
ATOM   413  C CG  . LYS A 1 50  ? 14.394  -9.452  14.539  1.00 97.97  ? 64  LYS A CG  1 
ATOM   414  C CD  . LYS A 1 50  ? 13.684  -10.140 15.706  1.00 102.57 ? 64  LYS A CD  1 
ATOM   415  C CE  . LYS A 1 50  ? 14.581  -10.250 16.933  1.00 100.93 ? 64  LYS A CE  1 
ATOM   416  N NZ  . LYS A 1 50  ? 15.760  -11.126 16.686  1.00 98.02  ? 64  LYS A NZ  1 
ATOM   417  N N   . LEU A 1 51  ? 10.943  -10.495 11.601  1.00 73.63  ? 65  LEU A N   1 
ATOM   418  C CA  . LEU A 1 51  ? 9.495   -10.544 11.887  1.00 77.10  ? 65  LEU A CA  1 
ATOM   419  C C   . LEU A 1 51  ? 8.831   -11.940 11.851  1.00 86.44  ? 65  LEU A C   1 
ATOM   420  O O   . LEU A 1 51  ? 9.417   -12.909 11.356  1.00 73.73  ? 65  LEU A O   1 
ATOM   421  C CB  . LEU A 1 51  ? 8.734   -9.578  10.955  1.00 71.87  ? 65  LEU A CB  1 
ATOM   422  C CG  . LEU A 1 51  ? 8.970   -8.069  11.123  1.00 64.78  ? 65  LEU A CG  1 
ATOM   423  C CD1 . LEU A 1 51  ? 7.989   -7.284  10.258  1.00 56.84  ? 65  LEU A CD1 1 
ATOM   424  C CD2 . LEU A 1 51  ? 8.840   -7.646  12.586  1.00 63.20  ? 65  LEU A CD2 1 
ATOM   425  N N   . ARG A 1 52  ? 7.604   -12.005 12.395  1.00 98.40  ? 66  ARG A N   1 
ATOM   426  C CA  . ARG A 1 52  ? 6.743   -13.196 12.307  1.00 106.81 ? 66  ARG A CA  1 
ATOM   427  C C   . ARG A 1 52  ? 6.354   -13.385 10.838  1.00 106.32 ? 66  ARG A C   1 
ATOM   428  O O   . ARG A 1 52  ? 6.883   -14.284 10.168  1.00 97.09  ? 66  ARG A O   1 
ATOM   429  C CB  . ARG A 1 52  ? 5.452   -13.094 13.174  1.00 114.19 ? 66  ARG A CB  1 
ATOM   430  C CG  . ARG A 1 52  ? 5.589   -12.740 14.656  1.00 115.45 ? 66  ARG A CG  1 
ATOM   431  C CD  . ARG A 1 52  ? 6.531   -13.649 15.436  1.00 113.68 ? 66  ARG A CD  1 
ATOM   432  N NE  . ARG A 1 52  ? 5.981   -14.994 15.601  1.00 117.74 ? 66  ARG A NE  1 
ATOM   433  C CZ  . ARG A 1 52  ? 6.510   -15.958 16.357  1.00 118.43 ? 66  ARG A CZ  1 
ATOM   434  N NH1 . ARG A 1 52  ? 7.631   -15.756 17.051  1.00 117.59 ? 66  ARG A NH1 1 
ATOM   435  N NH2 . ARG A 1 52  ? 5.909   -17.145 16.422  1.00 118.88 ? 66  ARG A NH2 1 
ATOM   436  N N   . ARG A 1 53  ? 5.483   -12.502 10.333  1.00 99.74  ? 67  ARG A N   1 
ATOM   437  C CA  . ARG A 1 53  ? 4.961   -12.607 8.974   1.00 95.69  ? 67  ARG A CA  1 
ATOM   438  C C   . ARG A 1 53  ? 5.992   -12.033 7.995   1.00 91.79  ? 67  ARG A C   1 
ATOM   439  O O   . ARG A 1 53  ? 6.382   -10.866 8.109   1.00 85.10  ? 67  ARG A O   1 
ATOM   440  C CB  . ARG A 1 53  ? 3.622   -11.857 8.802   1.00 97.79  ? 67  ARG A CB  1 
ATOM   441  C CG  . ARG A 1 53  ? 2.606   -12.034 9.927   1.00 100.55 ? 67  ARG A CG  1 
ATOM   442  C CD  . ARG A 1 53  ? 1.177   -11.998 9.409   1.00 99.53  ? 67  ARG A CD  1 
ATOM   443  N NE  . ARG A 1 53  ? 0.883   -13.204 8.621   1.00 104.21 ? 67  ARG A NE  1 
ATOM   444  C CZ  . ARG A 1 53  ? 0.289   -14.322 9.061   1.00 95.49  ? 67  ARG A CZ  1 
ATOM   445  N NH1 . ARG A 1 53  ? 0.116   -15.332 8.210   1.00 93.10  ? 67  ARG A NH1 1 
ATOM   446  N NH2 . ARG A 1 53  ? -0.145  -14.456 10.318  1.00 89.72  ? 67  ARG A NH2 1 
ATOM   447  N N   . ALA A 1 54  ? 6.451   -12.870 7.066   1.00 84.69  ? 68  ALA A N   1 
ATOM   448  C CA  . ALA A 1 54  ? 7.037   -12.414 5.801   1.00 83.84  ? 68  ALA A CA  1 
ATOM   449  C C   . ALA A 1 54  ? 8.339   -11.610 5.967   1.00 79.98  ? 68  ALA A C   1 
ATOM   450  O O   . ALA A 1 54  ? 8.407   -10.444 5.572   1.00 81.40  ? 68  ALA A O   1 
ATOM   451  C CB  . ALA A 1 54  ? 5.997   -11.618 5.011   1.00 83.05  ? 68  ALA A CB  1 
ATOM   452  N N   . PRO A 1 55  ? 9.380   -12.236 6.543   1.00 71.21  ? 69  PRO A N   1 
ATOM   453  C CA  . PRO A 1 55  ? 10.648  -11.557 6.757   1.00 65.34  ? 69  PRO A CA  1 
ATOM   454  C C   . PRO A 1 55  ? 11.324  -11.236 5.448   1.00 58.11  ? 69  PRO A C   1 
ATOM   455  O O   . PRO A 1 55  ? 11.364  -12.083 4.569   1.00 57.85  ? 69  PRO A O   1 
ATOM   456  C CB  . PRO A 1 55  ? 11.479  -12.592 7.529   1.00 68.19  ? 69  PRO A CB  1 
ATOM   457  C CG  . PRO A 1 55  ? 10.915  -13.902 7.111   1.00 70.10  ? 69  PRO A CG  1 
ATOM   458  C CD  . PRO A 1 55  ? 9.439   -13.637 7.007   1.00 75.12  ? 69  PRO A CD  1 
ATOM   459  N N   . GLY A 1 56  ? 11.829  -10.013 5.312   1.00 46.48  ? 70  GLY A N   1 
ATOM   460  C CA  . GLY A 1 56  ? 12.516  -9.591  4.094   1.00 45.55  ? 70  GLY A CA  1 
ATOM   461  C C   . GLY A 1 56  ? 11.658  -9.359  2.838   1.00 39.04  ? 70  GLY A C   1 
ATOM   462  O O   . GLY A 1 56  ? 12.214  -9.059  1.793   1.00 43.26  ? 70  GLY A O   1 
ATOM   463  N N   . GLU A 1 57  ? 10.332  -9.460  2.948   1.00 43.96  ? 71  GLU A N   1 
ATOM   464  C CA  . GLU A 1 57  ? 9.435   -9.264  1.791   1.00 41.96  ? 71  GLU A CA  1 
ATOM   465  C C   . GLU A 1 57  ? 9.060   -7.779  1.611   1.00 33.10  ? 71  GLU A C   1 
ATOM   466  O O   . GLU A 1 57  ? 8.894   -7.062  2.589   1.00 33.11  ? 71  GLU A O   1 
ATOM   467  C CB  . GLU A 1 57  ? 8.128   -10.068 1.951   1.00 47.53  ? 71  GLU A CB  1 
ATOM   468  C CG  . GLU A 1 57  ? 8.206   -11.556 1.620   1.00 55.94  ? 71  GLU A CG  1 
ATOM   469  C CD  . GLU A 1 57  ? 6.841   -12.248 1.712   1.00 60.08  ? 71  GLU A CD  1 
ATOM   470  O OE1 . GLU A 1 57  ? 5.797   -11.683 1.275   1.00 52.54  ? 71  GLU A OE1 1 
ATOM   471  O OE2 . GLU A 1 57  ? 6.790   -13.367 2.261   1.00 68.10  ? 71  GLU A OE2 1 
ATOM   472  N N   . VAL A 1 58  ? 8.821   -7.401  0.357   1.00 32.96  ? 72  VAL A N   1 
ATOM   473  C CA  . VAL A 1 58  ? 8.213   -6.125  0.008   1.00 28.85  ? 72  VAL A CA  1 
ATOM   474  C C   . VAL A 1 58  ? 6.712   -6.176  0.367   1.00 29.97  ? 72  VAL A C   1 
ATOM   475  O O   . VAL A 1 58  ? 6.005   -7.130  -0.014  1.00 29.00  ? 72  VAL A O   1 
ATOM   476  C CB  . VAL A 1 58  ? 8.452   -5.787  -1.475  1.00 30.45  ? 72  VAL A CB  1 
ATOM   477  C CG1 . VAL A 1 58  ? 7.654   -4.574  -1.900  1.00 31.44  ? 72  VAL A CG1 1 
ATOM   478  C CG2 . VAL A 1 58  ? 9.936   -5.546  -1.777  1.00 32.62  ? 72  VAL A CG2 1 
ATOM   479  N N   . CYS A 1 59  ? 6.211   -5.173  1.091   1.00 27.47  ? 73  CYS A N   1 
ATOM   480  C CA  . CYS A 1 59  ? 4.854   -5.145  1.580   1.00 28.40  ? 73  CYS A CA  1 
ATOM   481  C C   . CYS A 1 59  ? 4.420   -3.693  1.686   1.00 30.01  ? 73  CYS A C   1 
ATOM   482  O O   . CYS A 1 59  ? 5.265   -2.817  1.832   1.00 32.58  ? 73  CYS A O   1 
ATOM   483  C CB  . CYS A 1 59  ? 4.814   -5.799  2.970   1.00 38.49  ? 73  CYS A CB  1 
ATOM   484  S SG  . CYS A 1 59  ? 3.140   -6.387  3.352   1.00 53.35  ? 73  CYS A SG  1 
ATOM   485  N N   . PHE A 1 60  ? 3.127   -3.416  1.662   1.00 23.87  ? 74  PHE A N   1 
ATOM   486  C CA  . PHE A 1 60  ? 2.663   -2.117  2.122   1.00 24.46  ? 74  PHE A CA  1 
ATOM   487  C C   . PHE A 1 60  ? 2.698   -2.005  3.653   1.00 25.41  ? 74  PHE A C   1 
ATOM   488  O O   . PHE A 1 60  ? 2.612   -3.029  4.345   1.00 25.47  ? 74  PHE A O   1 
ATOM   489  C CB  . PHE A 1 60  ? 1.267   -1.840  1.617   1.00 24.11  ? 74  PHE A CB  1 
ATOM   490  C CG  . PHE A 1 60  ? 1.187   -1.653  0.120   1.00 24.94  ? 74  PHE A CG  1 
ATOM   491  C CD1 . PHE A 1 60  ? 1.794   -0.547  -0.489  1.00 24.12  ? 74  PHE A CD1 1 
ATOM   492  C CD2 . PHE A 1 60  ? 0.522   -2.578  -0.700  1.00 26.34  ? 74  PHE A CD2 1 
ATOM   493  C CE1 . PHE A 1 60  ? 1.770   -0.360  -1.861  1.00 25.13  ? 74  PHE A CE1 1 
ATOM   494  C CE2 . PHE A 1 60  ? 0.462   -2.383  -2.097  1.00 23.69  ? 74  PHE A CE2 1 
ATOM   495  C CZ  . PHE A 1 60  ? 1.105   -1.274  -2.691  1.00 26.12  ? 74  PHE A CZ  1 
ATOM   496  N N   . PRO A 1 61  ? 2.788   -0.771  4.208   1.00 22.80  ? 75  PRO A N   1 
ATOM   497  C CA  . PRO A 1 61  ? 2.639   -0.667  5.669   1.00 25.07  ? 75  PRO A CA  1 
ATOM   498  C C   . PRO A 1 61  ? 1.255   -1.245  6.121   1.00 26.65  ? 75  PRO A C   1 
ATOM   499  O O   . PRO A 1 61  ? 0.240   -1.066  5.418   1.00 23.51  ? 75  PRO A O   1 
ATOM   500  C CB  . PRO A 1 61  ? 2.658   0.849   5.925   1.00 25.77  ? 75  PRO A CB  1 
ATOM   501  C CG  . PRO A 1 61  ? 3.217   1.476   4.689   1.00 24.78  ? 75  PRO A CG  1 
ATOM   502  C CD  . PRO A 1 61  ? 2.998   0.536   3.547   1.00 22.47  ? 75  PRO A CD  1 
ATOM   503  N N   . GLY A 1 62  ? 1.234   -1.861  7.282   1.00 26.65  ? 76  GLY A N   1 
ATOM   504  C CA  . GLY A 1 62  ? -0.028  -2.478  7.777   1.00 27.72  ? 76  GLY A CA  1 
ATOM   505  C C   . GLY A 1 62  ? 0.248   -3.505  8.847   1.00 27.99  ? 76  GLY A C   1 
ATOM   506  O O   . GLY A 1 62  ? 1.407   -3.737  9.255   1.00 26.05  ? 76  GLY A O   1 
ATOM   507  N N   . GLY A 1 63  ? -0.836  -4.113  9.318   1.00 27.29  ? 77  GLY A N   1 
ATOM   508  C CA  . GLY A 1 63  ? -0.755  -5.149  10.341  1.00 25.97  ? 77  GLY A CA  1 
ATOM   509  C C   . GLY A 1 63  ? -2.096  -5.462  10.952  1.00 24.05  ? 77  GLY A C   1 
ATOM   510  O O   . GLY A 1 63  ? -3.140  -5.049  10.437  1.00 24.10  ? 77  GLY A O   1 
ATOM   511  N N   . LYS A 1 64  ? -2.057  -6.159  12.088  1.00 26.10  ? 78  LYS A N   1 
ATOM   512  C CA  . LYS A 1 64  ? -3.293  -6.709  12.729  1.00 25.95  ? 78  LYS A CA  1 
ATOM   513  C C   . LYS A 1 64  ? -4.060  -5.690  13.514  1.00 24.40  ? 78  LYS A C   1 
ATOM   514  O O   . LYS A 1 64  ? -3.498  -4.859  14.258  1.00 24.64  ? 78  LYS A O   1 
ATOM   515  C CB  . LYS A 1 64  ? -2.888  -7.850  13.645  1.00 29.53  ? 78  LYS A CB  1 
ATOM   516  C CG  . LYS A 1 64  ? -4.044  -8.722  14.060  1.00 34.26  ? 78  LYS A CG  1 
ATOM   517  C CD  . LYS A 1 64  ? -3.511  -9.934  14.830  1.00 41.16  ? 78  LYS A CD  1 
ATOM   518  C CE  . LYS A 1 64  ? -4.556  -11.041 14.948  1.00 46.00  ? 78  LYS A CE  1 
ATOM   519  N NZ  . LYS A 1 64  ? -5.827  -10.516 15.466  1.00 48.41  ? 78  LYS A NZ  1 
ATOM   520  N N   . ARG A 1 65  ? -5.366  -5.681  13.378  1.00 24.46  ? 79  ARG A N   1 
ATOM   521  C CA  . ARG A 1 65  ? -6.207  -4.807  14.147  1.00 24.19  ? 79  ARG A CA  1 
ATOM   522  C C   . ARG A 1 65  ? -6.048  -5.175  15.639  1.00 28.20  ? 79  ARG A C   1 
ATOM   523  O O   . ARG A 1 65  ? -5.819  -6.337  15.986  1.00 27.69  ? 79  ARG A O   1 
ATOM   524  C CB  . ARG A 1 65  ? -7.640  -4.914  13.731  1.00 26.29  ? 79  ARG A CB  1 
ATOM   525  C CG  . ARG A 1 65  ? -8.609  -4.055  14.505  1.00 29.36  ? 79  ARG A CG  1 
ATOM   526  C CD  . ARG A 1 65  ? -9.914  -3.834  13.786  1.00 31.13  ? 79  ARG A CD  1 
ATOM   527  N NE  . ARG A 1 65  ? -10.914 -3.122  14.603  1.00 31.35  ? 79  ARG A NE  1 
ATOM   528  C CZ  . ARG A 1 65  ? -12.072 -2.682  14.150  1.00 32.30  ? 79  ARG A CZ  1 
ATOM   529  N NH1 . ARG A 1 65  ? -12.408 -2.865  12.874  1.00 31.45  ? 79  ARG A NH1 1 
ATOM   530  N NH2 . ARG A 1 65  ? -12.940 -2.085  14.965  1.00 33.99  ? 79  ARG A NH2 1 
ATOM   531  N N   . ASP A 1 66  ? -6.058  -4.141  16.463  1.00 28.78  ? 80  ASP A N   1 
ATOM   532  C CA  . ASP A 1 66  ? -6.041  -4.290  17.943  1.00 27.51  ? 80  ASP A CA  1 
ATOM   533  C C   . ASP A 1 66  ? -7.205  -3.613  18.566  1.00 24.52  ? 80  ASP A C   1 
ATOM   534  O O   . ASP A 1 66  ? -7.980  -2.867  17.936  1.00 27.43  ? 80  ASP A O   1 
ATOM   535  C CB  . ASP A 1 66  ? -4.655  -3.945  18.518  1.00 28.81  ? 80  ASP A CB  1 
ATOM   536  C CG  . ASP A 1 66  ? -4.446  -2.462  18.816  1.00 28.15  ? 80  ASP A CG  1 
ATOM   537  O OD1 . ASP A 1 66  ? -5.383  -1.629  18.778  1.00 29.12  ? 80  ASP A OD1 1 
ATOM   538  O OD2 . ASP A 1 66  ? -3.261  -2.167  19.102  1.00 32.92  ? 80  ASP A OD2 1 
ATOM   539  N N   . PRO A 1 67  ? -7.432  -3.838  19.913  1.00 25.21  ? 81  PRO A N   1 
ATOM   540  C CA  . PRO A 1 67  ? -8.639  -3.284  20.488  1.00 26.93  ? 81  PRO A CA  1 
ATOM   541  C C   . PRO A 1 67  ? -8.752  -1.804  20.548  1.00 25.35  ? 81  PRO A C   1 
ATOM   542  O O   . PRO A 1 67  ? -9.847  -1.267  20.627  1.00 28.71  ? 81  PRO A O   1 
ATOM   543  C CB  . PRO A 1 67  ? -8.686  -3.922  21.927  1.00 29.19  ? 81  PRO A CB  1 
ATOM   544  C CG  . PRO A 1 67  ? -7.838  -5.099  21.822  1.00 30.35  ? 81  PRO A CG  1 
ATOM   545  C CD  . PRO A 1 67  ? -6.765  -4.816  20.791  1.00 29.26  ? 81  PRO A CD  1 
ATOM   546  N N   . THR A 1 68  ? -7.627  -1.096  20.444  1.00 28.71  ? 82  THR A N   1 
ATOM   547  C CA  . THR A 1 68  ? -7.665  0.359   20.472  1.00 28.68  ? 82  THR A CA  1 
ATOM   548  C C   . THR A 1 68  ? -8.236  0.978   19.198  1.00 31.56  ? 82  THR A C   1 
ATOM   549  O O   . THR A 1 68  ? -8.725  2.105   19.226  1.00 30.49  ? 82  THR A O   1 
ATOM   550  C CB  . THR A 1 68  ? -6.276  1.024   20.680  1.00 31.66  ? 82  THR A CB  1 
ATOM   551  O OG1 . THR A 1 68  ? -5.442  0.908   19.504  1.00 32.19  ? 82  THR A OG1 1 
ATOM   552  C CG2 . THR A 1 68  ? -5.527  0.382   21.813  1.00 32.16  ? 82  THR A CG2 1 
ATOM   553  N N   . ASP A 1 69  ? -8.152  0.258   18.082  1.00 29.96  ? 83  ASP A N   1 
ATOM   554  C CA  . ASP A 1 69  ? -8.512  0.888   16.799  1.00 27.73  ? 83  ASP A CA  1 
ATOM   555  C C   . ASP A 1 69  ? -10.012 1.174   16.723  1.00 29.70  ? 83  ASP A C   1 
ATOM   556  O O   . ASP A 1 69  ? -10.839 0.278   16.927  1.00 31.22  ? 83  ASP A O   1 
ATOM   557  C CB  . ASP A 1 69  ? -8.093  -0.060  15.632  1.00 26.35  ? 83  ASP A CB  1 
ATOM   558  C CG  . ASP A 1 69  ? -6.635  -0.307  15.543  1.00 25.93  ? 83  ASP A CG  1 
ATOM   559  O OD1 . ASP A 1 69  ? -5.859  0.658   15.795  1.00 27.29  ? 83  ASP A OD1 1 
ATOM   560  O OD2 . ASP A 1 69  ? -6.152  -1.412  15.145  1.00 26.44  ? 83  ASP A OD2 1 
ATOM   561  N N   . MET A 1 70  ? -10.394 2.399   16.391  1.00 28.31  ? 84  MET A N   1 
ATOM   562  C CA  . MET A 1 70  ? -11.802 2.755   16.196  1.00 32.22  ? 84  MET A CA  1 
ATOM   563  C C   . MET A 1 70  ? -12.436 2.032   15.021  1.00 33.11  ? 84  MET A C   1 
ATOM   564  O O   . MET A 1 70  ? -13.602 1.702   15.062  1.00 30.67  ? 84  MET A O   1 
ATOM   565  C CB  . MET A 1 70  ? -11.953 4.258   15.990  1.00 35.80  ? 84  MET A CB  1 
ATOM   566  C CG  . MET A 1 70  ? -11.642 5.097   17.235  1.00 43.18  ? 84  MET A CG  1 
ATOM   567  S SD  . MET A 1 70  ? -12.867 4.886   18.554  1.00 48.43  ? 84  MET A SD  1 
ATOM   568  C CE  . MET A 1 70  ? -14.420 5.458   17.887  1.00 51.28  ? 84  MET A CE  1 
ATOM   569  N N   . ASP A 1 71  ? -11.636 1.775   13.992  1.00 28.63  ? 85  ASP A N   1 
ATOM   570  C CA  . ASP A 1 71  ? -12.126 1.134   12.751  1.00 29.98  ? 85  ASP A CA  1 
ATOM   571  C C   . ASP A 1 71  ? -10.935 0.577   11.968  1.00 26.31  ? 85  ASP A C   1 
ATOM   572  O O   . ASP A 1 71  ? -9.756  0.666   12.420  1.00 24.43  ? 85  ASP A O   1 
ATOM   573  C CB  . ASP A 1 71  ? -12.996 2.108   11.962  1.00 31.55  ? 85  ASP A CB  1 
ATOM   574  C CG  . ASP A 1 71  ? -12.272 3.373   11.527  1.00 31.99  ? 85  ASP A CG  1 
ATOM   575  O OD1 . ASP A 1 71  ? -11.016 3.432   11.510  1.00 30.67  ? 85  ASP A OD1 1 
ATOM   576  O OD2 . ASP A 1 71  ? -12.975 4.327   11.162  1.00 37.85  ? 85  ASP A OD2 1 
ATOM   577  N N   . ASP A 1 72  ? -11.189 -0.025  10.784  1.00 23.97  ? 86  ASP A N   1 
ATOM   578  C CA  . ASP A 1 72  ? -10.129 -0.691  10.073  1.00 24.22  ? 86  ASP A CA  1 
ATOM   579  C C   . ASP A 1 72  ? -9.107  0.332   9.519   1.00 20.89  ? 86  ASP A C   1 
ATOM   580  O O   . ASP A 1 72  ? -7.927  -0.009  9.388   1.00 23.22  ? 86  ASP A O   1 
ATOM   581  C CB  . ASP A 1 72  ? -10.708 -1.579  8.941   1.00 25.24  ? 86  ASP A CB  1 
ATOM   582  C CG  . ASP A 1 72  ? -11.353 -2.860  9.475   1.00 30.11  ? 86  ASP A CG  1 
ATOM   583  O OD1 . ASP A 1 72  ? -10.822 -3.409  10.475  1.00 26.81  ? 86  ASP A OD1 1 
ATOM   584  O OD2 . ASP A 1 72  ? -12.340 -3.334  8.855   1.00 28.57  ? 86  ASP A OD2 1 
ATOM   585  N N   . ALA A 1 73  ? -9.584  1.505   9.170   1.00 23.14  ? 87  ALA A N   1 
ATOM   586  C CA  . ALA A 1 73  ? -8.661  2.600   8.681   1.00 23.65  ? 87  ALA A CA  1 
ATOM   587  C C   . ALA A 1 73  ? -7.653  2.981   9.779   1.00 24.89  ? 87  ALA A C   1 
ATOM   588  O O   . ALA A 1 73  ? -6.452  3.151   9.516   1.00 24.25  ? 87  ALA A O   1 
ATOM   589  C CB  . ALA A 1 73  ? -9.418  3.801   8.228   1.00 25.17  ? 87  ALA A CB  1 
ATOM   590  N N   . ALA A 1 74  ? -8.150  3.079   11.007  1.00 24.44  ? 88  ALA A N   1 
ATOM   591  C CA  . ALA A 1 74  ? -7.252  3.302   12.172  1.00 25.96  ? 88  ALA A CA  1 
ATOM   592  C C   . ALA A 1 74  ? -6.146  2.312   12.299  1.00 25.08  ? 88  ALA A C   1 
ATOM   593  O O   . ALA A 1 74  ? -5.003  2.686   12.595  1.00 24.69  ? 88  ALA A O   1 
ATOM   594  C CB  . ALA A 1 74  ? -8.048  3.428   13.476  1.00 26.88  ? 88  ALA A CB  1 
ATOM   595  N N   . THR A 1 75  ? -6.417  1.025   12.070  1.00 23.26  ? 89  THR A N   1 
ATOM   596  C CA  . THR A 1 75  ? -5.401  0.011   12.070  1.00 22.63  ? 89  THR A CA  1 
ATOM   597  C C   . THR A 1 75  ? -4.264  0.333   11.093  1.00 24.65  ? 89  THR A C   1 
ATOM   598  O O   . THR A 1 75  ? -3.072  0.267   11.424  1.00 23.70  ? 89  THR A O   1 
ATOM   599  C CB  . THR A 1 75  ? -5.994  -1.391  11.696  1.00 25.75  ? 89  THR A CB  1 
ATOM   600  O OG1 . THR A 1 75  ? -7.091  -1.715  12.578  1.00 23.80  ? 89  THR A OG1 1 
ATOM   601  C CG2 . THR A 1 75  ? -4.951  -2.449  11.709  1.00 24.60  ? 89  THR A CG2 1 
ATOM   602  N N   . ALA A 1 76  ? -4.676  0.658   9.851   1.00 23.16  ? 90  ALA A N   1 
ATOM   603  C CA  . ALA A 1 76  ? -3.688  0.973   8.809   1.00 23.17  ? 90  ALA A CA  1 
ATOM   604  C C   . ALA A 1 76  ? -2.797  2.189   9.226   1.00 20.50  ? 90  ALA A C   1 
ATOM   605  O O   . ALA A 1 76  ? -1.580  2.146   9.061   1.00 23.60  ? 90  ALA A O   1 
ATOM   606  C CB  . ALA A 1 76  ? -4.390  1.242   7.478   1.00 24.39  ? 90  ALA A CB  1 
ATOM   607  N N   . LEU A 1 77  ? -3.421  3.203   9.749   1.00 23.31  ? 91  LEU A N   1 
ATOM   608  C CA  . LEU A 1 77  ? -2.696  4.422   10.146  1.00 26.81  ? 91  LEU A CA  1 
ATOM   609  C C   . LEU A 1 77  ? -1.799  4.201   11.357  1.00 27.56  ? 91  LEU A C   1 
ATOM   610  O O   . LEU A 1 77  ? -0.671  4.646   11.347  1.00 25.13  ? 91  LEU A O   1 
ATOM   611  C CB  . LEU A 1 77  ? -3.643  5.539   10.417  1.00 27.24  ? 91  LEU A CB  1 
ATOM   612  C CG  . LEU A 1 77  ? -4.454  6.068   9.220   1.00 31.94  ? 91  LEU A CG  1 
ATOM   613  C CD1 . LEU A 1 77  ? -5.106  7.390   9.620   1.00 34.96  ? 91  LEU A CD1 1 
ATOM   614  C CD2 . LEU A 1 77  ? -3.621  6.199   7.971   1.00 32.51  ? 91  LEU A CD2 1 
ATOM   615  N N   . ARG A 1 78  ? -2.281  3.456   12.360  1.00 25.57  ? 92  ARG A N   1 
ATOM   616  C CA  . ARG A 1 78  ? -1.418  3.067   13.517  1.00 25.47  ? 92  ARG A CA  1 
ATOM   617  C C   . ARG A 1 78  ? -0.163  2.331   13.104  1.00 26.50  ? 92  ARG A C   1 
ATOM   618  O O   . ARG A 1 78  ? 0.981   2.659   13.527  1.00 26.11  ? 92  ARG A O   1 
ATOM   619  C CB  . ARG A 1 78  ? -2.232  2.283   14.588  1.00 25.94  ? 92  ARG A CB  1 
ATOM   620  C CG  . ARG A 1 78  ? -1.396  1.846   15.787  1.00 28.90  ? 92  ARG A CG  1 
ATOM   621  C CD  . ARG A 1 78  ? -2.244  1.175   16.869  1.00 30.58  ? 92  ARG A CD  1 
ATOM   622  N NE  . ARG A 1 78  ? -3.031  0.078   16.274  1.00 27.69  ? 92  ARG A NE  1 
ATOM   623  C CZ  . ARG A 1 78  ? -2.544  -1.084  15.898  1.00 26.53  ? 92  ARG A CZ  1 
ATOM   624  N NH1 . ARG A 1 78  ? -1.267  -1.409  16.045  1.00 28.87  ? 92  ARG A NH1 1 
ATOM   625  N NH2 . ARG A 1 78  ? -3.368  -1.976  15.307  1.00 29.29  ? 92  ARG A NH2 1 
ATOM   626  N N   . GLU A 1 79  ? -0.327  1.327   12.240  1.00 25.24  ? 93  GLU A N   1 
ATOM   627  C CA  . GLU A 1 79  ? 0.741   0.529   11.813  1.00 25.41  ? 93  GLU A CA  1 
ATOM   628  C C   . GLU A 1 79  ? 1.699   1.342   10.926  1.00 26.12  ? 93  GLU A C   1 
ATOM   629  O O   . GLU A 1 79  ? 2.906   1.194   11.065  1.00 26.36  ? 93  GLU A O   1 
ATOM   630  C CB  . GLU A 1 79  ? 0.231   -0.751  11.079  1.00 27.50  ? 93  GLU A CB  1 
ATOM   631  C CG  . GLU A 1 79  ? -0.444  -1.753  12.047  1.00 29.28  ? 93  GLU A CG  1 
ATOM   632  C CD  . GLU A 1 79  ? 0.496   -2.597  12.906  1.00 35.22  ? 93  GLU A CD  1 
ATOM   633  O OE1 . GLU A 1 79  ? 1.656   -2.731  12.621  1.00 41.74  ? 93  GLU A OE1 1 
ATOM   634  O OE2 . GLU A 1 79  ? 0.024   -3.191  13.879  1.00 45.34  ? 93  GLU A OE2 1 
ATOM   635  N N   . ALA A 1 80  ? 1.180   2.219   10.049  1.00 23.78  ? 94  ALA A N   1 
ATOM   636  C CA  . ALA A 1 80  ? 2.046   3.021   9.222   1.00 25.34  ? 94  ALA A CA  1 
ATOM   637  C C   . ALA A 1 80  ? 2.928   3.976   10.112  1.00 26.89  ? 94  ALA A C   1 
ATOM   638  O O   . ALA A 1 80  ? 4.120   4.171   9.821   1.00 29.55  ? 94  ALA A O   1 
ATOM   639  C CB  . ALA A 1 80  ? 1.281   3.816   8.197   1.00 26.59  ? 94  ALA A CB  1 
ATOM   640  N N   . GLN A 1 81  ? 2.336   4.501   11.150  1.00 25.34  ? 95  GLN A N   1 
ATOM   641  C CA  . GLN A 1 81  ? 3.083   5.369   12.121  1.00 28.59  ? 95  GLN A CA  1 
ATOM   642  C C   . GLN A 1 81  ? 4.222   4.586   12.783  1.00 31.34  ? 95  GLN A C   1 
ATOM   643  O O   . GLN A 1 81  ? 5.413   4.989   12.758  1.00 28.41  ? 95  GLN A O   1 
ATOM   644  C CB  . GLN A 1 81  ? 2.147   5.997   13.133  1.00 30.14  ? 95  GLN A CB  1 
ATOM   645  C CG  . GLN A 1 81  ? 2.891   7.049   14.009  1.00 33.27  ? 95  GLN A CG  1 
ATOM   646  C CD  . GLN A 1 81  ? 1.983   8.066   14.696  1.00 35.68  ? 95  GLN A CD  1 
ATOM   647  O OE1 . GLN A 1 81  ? 0.769   8.053   14.580  1.00 45.13  ? 95  GLN A OE1 1 
ATOM   648  N NE2 . GLN A 1 81  ? 2.601   8.971   15.435  1.00 49.35  ? 95  GLN A NE2 1 
ATOM   649  N N   . GLU A 1 82  ? 3.896   3.390   13.277  1.00 27.60  ? 96  GLU A N   1 
ATOM   650  C CA  . GLU A 1 82  ? 4.917   2.527   13.892  1.00 29.60  ? 96  GLU A CA  1 
ATOM   651  C C   . GLU A 1 82  ? 6.036   2.145   12.951  1.00 30.12  ? 96  GLU A C   1 
ATOM   652  O O   . GLU A 1 82  ? 7.203   2.058   13.338  1.00 32.29  ? 96  GLU A O   1 
ATOM   653  C CB  . GLU A 1 82  ? 4.258   1.255   14.500  1.00 32.61  ? 96  GLU A CB  1 
ATOM   654  C CG  . GLU A 1 82  ? 5.231   0.432   15.321  1.00 42.22  ? 96  GLU A CG  1 
ATOM   655  C CD  . GLU A 1 82  ? 5.727   1.186   16.568  1.00 51.92  ? 96  GLU A CD  1 
ATOM   656  O OE1 . GLU A 1 82  ? 5.027   2.118   17.054  1.00 56.09  ? 96  GLU A OE1 1 
ATOM   657  O OE2 . GLU A 1 82  ? 6.828   0.851   17.054  1.00 63.67  ? 96  GLU A OE2 1 
ATOM   658  N N   . GLU A 1 83  ? 5.743   1.872   11.682  1.00 26.23  ? 97  GLU A N   1 
ATOM   659  C CA  . GLU A 1 83  ? 6.726   1.361   10.771  1.00 25.36  ? 97  GLU A CA  1 
ATOM   660  C C   . GLU A 1 83  ? 7.597   2.437   10.133  1.00 28.06  ? 97  GLU A C   1 
ATOM   661  O O   . GLU A 1 83  ? 8.789   2.193   9.895   1.00 29.56  ? 97  GLU A O   1 
ATOM   662  C CB  . GLU A 1 83  ? 6.054   0.581   9.627   1.00 26.88  ? 97  GLU A CB  1 
ATOM   663  C CG  . GLU A 1 83  ? 5.435   -0.715  10.147  1.00 29.97  ? 97  GLU A CG  1 
ATOM   664  C CD  . GLU A 1 83  ? 4.664   -1.441  9.053   1.00 41.79  ? 97  GLU A CD  1 
ATOM   665  O OE1 . GLU A 1 83  ? 5.002   -1.257  7.858   1.00 48.60  ? 97  GLU A OE1 1 
ATOM   666  O OE2 . GLU A 1 83  ? 3.818   -2.255  9.418   1.00 43.48  ? 97  GLU A OE2 1 
ATOM   667  N N   . VAL A 1 84  ? 6.973   3.536   9.723   1.00 27.84  ? 98  VAL A N   1 
ATOM   668  C CA  . VAL A 1 84  ? 7.680   4.567   8.919   1.00 29.28  ? 98  VAL A CA  1 
ATOM   669  C C   . VAL A 1 84  ? 7.581   6.004   9.440   1.00 29.83  ? 98  VAL A C   1 
ATOM   670  O O   . VAL A 1 84  ? 8.115   6.920   8.769   1.00 32.46  ? 98  VAL A O   1 
ATOM   671  C CB  . VAL A 1 84  ? 7.312   4.500   7.425   1.00 26.66  ? 98  VAL A CB  1 
ATOM   672  C CG1 . VAL A 1 84  ? 7.485   3.100   6.869   1.00 29.72  ? 98  VAL A CG1 1 
ATOM   673  C CG2 . VAL A 1 84  ? 5.903   4.989   7.161   1.00 29.01  ? 98  VAL A CG2 1 
ATOM   674  N N   . GLY A 1 85  ? 6.904   6.190   10.572  1.00 28.12  ? 99  GLY A N   1 
ATOM   675  C CA  . GLY A 1 85  ? 6.740   7.482   11.256  1.00 29.86  ? 99  GLY A CA  1 
ATOM   676  C C   . GLY A 1 85  ? 5.704   8.400   10.676  1.00 33.12  ? 99  GLY A C   1 
ATOM   677  O O   . GLY A 1 85  ? 5.618   9.599   11.059  1.00 31.05  ? 99  GLY A O   1 
ATOM   678  N N   . LEU A 1 86  ? 4.860   7.851   9.771   1.00 27.23  ? 100 LEU A N   1 
ATOM   679  C CA  . LEU A 1 86  ? 3.763   8.642   9.212   1.00 27.44  ? 100 LEU A CA  1 
ATOM   680  C C   . LEU A 1 86  ? 2.763   9.060   10.268  1.00 28.66  ? 100 LEU A C   1 
ATOM   681  O O   . LEU A 1 86  ? 2.109   8.201   10.926  1.00 28.81  ? 100 LEU A O   1 
ATOM   682  C CB  . LEU A 1 86  ? 3.103   7.784   8.075   1.00 28.07  ? 100 LEU A CB  1 
ATOM   683  C CG  . LEU A 1 86  ? 1.968   8.506   7.357   1.00 28.66  ? 100 LEU A CG  1 
ATOM   684  C CD1 . LEU A 1 86  ? 2.530   9.609   6.418   1.00 27.15  ? 100 LEU A CD1 1 
ATOM   685  C CD2 . LEU A 1 86  ? 1.088   7.496   6.599   1.00 29.74  ? 100 LEU A CD2 1 
ATOM   686  N N   . ARG A 1 87  ? 2.563   10.366  10.459  1.00 29.16  ? 101 ARG A N   1 
ATOM   687  C CA  . ARG A 1 87  ? 1.650   10.899  11.453  1.00 32.19  ? 101 ARG A CA  1 
ATOM   688  C C   . ARG A 1 87  ? 0.241   11.171  10.875  1.00 34.89  ? 101 ARG A C   1 
ATOM   689  O O   . ARG A 1 87  ? 0.097   11.371  9.673   1.00 29.76  ? 101 ARG A O   1 
ATOM   690  C CB  . ARG A 1 87  ? 2.234   12.168  12.114  1.00 38.89  ? 101 ARG A CB  1 
ATOM   691  C CG  . ARG A 1 87  ? 3.464   11.862  12.970  1.00 44.34  ? 101 ARG A CG  1 
ATOM   692  C CD  . ARG A 1 87  ? 4.324   13.086  13.219  1.00 54.29  ? 101 ARG A CD  1 
ATOM   693  N NE  . ARG A 1 87  ? 3.647   14.077  14.069  1.00 63.17  ? 101 ARG A NE  1 
ATOM   694  C CZ  . ARG A 1 87  ? 4.104   15.317  14.313  1.00 69.38  ? 101 ARG A CZ  1 
ATOM   695  N NH1 . ARG A 1 87  ? 5.256   15.748  13.764  1.00 66.43  ? 101 ARG A NH1 1 
ATOM   696  N NH2 . ARG A 1 87  ? 3.404   16.140  15.107  1.00 61.89  ? 101 ARG A NH2 1 
HETATM 697  N N   . HYP A 1 88  ? -0.803  11.171  11.705  1.00 42.34  ? 102 HYP A N   1 
HETATM 698  C CA  . HYP A 1 88  ? -2.172  11.393  11.185  1.00 41.97  ? 102 HYP A CA  1 
HETATM 699  C C   . HYP A 1 88  ? -2.424  12.578  10.345  1.00 37.63  ? 102 HYP A C   1 
HETATM 700  O O   . HYP A 1 88  ? -3.145  12.452  9.334   1.00 38.76  ? 102 HYP A O   1 
HETATM 701  C CB  . HYP A 1 88  ? -3.076  11.526  12.421  1.00 49.47  ? 102 HYP A CB  1 
HETATM 702  C CG  . HYP A 1 88  ? -2.378  10.569  13.369  1.00 54.23  ? 102 HYP A CG  1 
HETATM 703  C CD  . HYP A 1 88  ? -0.878  10.786  13.131  1.00 49.80  ? 102 HYP A CD  1 
HETATM 704  O OD1 . HYP A 1 88  ? -2.760  9.254   12.914  1.00 64.55  ? 102 HYP A OD1 1 
ATOM   705  N N   . HIS A 1 89  ? -1.850  13.720  10.722  1.00 32.62  ? 103 HIS A N   1 
ATOM   706  C CA  . HIS A 1 89  ? -2.032  14.934  9.948   1.00 35.20  ? 103 HIS A CA  1 
ATOM   707  C C   . HIS A 1 89  ? -1.385  14.821  8.556   1.00 29.65  ? 103 HIS A C   1 
ATOM   708  O O   . HIS A 1 89  ? -1.615  15.686  7.725   1.00 32.17  ? 103 HIS A O   1 
ATOM   709  C CB  . HIS A 1 89  ? -1.524  16.215  10.685  1.00 37.00  ? 103 HIS A CB  1 
ATOM   710  C CG  . HIS A 1 89  ? -0.039  16.260  10.919  1.00 33.62  ? 103 HIS A CG  1 
ATOM   711  N ND1 . HIS A 1 89  ? 0.832   16.939  10.101  1.00 36.25  ? 103 HIS A ND1 1 
ATOM   712  C CD2 . HIS A 1 89  ? 0.718   15.698  11.887  1.00 32.00  ? 103 HIS A CD2 1 
ATOM   713  C CE1 . HIS A 1 89  ? 2.069   16.774  10.559  1.00 30.65  ? 103 HIS A CE1 1 
ATOM   714  N NE2 . HIS A 1 89  ? 2.018   16.032  11.645  1.00 33.55  ? 103 HIS A NE2 1 
ATOM   715  N N   . GLN A 1 90  ? -0.568  13.802  8.328   1.00 26.69  ? 104 GLN A N   1 
ATOM   716  C CA  . GLN A 1 90  ? 0.222   13.682  7.085   1.00 27.30  ? 104 GLN A CA  1 
ATOM   717  C C   . GLN A 1 90  ? -0.393  12.757  6.056   1.00 27.32  ? 104 GLN A C   1 
ATOM   718  O O   . GLN A 1 90  ? 0.192   12.570  4.993   1.00 26.74  ? 104 GLN A O   1 
ATOM   719  C CB  . GLN A 1 90  ? 1.644   13.210  7.372   1.00 28.67  ? 104 GLN A CB  1 
ATOM   720  C CG  . GLN A 1 90  ? 2.409   14.094  8.366   1.00 30.16  ? 104 GLN A CG  1 
ATOM   721  C CD  . GLN A 1 90  ? 3.848   13.667  8.562   1.00 34.10  ? 104 GLN A CD  1 
ATOM   722  O OE1 . GLN A 1 90  ? 4.803   14.397  8.200   1.00 39.24  ? 104 GLN A OE1 1 
ATOM   723  N NE2 . GLN A 1 90  ? 4.039   12.487  9.063   1.00 26.09  ? 104 GLN A NE2 1 
ATOM   724  N N   . VAL A 1 91  ? -1.587  12.237  6.369   1.00 27.26  ? 105 VAL A N   1 
ATOM   725  C CA  . VAL A 1 91  ? -2.290  11.320  5.479   1.00 25.43  ? 105 VAL A CA  1 
ATOM   726  C C   . VAL A 1 91  ? -3.799  11.597  5.436   1.00 27.85  ? 105 VAL A C   1 
ATOM   727  O O   . VAL A 1 91  ? -4.448  11.828  6.470   1.00 27.20  ? 105 VAL A O   1 
ATOM   728  C CB  . VAL A 1 91  ? -1.965  9.874   5.880   1.00 28.79  ? 105 VAL A CB  1 
ATOM   729  C CG1 . VAL A 1 91  ? -2.214  9.642   7.338   1.00 31.54  ? 105 VAL A CG1 1 
ATOM   730  C CG2 . VAL A 1 91  ? -2.751  8.881   5.006   1.00 26.76  ? 105 VAL A CG2 1 
ATOM   731  N N   . GLU A 1 92  ? -4.345  11.604  4.221   1.00 25.83  ? 106 GLU A N   1 
ATOM   732  C CA  . GLU A 1 92  ? -5.786  11.649  4.014   1.00 27.71  ? 106 GLU A CA  1 
ATOM   733  C C   . GLU A 1 92  ? -6.202  10.283  3.442   1.00 26.54  ? 106 GLU A C   1 
ATOM   734  O O   . GLU A 1 92  ? -5.771  9.941   2.324   1.00 25.27  ? 106 GLU A O   1 
ATOM   735  C CB  . GLU A 1 92  ? -6.135  12.761  3.034   1.00 30.85  ? 106 GLU A CB  1 
ATOM   736  C CG  . GLU A 1 92  ? -7.643  12.928  2.815   1.00 35.75  ? 106 GLU A CG  1 
ATOM   737  C CD  . GLU A 1 92  ? -7.985  13.936  1.717   1.00 38.42  ? 106 GLU A CD  1 
ATOM   738  O OE1 . GLU A 1 92  ? -7.070  14.481  1.071   1.00 45.75  ? 106 GLU A OE1 1 
ATOM   739  O OE2 . GLU A 1 92  ? -9.195  14.120  1.468   1.00 48.60  ? 106 GLU A OE2 1 
ATOM   740  N N   . VAL A 1 93  ? -7.014  9.543   4.199   1.00 26.67  ? 107 VAL A N   1 
ATOM   741  C CA  . VAL A 1 93  ? -7.546  8.246   3.725   1.00 26.95  ? 107 VAL A CA  1 
ATOM   742  C C   . VAL A 1 93  ? -8.708  8.573   2.795   1.00 28.81  ? 107 VAL A C   1 
ATOM   743  O O   . VAL A 1 93  ? -9.648  9.246   3.213   1.00 29.38  ? 107 VAL A O   1 
ATOM   744  C CB  . VAL A 1 93  ? -7.969  7.353   4.894   1.00 30.22  ? 107 VAL A CB  1 
ATOM   745  C CG1 . VAL A 1 93  ? -8.619  6.064   4.390   1.00 30.52  ? 107 VAL A CG1 1 
ATOM   746  C CG2 . VAL A 1 93  ? -6.782  7.071   5.782   1.00 31.40  ? 107 VAL A CG2 1 
ATOM   747  N N   . VAL A 1 94  ? -8.607  8.117   1.545   1.00 28.82  ? 108 VAL A N   1 
ATOM   748  C CA  . VAL A 1 94  ? -9.494  8.491   0.446   1.00 29.27  ? 108 VAL A CA  1 
ATOM   749  C C   . VAL A 1 94  ? -10.547 7.400   0.251   1.00 33.14  ? 108 VAL A C   1 
ATOM   750  O O   . VAL A 1 94  ? -11.685 7.703   -0.062  1.00 35.96  ? 108 VAL A O   1 
ATOM   751  C CB  . VAL A 1 94  ? -8.680  8.612   -0.878  1.00 33.25  ? 108 VAL A CB  1 
ATOM   752  C CG1 . VAL A 1 94  ? -9.585  9.027   -2.019  1.00 42.74  ? 108 VAL A CG1 1 
ATOM   753  C CG2 . VAL A 1 94  ? -7.575  9.627   -0.722  1.00 43.17  ? 108 VAL A CG2 1 
HETATM 754  N N   . CSO A 1 95  ? -10.138 6.145   0.381   1.00 27.44  ? 109 CSO A N   1 
HETATM 755  C CA  . CSO A 1 95  ? -11.059 5.039   0.227   1.00 29.79  ? 109 CSO A CA  1 
HETATM 756  C CB  . CSO A 1 95  ? -11.391 4.953   -1.218  1.00 31.04  ? 109 CSO A CB  1 
HETATM 757  S SG  . CSO A 1 95  ? -10.015 4.415   -2.105  1.00 34.60  ? 109 CSO A SG  1 
HETATM 758  C C   . CSO A 1 95  ? -10.587 3.716   0.724   1.00 27.77  ? 109 CSO A C   1 
HETATM 759  O O   . CSO A 1 95  ? -9.419  3.490   1.055   1.00 26.50  ? 109 CSO A O   1 
HETATM 760  O OD  . CSO A 1 95  ? -11.019 3.178   -2.741  1.00 37.69  ? 109 CSO A OD  1 
ATOM   761  N N   . CYS A 1 96  ? -11.552 2.813   0.813   1.00 26.79  ? 110 CYS A N   1 
ATOM   762  C CA  . CYS A 1 96  ? -11.346 1.454   1.148   1.00 24.71  ? 110 CYS A CA  1 
ATOM   763  C C   . CYS A 1 96  ? -11.567 0.582   -0.111  1.00 28.95  ? 110 CYS A C   1 
ATOM   764  O O   . CYS A 1 96  ? -12.665 0.600   -0.659  1.00 31.28  ? 110 CYS A O   1 
ATOM   765  C CB  . CYS A 1 96  ? -12.394 1.110   2.220   1.00 34.71  ? 110 CYS A CB  1 
ATOM   766  S SG  . CYS A 1 96  ? -12.315 -0.538  2.794   1.00 39.80  ? 110 CYS A SG  1 
ATOM   767  N N   . LEU A 1 97  ? -10.564 -0.156  -0.544  1.00 27.44  ? 111 LEU A N   1 
ATOM   768  C CA  . LEU A 1 97  ? -10.665 -0.987  -1.739  1.00 28.03  ? 111 LEU A CA  1 
ATOM   769  C C   . LEU A 1 97  ? -11.155 -2.399  -1.346  1.00 32.84  ? 111 LEU A C   1 
ATOM   770  O O   . LEU A 1 97  ? -11.328 -2.727  -0.150  1.00 27.91  ? 111 LEU A O   1 
ATOM   771  C CB  . LEU A 1 97  ? -9.344  -1.086  -2.504  1.00 29.42  ? 111 LEU A CB  1 
ATOM   772  C CG  . LEU A 1 97  ? -8.945  0.225   -3.195  1.00 32.49  ? 111 LEU A CG  1 
ATOM   773  C CD1 . LEU A 1 97  ? -7.610  0.070   -3.890  1.00 35.72  ? 111 LEU A CD1 1 
ATOM   774  C CD2 . LEU A 1 97  ? -9.979  0.774   -4.134  1.00 32.93  ? 111 LEU A CD2 1 
ATOM   775  N N   . VAL A 1 98  ? -11.404 -3.207  -2.373  1.00 33.51  ? 112 VAL A N   1 
ATOM   776  C CA  . VAL A 1 98  ? -11.837 -4.592  -2.149  1.00 34.47  ? 112 VAL A CA  1 
ATOM   777  C C   . VAL A 1 98  ? -10.915 -5.335  -1.204  1.00 28.96  ? 112 VAL A C   1 
ATOM   778  O O   . VAL A 1 98  ? -9.709  -5.447  -1.416  1.00 31.26  ? 112 VAL A O   1 
ATOM   779  C CB  . VAL A 1 98  ? -11.955 -5.422  -3.480  1.00 39.61  ? 112 VAL A CB  1 
ATOM   780  C CG1 . VAL A 1 98  ? -13.169 -4.963  -4.258  1.00 42.62  ? 112 VAL A CG1 1 
ATOM   781  C CG2 . VAL A 1 98  ? -10.663 -5.411  -4.295  1.00 38.35  ? 112 VAL A CG2 1 
ATOM   782  N N   . PRO A 1 99  ? -11.492 -5.939  -0.153  1.00 28.63  ? 113 PRO A N   1 
ATOM   783  C CA  . PRO A 1 99  ? -10.652 -6.716  0.742   1.00 28.26  ? 113 PRO A CA  1 
ATOM   784  C C   . PRO A 1 99  ? -10.163 -8.028  0.205   1.00 29.00  ? 113 PRO A C   1 
ATOM   785  O O   . PRO A 1 99  ? -10.814 -8.576  -0.780  1.00 30.44  ? 113 PRO A O   1 
ATOM   786  C CB  . PRO A 1 99  ? -11.555 -6.877  1.984   1.00 30.76  ? 113 PRO A CB  1 
ATOM   787  C CG  . PRO A 1 99  ? -12.909 -6.975  1.410   1.00 35.25  ? 113 PRO A CG  1 
ATOM   788  C CD  . PRO A 1 99  ? -12.889 -5.929  0.274   1.00 32.79  ? 113 PRO A CD  1 
ATOM   789  N N   A CYS A 1 100 ? -9.113  -8.563  0.802   0.35 21.04  ? 114 CYS A N   1 
ATOM   790  N N   B CYS A 1 100 ? -9.046  -8.522  0.747   0.15 23.16  ? 114 CYS A N   1 
ATOM   791  C CA  A CYS A 1 100 ? -8.441  -9.752  0.360   0.35 21.93  ? 114 CYS A CA  1 
ATOM   792  C CA  B CYS A 1 100 ? -8.424  -9.793  0.373   0.15 22.24  ? 114 CYS A CA  1 
ATOM   793  C C   A CYS A 1 100 ? -8.707  -10.906 1.376   0.35 21.82  ? 114 CYS A C   1 
ATOM   794  C C   B CYS A 1 100 ? -8.847  -10.849 1.391   0.15 23.25  ? 114 CYS A C   1 
ATOM   795  O O   A CYS A 1 100 ? -8.421  -10.805 2.557   0.35 15.17  ? 114 CYS A O   1 
ATOM   796  O O   B CYS A 1 100 ? -8.800  -10.610 2.593   0.15 19.30  ? 114 CYS A O   1 
ATOM   797  C CB  A CYS A 1 100 ? -6.942  -9.409  0.152   0.35 24.27  ? 114 CYS A CB  1 
ATOM   798  C CB  B CYS A 1 100 ? -6.884  -9.659  0.370   0.15 21.07  ? 114 CYS A CB  1 
ATOM   799  S SG  A CYS A 1 100 ? -6.703  -7.926  -0.944  0.35 32.87  ? 114 CYS A SG  1 
ATOM   800  S SG  B CYS A 1 100 ? -5.918  -11.127 -0.083  0.15 20.66  ? 114 CYS A SG  1 
ATOM   801  N N   . LEU A 1 101 ? -9.316  -11.995 0.899   1.00 28.47  ? 115 LEU A N   1 
ATOM   802  C CA  . LEU A 1 101 ? -9.591  -13.179 1.766   1.00 28.50  ? 115 LEU A CA  1 
ATOM   803  C C   . LEU A 1 101 ? -8.438  -14.117 1.738   1.00 30.12  ? 115 LEU A C   1 
ATOM   804  O O   . LEU A 1 101 ? -8.003  -14.519 0.653   1.00 34.04  ? 115 LEU A O   1 
ATOM   805  C CB  . LEU A 1 101 ? -10.843 -13.944 1.272   1.00 31.06  ? 115 LEU A CB  1 
ATOM   806  C CG  . LEU A 1 101 ? -12.144 -13.164 1.175   1.00 36.10  ? 115 LEU A CG  1 
ATOM   807  C CD1 . LEU A 1 101 ? -13.276 -13.989 0.551   1.00 39.46  ? 115 LEU A CD1 1 
ATOM   808  C CD2 . LEU A 1 101 ? -12.522 -12.686 2.577   1.00 41.46  ? 115 LEU A CD2 1 
ATOM   809  N N   . ILE A 1 102 ? -7.908  -14.499 2.906   1.00 30.62  ? 116 ILE A N   1 
ATOM   810  C CA  . ILE A 1 102 ? -6.860  -15.526 2.942   1.00 31.47  ? 116 ILE A CA  1 
ATOM   811  C C   . ILE A 1 102 ? -6.989  -16.524 4.063   1.00 30.68  ? 116 ILE A C   1 
ATOM   812  O O   . ILE A 1 102 ? -7.559  -16.224 5.118   1.00 32.90  ? 116 ILE A O   1 
ATOM   813  C CB  . ILE A 1 102 ? -5.448  -14.900 2.952   1.00 41.13  ? 116 ILE A CB  1 
ATOM   814  C CG1 . ILE A 1 102 ? -5.333  -13.913 4.086   1.00 41.34  ? 116 ILE A CG1 1 
ATOM   815  C CG2 . ILE A 1 102 ? -5.151  -14.151 1.648   1.00 49.63  ? 116 ILE A CG2 1 
ATOM   816  C CD1 . ILE A 1 102 ? -3.930  -13.396 4.210   1.00 55.14  ? 116 ILE A CD1 1 
ATOM   817  N N   . ASP A 1 103 ? -6.511  -17.729 3.794   1.00 33.80  ? 117 ASP A N   1 
ATOM   818  C CA  . ASP A 1 103 ? -6.372  -18.806 4.763   1.00 37.64  ? 117 ASP A CA  1 
ATOM   819  C C   . ASP A 1 103 ? -7.687  -19.265 5.389   1.00 34.43  ? 117 ASP A C   1 
ATOM   820  O O   . ASP A 1 103 ? -7.662  -19.810 6.470   1.00 36.70  ? 117 ASP A O   1 
ATOM   821  C CB  . ASP A 1 103 ? -5.380  -18.410 5.894   1.00 42.59  ? 117 ASP A CB  1 
ATOM   822  C CG  . ASP A 1 103 ? -3.946  -18.264 5.398   1.00 55.25  ? 117 ASP A CG  1 
ATOM   823  O OD1 . ASP A 1 103 ? -3.549  -19.043 4.503   1.00 66.52  ? 117 ASP A OD1 1 
ATOM   824  O OD2 . ASP A 1 103 ? -3.217  -17.375 5.913   1.00 59.00  ? 117 ASP A OD2 1 
ATOM   825  N N   . THR A 1 104 ? -8.809  -18.956 4.731   1.00 30.01  ? 118 THR A N   1 
ATOM   826  C CA  . THR A 1 104 ? -10.167 -19.263 5.181   1.00 30.71  ? 118 THR A CA  1 
ATOM   827  C C   . THR A 1 104 ? -10.688 -18.470 6.359   1.00 31.45  ? 118 THR A C   1 
ATOM   828  O O   . THR A 1 104 ? -11.891 -18.389 6.540   1.00 33.08  ? 118 THR A O   1 
ATOM   829  C CB  . THR A 1 104 ? -10.395 -20.788 5.460   1.00 34.29  ? 118 THR A CB  1 
ATOM   830  O OG1 . THR A 1 104 ? -9.819  -21.178 6.711   1.00 33.45  ? 118 THR A OG1 1 
ATOM   831  C CG2 . THR A 1 104 ? -9.828  -21.645 4.354   1.00 35.24  ? 118 THR A CG2 1 
ATOM   832  N N   . ASP A 1 105 ? -9.818  -17.835 7.164   1.00 28.70  ? 119 ASP A N   1 
ATOM   833  C CA  . ASP A 1 105 ? -10.289 -17.171 8.368   1.00 28.34  ? 119 ASP A CA  1 
ATOM   834  C C   . ASP A 1 105 ? -9.759  -15.714 8.556   1.00 29.99  ? 119 ASP A C   1 
ATOM   835  O O   . ASP A 1 105 ? -9.964  -15.151 9.625   1.00 27.68  ? 119 ASP A O   1 
ATOM   836  C CB  . ASP A 1 105 ? -9.852  -17.989 9.611   1.00 30.94  ? 119 ASP A CB  1 
ATOM   837  C CG  . ASP A 1 105 ? -8.324  -18.094 9.740   1.00 36.85  ? 119 ASP A CG  1 
ATOM   838  O OD1 . ASP A 1 105 ? -7.544  -17.431 8.969   1.00 35.20  ? 119 ASP A OD1 1 
ATOM   839  O OD2 . ASP A 1 105 ? -7.869  -18.910 10.570  1.00 44.42  ? 119 ASP A OD2 1 
ATOM   840  N N   . THR A 1 106 ? -9.192  -15.136 7.500   1.00 27.68  ? 120 THR A N   1 
ATOM   841  C CA  . THR A 1 106 ? -8.517  -13.826 7.600   1.00 27.18  ? 120 THR A CA  1 
ATOM   842  C C   . THR A 1 106 ? -8.994  -12.918 6.469   1.00 27.56  ? 120 THR A C   1 
ATOM   843  O O   . THR A 1 106 ? -9.236  -13.374 5.316   1.00 27.68  ? 120 THR A O   1 
ATOM   844  C CB  . THR A 1 106 ? -6.999  -14.064 7.541   1.00 29.29  ? 120 THR A CB  1 
ATOM   845  O OG1 . THR A 1 106 ? -6.627  -14.913 8.629   1.00 29.28  ? 120 THR A OG1 1 
ATOM   846  C CG2 . THR A 1 106 ? -6.255  -12.708 7.664   1.00 29.55  ? 120 THR A CG2 1 
ATOM   847  N N   . LEU A 1 107 ? -9.184  -11.644 6.813   1.00 24.85  ? 121 LEU A N   1 
ATOM   848  C CA  . LEU A 1 107 ? -9.627  -10.649 5.878   1.00 24.23  ? 121 LEU A CA  1 
ATOM   849  C C   . LEU A 1 107 ? -8.692  -9.428  5.993   1.00 27.98  ? 121 LEU A C   1 
ATOM   850  O O   . LEU A 1 107 ? -8.521  -8.878  7.079   1.00 25.42  ? 121 LEU A O   1 
ATOM   851  C CB  . LEU A 1 107 ? -11.035 -10.239 6.178   1.00 26.15  ? 121 LEU A CB  1 
ATOM   852  C CG  . LEU A 1 107 ? -11.701 -9.342  5.113   1.00 32.21  ? 121 LEU A CG  1 
ATOM   853  C CD1 . LEU A 1 107 ? -13.135 -9.719  4.842   1.00 40.95  ? 121 LEU A CD1 1 
ATOM   854  C CD2 . LEU A 1 107 ? -11.709 -7.918  5.564   1.00 35.55  ? 121 LEU A CD2 1 
ATOM   855  N N   . ILE A 1 108 ? -8.069  -9.070  4.893   1.00 24.88  ? 122 ILE A N   1 
ATOM   856  C CA  . ILE A 1 108 ? -7.120  -7.934  4.864   1.00 24.97  ? 122 ILE A CA  1 
ATOM   857  C C   . ILE A 1 108 ? -7.772  -6.813  4.098   1.00 26.12  ? 122 ILE A C   1 
ATOM   858  O O   . ILE A 1 108 ? -8.093  -6.979  2.908   1.00 26.00  ? 122 ILE A O   1 
ATOM   859  C CB  . ILE A 1 108 ? -5.827  -8.346  4.192   1.00 26.84  ? 122 ILE A CB  1 
ATOM   860  C CG1 . ILE A 1 108 ? -5.163  -9.536  4.934   1.00 29.46  ? 122 ILE A CG1 1 
ATOM   861  C CG2 . ILE A 1 108 ? -4.841  -7.149  4.115   1.00 30.60  ? 122 ILE A CG2 1 
ATOM   862  C CD1 . ILE A 1 108 ? -3.951  -10.049 4.218   1.00 36.06  ? 122 ILE A CD1 1 
ATOM   863  N N   . THR A 1 109 ? -7.950  -5.669  4.741   1.00 22.25  ? 123 THR A N   1 
ATOM   864  C CA  . THR A 1 109 ? -8.641  -4.548  4.178   1.00 23.34  ? 123 THR A CA  1 
ATOM   865  C C   . THR A 1 109 ? -7.610  -3.468  3.754   1.00 26.80  ? 123 THR A C   1 
ATOM   866  O O   . THR A 1 109 ? -6.879  -2.975  4.602   1.00 22.99  ? 123 THR A O   1 
ATOM   867  C CB  . THR A 1 109 ? -9.645  -3.940  5.155   1.00 28.21  ? 123 THR A CB  1 
ATOM   868  O OG1 . THR A 1 109 ? -10.611 -4.941  5.540   1.00 29.79  ? 123 THR A OG1 1 
ATOM   869  C CG2 . THR A 1 109 ? -10.406 -2.827  4.568   1.00 29.12  ? 123 THR A CG2 1 
ATOM   870  N N   . PRO A 1 110 ? -7.598  -3.100  2.462   1.00 24.73  ? 124 PRO A N   1 
ATOM   871  C CA  . PRO A 1 110 ? -6.659  -2.063  1.962   1.00 22.98  ? 124 PRO A CA  1 
ATOM   872  C C   . PRO A 1 110 ? -7.309  -0.688  1.886   1.00 24.21  ? 124 PRO A C   1 
ATOM   873  O O   . PRO A 1 110 ? -8.464  -0.487  1.433   1.00 25.28  ? 124 PRO A O   1 
ATOM   874  C CB  . PRO A 1 110 ? -6.244  -2.588  0.601   1.00 24.57  ? 124 PRO A CB  1 
ATOM   875  C CG  . PRO A 1 110 ? -7.359  -3.460  0.127   1.00 26.51  ? 124 PRO A CG  1 
ATOM   876  C CD  . PRO A 1 110 ? -8.244  -3.805  1.323   1.00 25.94  ? 124 PRO A CD  1 
ATOM   877  N N   . PHE A 1 111 ? -6.586  0.339   2.366   1.00 20.11  ? 125 PHE A N   1 
ATOM   878  C CA  . PHE A 1 111 ? -7.006  1.716   2.296   1.00 21.06  ? 125 PHE A CA  1 
ATOM   879  C C   . PHE A 1 111 ? -6.008  2.523   1.501   1.00 22.63  ? 125 PHE A C   1 
ATOM   880  O O   . PHE A 1 111 ? -4.819  2.277   1.657   1.00 24.61  ? 125 PHE A O   1 
ATOM   881  C CB  . PHE A 1 111 ? -7.065  2.324   3.694   1.00 23.05  ? 125 PHE A CB  1 
ATOM   882  C CG  . PHE A 1 111 ? -8.158  1.708   4.547   1.00 22.84  ? 125 PHE A CG  1 
ATOM   883  C CD1 . PHE A 1 111 ? -7.874  0.568   5.270   1.00 23.57  ? 125 PHE A CD1 1 
ATOM   884  C CD2 . PHE A 1 111 ? -9.388  2.287   4.606   1.00 23.22  ? 125 PHE A CD2 1 
ATOM   885  C CE1 . PHE A 1 111 ? -8.897  -0.025  5.998   1.00 25.38  ? 125 PHE A CE1 1 
ATOM   886  C CE2 . PHE A 1 111 ? -10.407 1.695   5.322   1.00 26.84  ? 125 PHE A CE2 1 
ATOM   887  C CZ  . PHE A 1 111 ? -10.135 0.560   6.019   1.00 23.04  ? 125 PHE A CZ  1 
ATOM   888  N N   . VAL A 1 112 ? -6.490  3.386   0.605   1.00 23.13  ? 126 VAL A N   1 
ATOM   889  C CA  . VAL A 1 112 ? -5.586  4.269   -0.159  1.00 23.84  ? 126 VAL A CA  1 
ATOM   890  C C   . VAL A 1 112 ? -5.496  5.596   0.598   1.00 23.80  ? 126 VAL A C   1 
ATOM   891  O O   . VAL A 1 112 ? -6.503  6.180   0.929   1.00 23.42  ? 126 VAL A O   1 
ATOM   892  C CB  . VAL A 1 112 ? -6.042  4.523   -1.593  1.00 24.87  ? 126 VAL A CB  1 
ATOM   893  C CG1 . VAL A 1 112 ? -4.948  5.404   -2.324  1.00 26.16  ? 126 VAL A CG1 1 
ATOM   894  C CG2 . VAL A 1 112 ? -6.249  3.195   -2.307  1.00 24.66  ? 126 VAL A CG2 1 
ATOM   895  N N   . GLY A 1 113 ? -4.268  6.074   0.795   1.00 23.26  ? 127 GLY A N   1 
ATOM   896  C CA  . GLY A 1 113 ? -3.981  7.311   1.532   1.00 25.03  ? 127 GLY A CA  1 
ATOM   897  C C   . GLY A 1 113 ? -3.159  8.265   0.682   1.00 25.89  ? 127 GLY A C   1 
ATOM   898  O O   . GLY A 1 113 ? -2.214  7.829   0.057   1.00 25.49  ? 127 GLY A O   1 
ATOM   899  N N   . LEU A 1 114 ? -3.544  9.536   0.635   1.00 24.43  ? 128 LEU A N   1 
ATOM   900  C CA  . LEU A 1 114 ? -2.713  10.585  -0.011  1.00 27.22  ? 128 LEU A CA  1 
ATOM   901  C C   . LEU A 1 114 ? -1.767  11.169  1.046   1.00 25.46  ? 128 LEU A C   1 
ATOM   902  O O   . LEU A 1 114 ? -2.243  11.548  2.137   1.00 25.74  ? 128 LEU A O   1 
ATOM   903  C CB  . LEU A 1 114 ? -3.559  11.721  -0.518  1.00 32.71  ? 128 LEU A CB  1 
ATOM   904  C CG  . LEU A 1 114 ? -4.766  11.400  -1.350  1.00 42.60  ? 128 LEU A CG  1 
ATOM   905  C CD1 . LEU A 1 114 ? -5.335  12.724  -1.841  1.00 48.92  ? 128 LEU A CD1 1 
ATOM   906  C CD2 . LEU A 1 114 ? -4.397  10.506  -2.512  1.00 42.32  ? 128 LEU A CD2 1 
ATOM   907  N N   . ILE A 1 115 ? -0.486  11.205  0.727   1.00 24.48  ? 129 ILE A N   1 
ATOM   908  C CA  . ILE A 1 115 ? 0.580   11.513  1.714   1.00 23.02  ? 129 ILE A CA  1 
ATOM   909  C C   . ILE A 1 115 ? 1.041   12.939  1.482   1.00 26.09  ? 129 ILE A C   1 
ATOM   910  O O   . ILE A 1 115 ? 1.239   13.355  0.332   1.00 25.86  ? 129 ILE A O   1 
ATOM   911  C CB  . ILE A 1 115 ? 1.740   10.541  1.551   1.00 24.30  ? 129 ILE A CB  1 
ATOM   912  C CG1 . ILE A 1 115 ? 1.269   9.067   1.768   1.00 27.20  ? 129 ILE A CG1 1 
ATOM   913  C CG2 . ILE A 1 115 ? 2.891   10.838  2.487   1.00 26.84  ? 129 ILE A CG2 1 
ATOM   914  C CD1 . ILE A 1 115 ? 0.521   8.823   3.052   1.00 26.47  ? 129 ILE A CD1 1 
ATOM   915  N N   . ASP A 1 116 ? 1.179   13.674  2.578   1.00 26.23  ? 130 ASP A N   1 
ATOM   916  C CA  . ASP A 1 116 ? 1.666   15.071  2.552   1.00 27.11  ? 130 ASP A CA  1 
ATOM   917  C C   . ASP A 1 116 ? 3.023   15.211  1.913   1.00 26.15  ? 130 ASP A C   1 
ATOM   918  O O   . ASP A 1 116 ? 3.941   14.417  2.144   1.00 25.71  ? 130 ASP A O   1 
ATOM   919  C CB  . ASP A 1 116 ? 1.744   15.620  3.960   1.00 30.36  ? 130 ASP A CB  1 
ATOM   920  C CG  . ASP A 1 116 ? 1.983   17.131  3.963   1.00 34.99  ? 130 ASP A CG  1 
ATOM   921  O OD1 . ASP A 1 116 ? 1.032   17.884  3.694   1.00 39.37  ? 130 ASP A OD1 1 
ATOM   922  O OD2 . ASP A 1 116 ? 3.142   17.492  4.164   1.00 31.20  ? 130 ASP A OD2 1 
ATOM   923  N N   . HIS A 1 117 ? 3.198   16.265  1.104   1.00 29.89  ? 131 HIS A N   1 
ATOM   924  C CA  . HIS A 1 117 ? 4.525   16.477  0.460   1.00 30.95  ? 131 HIS A CA  1 
ATOM   925  C C   . HIS A 1 117 ? 5.700   16.720  1.396   1.00 28.03  ? 131 HIS A C   1 
ATOM   926  O O   . HIS A 1 117 ? 6.816   16.564  0.979   1.00 33.31  ? 131 HIS A O   1 
ATOM   927  C CB  . HIS A 1 117 ? 4.452   17.549  -0.645  1.00 31.40  ? 131 HIS A CB  1 
ATOM   928  C CG  . HIS A 1 117 ? 4.318   18.951  -0.128  1.00 34.70  ? 131 HIS A CG  1 
ATOM   929  N ND1 . HIS A 1 117 ? 3.347   19.349  0.771   1.00 35.89  ? 131 HIS A ND1 1 
ATOM   930  C CD2 . HIS A 1 117 ? 5.040   20.058  -0.406  1.00 35.53  ? 131 HIS A CD2 1 
ATOM   931  C CE1 . HIS A 1 117 ? 3.499   20.633  1.042   1.00 32.86  ? 131 HIS A CE1 1 
ATOM   932  N NE2 . HIS A 1 117 ? 4.509   21.094  0.341   1.00 38.57  ? 131 HIS A NE2 1 
ATOM   933  N N   . ASN A 1 118 ? 5.512   17.076  2.657   1.00 30.24  ? 132 ASN A N   1 
ATOM   934  C CA  . ASN A 1 118 ? 6.634   17.273  3.578   1.00 32.00  ? 132 ASN A CA  1 
ATOM   935  C C   . ASN A 1 118 ? 6.926   16.028  4.440   1.00 35.95  ? 132 ASN A C   1 
ATOM   936  O O   . ASN A 1 118 ? 7.788   16.048  5.312   1.00 34.64  ? 132 ASN A O   1 
ATOM   937  C CB  . ASN A 1 118 ? 6.364   18.478  4.486   1.00 32.26  ? 132 ASN A CB  1 
ATOM   938  C CG  . ASN A 1 118 ? 6.472   19.796  3.718   1.00 35.84  ? 132 ASN A CG  1 
ATOM   939  O OD1 . ASN A 1 118 ? 5.583   20.650  3.782   1.00 35.96  ? 132 ASN A OD1 1 
ATOM   940  N ND2 . ASN A 1 118 ? 7.528   19.908  2.924   1.00 33.54  ? 132 ASN A ND2 1 
ATOM   941  N N   . PHE A 1 119 ? 6.213   14.917  4.194   1.00 32.97  ? 133 PHE A N   1 
ATOM   942  C CA  . PHE A 1 119 ? 6.557   13.684  4.911   1.00 29.15  ? 133 PHE A CA  1 
ATOM   943  C C   . PHE A 1 119 ? 7.896   13.143  4.464   1.00 28.11  ? 133 PHE A C   1 
ATOM   944  O O   . PHE A 1 119 ? 8.183   13.083  3.295   1.00 31.16  ? 133 PHE A O   1 
ATOM   945  C CB  . PHE A 1 119 ? 5.468   12.608  4.651   1.00 30.36  ? 133 PHE A CB  1 
ATOM   946  C CG  . PHE A 1 119 ? 5.858   11.225  5.107   1.00 29.66  ? 133 PHE A CG  1 
ATOM   947  C CD1 . PHE A 1 119 ? 5.873   10.891  6.443   1.00 32.95  ? 133 PHE A CD1 1 
ATOM   948  C CD2 . PHE A 1 119 ? 6.168   10.277  4.173   1.00 31.14  ? 133 PHE A CD2 1 
ATOM   949  C CE1 . PHE A 1 119 ? 6.218   9.580   6.843   1.00 33.15  ? 133 PHE A CE1 1 
ATOM   950  C CE2 . PHE A 1 119 ? 6.469   8.956   4.572   1.00 32.23  ? 133 PHE A CE2 1 
ATOM   951  C CZ  . PHE A 1 119 ? 6.503   8.647   5.886   1.00 28.21  ? 133 PHE A CZ  1 
ATOM   952  N N   . GLN A 1 120 ? 8.695   12.711  5.414   1.00 33.10  ? 134 GLN A N   1 
ATOM   953  C CA  . GLN A 1 120 ? 9.944   12.013  5.092   1.00 36.31  ? 134 GLN A CA  1 
ATOM   954  C C   . GLN A 1 120 ? 10.029  10.760  5.964   1.00 30.07  ? 134 GLN A C   1 
ATOM   955  O O   . GLN A 1 120 ? 9.975   10.839  7.176   1.00 32.10  ? 134 GLN A O   1 
ATOM   956  C CB  . GLN A 1 120 ? 11.130  12.923  5.363   1.00 46.21  ? 134 GLN A CB  1 
ATOM   957  C CG  . GLN A 1 120 ? 11.213  14.043  4.332   1.00 55.26  ? 134 GLN A CG  1 
ATOM   958  C CD  . GLN A 1 120 ? 12.624  14.539  4.163   1.00 65.35  ? 134 GLN A CD  1 
ATOM   959  O OE1 . GLN A 1 120 ? 13.232  14.349  3.106   1.00 75.71  ? 134 GLN A OE1 1 
ATOM   960  N NE2 . GLN A 1 120 ? 13.179  15.134  5.231   1.00 72.99  ? 134 GLN A NE2 1 
ATOM   961  N N   . ALA A 1 121 ? 10.151  9.629   5.314   1.00 35.84  ? 135 ALA A N   1 
ATOM   962  C CA  . ALA A 1 121 ? 10.051  8.353   6.040   1.00 37.19  ? 135 ALA A CA  1 
ATOM   963  C C   . ALA A 1 121 ? 11.186  8.223   7.008   1.00 38.95  ? 135 ALA A C   1 
ATOM   964  O O   . ALA A 1 121 ? 12.330  8.592   6.695   1.00 37.91  ? 135 ALA A O   1 
ATOM   965  C CB  . ALA A 1 121 ? 10.081  7.201   5.069   1.00 38.01  ? 135 ALA A CB  1 
ATOM   966  N N   . GLN A 1 122 ? 10.856  7.693   8.169   1.00 35.09  ? 136 GLN A N   1 
ATOM   967  C CA  . GLN A 1 122 ? 11.823  7.341   9.196   1.00 36.70  ? 136 GLN A CA  1 
ATOM   968  C C   . GLN A 1 122 ? 11.655  5.836   9.452   1.00 33.38  ? 136 GLN A C   1 
ATOM   969  O O   . GLN A 1 122 ? 10.911  5.478   10.362  1.00 31.15  ? 136 GLN A O   1 
ATOM   970  C CB  . GLN A 1 122 ? 11.498  8.131   10.452  1.00 40.88  ? 136 GLN A CB  1 
ATOM   971  C CG  . GLN A 1 122 ? 11.541  9.640   10.245  1.00 51.00  ? 136 GLN A CG  1 
ATOM   972  C CD  . GLN A 1 122 ? 11.217  10.385  11.516  1.00 60.85  ? 136 GLN A CD  1 
ATOM   973  O OE1 . GLN A 1 122 ? 10.091  10.850  11.726  1.00 59.80  ? 136 GLN A OE1 1 
ATOM   974  N NE2 . GLN A 1 122 ? 12.208  10.465  12.413  1.00 72.87  ? 136 GLN A NE2 1 
ATOM   975  N N   . PRO A 1 123 ? 12.322  4.980   8.655   1.00 32.85  ? 137 PRO A N   1 
ATOM   976  C CA  . PRO A 1 123 ? 12.168  3.531   8.832   1.00 35.06  ? 137 PRO A CA  1 
ATOM   977  C C   . PRO A 1 123 ? 12.508  3.129   10.262  1.00 39.97  ? 137 PRO A C   1 
ATOM   978  O O   . PRO A 1 123 ? 13.568  3.522   10.790  1.00 36.12  ? 137 PRO A O   1 
ATOM   979  C CB  . PRO A 1 123 ? 13.182  2.955   7.869   1.00 34.86  ? 137 PRO A CB  1 
ATOM   980  C CG  . PRO A 1 123 ? 13.381  4.006   6.838   1.00 36.93  ? 137 PRO A CG  1 
ATOM   981  C CD  . PRO A 1 123 ? 13.261  5.284   7.574   1.00 35.73  ? 137 PRO A CD  1 
ATOM   982  N N   . ASN A 1 124 ? 11.585  2.422   10.897  1.00 34.84  ? 138 ASN A N   1 
ATOM   983  C CA  . ASN A 1 124 ? 11.814  1.815   12.188  1.00 34.37  ? 138 ASN A CA  1 
ATOM   984  C C   . ASN A 1 124 ? 12.485  0.411   12.001  1.00 33.85  ? 138 ASN A C   1 
ATOM   985  O O   . ASN A 1 124 ? 11.848  -0.543  11.547  1.00 29.34  ? 138 ASN A O   1 
ATOM   986  C CB  . ASN A 1 124 ? 10.487  1.738   12.931  1.00 33.82  ? 138 ASN A CB  1 
ATOM   987  C CG  . ASN A 1 124 ? 10.565  0.944   14.216  1.00 36.79  ? 138 ASN A CG  1 
ATOM   988  O OD1 . ASN A 1 124 ? 11.648  0.441   14.622  1.00 39.24  ? 138 ASN A OD1 1 
ATOM   989  N ND2 . ASN A 1 124 ? 9.409   0.784   14.860  1.00 38.20  ? 138 ASN A ND2 1 
ATOM   990  N N   . PRO A 1 125 ? 13.794  0.273   12.326  1.00 31.65  ? 139 PRO A N   1 
ATOM   991  C CA  . PRO A 1 125 ? 14.491  -0.966  11.984  1.00 31.90  ? 139 PRO A CA  1 
ATOM   992  C C   . PRO A 1 125 ? 14.019  -2.268  12.698  1.00 30.97  ? 139 PRO A C   1 
ATOM   993  O O   . PRO A 1 125 ? 14.370  -3.334  12.226  1.00 35.18  ? 139 PRO A O   1 
ATOM   994  C CB  . PRO A 1 125 ? 15.978  -0.663  12.312  1.00 33.34  ? 139 PRO A CB  1 
ATOM   995  C CG  . PRO A 1 125 ? 15.905  0.381   13.330  1.00 33.53  ? 139 PRO A CG  1 
ATOM   996  C CD  . PRO A 1 125 ? 14.659  1.201   13.084  1.00 34.46  ? 139 PRO A CD  1 
ATOM   997  N N   . ALA A 1 126 ? 13.212  -2.151  13.743  1.00 33.77  ? 140 ALA A N   1 
ATOM   998  C CA  . ALA A 1 126 ? 12.571  -3.340  14.360  1.00 36.15  ? 140 ALA A CA  1 
ATOM   999  C C   . ALA A 1 126 ? 11.449  -3.911  13.453  1.00 38.58  ? 140 ALA A C   1 
ATOM   1000 O O   . ALA A 1 126 ? 11.056  -5.091  13.575  1.00 38.50  ? 140 ALA A O   1 
ATOM   1001 C CB  . ALA A 1 126 ? 12.004  -2.974  15.722  1.00 38.96  ? 140 ALA A CB  1 
ATOM   1002 N N   . GLU A 1 127 ? 10.929  -3.076  12.551  1.00 37.27  ? 141 GLU A N   1 
ATOM   1003 C CA  . GLU A 1 127 ? 9.782   -3.455  11.674  1.00 34.57  ? 141 GLU A CA  1 
ATOM   1004 C C   . GLU A 1 127 ? 10.187  -3.517  10.215  1.00 35.42  ? 141 GLU A C   1 
ATOM   1005 O O   . GLU A 1 127 ? 9.738   -4.387  9.502   1.00 32.45  ? 141 GLU A O   1 
ATOM   1006 C CB  . GLU A 1 127 ? 8.669   -2.418  11.780  1.00 40.67  ? 141 GLU A CB  1 
ATOM   1007 C CG  . GLU A 1 127 ? 8.196   -2.021  13.179  1.00 46.65  ? 141 GLU A CG  1 
ATOM   1008 C CD  . GLU A 1 127 ? 7.070   -2.854  13.715  1.00 52.10  ? 141 GLU A CD  1 
ATOM   1009 O OE1 . GLU A 1 127 ? 7.094   -3.131  14.926  1.00 63.30  ? 141 GLU A OE1 1 
ATOM   1010 O OE2 . GLU A 1 127 ? 6.150   -3.211  12.950  1.00 62.03  ? 141 GLU A OE2 1 
ATOM   1011 N N   . VAL A 1 128 ? 11.050  -2.588  9.763   1.00 28.40  ? 142 VAL A N   1 
ATOM   1012 C CA  . VAL A 1 128 ? 11.252  -2.373  8.354   1.00 32.21  ? 142 VAL A CA  1 
ATOM   1013 C C   . VAL A 1 128 ? 12.754  -2.194  8.098   1.00 31.28  ? 142 VAL A C   1 
ATOM   1014 O O   . VAL A 1 128 ? 13.393  -1.418  8.806   1.00 32.81  ? 142 VAL A O   1 
ATOM   1015 C CB  . VAL A 1 128 ? 10.414  -1.111  8.016   1.00 36.44  ? 142 VAL A CB  1 
ATOM   1016 C CG1 . VAL A 1 128 ? 11.002  -0.249  6.977   1.00 43.86  ? 142 VAL A CG1 1 
ATOM   1017 C CG2 . VAL A 1 128 ? 8.961   -1.515  7.719   1.00 36.80  ? 142 VAL A CG2 1 
ATOM   1018 N N   . LYS A 1 129 ? 13.259  -2.883  7.089   1.00 33.54  ? 143 LYS A N   1 
ATOM   1019 C CA  . LYS A 1 129 ? 14.651  -2.814  6.642   1.00 37.24  ? 143 LYS A CA  1 
ATOM   1020 C C   . LYS A 1 129 ? 14.879  -1.690  5.629   1.00 37.02  ? 143 LYS A C   1 
ATOM   1021 O O   . LYS A 1 129 ? 16.011  -1.216  5.456   1.00 32.73  ? 143 LYS A O   1 
ATOM   1022 C CB  . LYS A 1 129 ? 15.040  -4.132  5.978   1.00 44.48  ? 143 LYS A CB  1 
ATOM   1023 C CG  . LYS A 1 129 ? 16.513  -4.245  5.679   1.00 55.52  ? 143 LYS A CG  1 
ATOM   1024 C CD  . LYS A 1 129 ? 16.940  -5.693  5.509   1.00 61.78  ? 143 LYS A CD  1 
ATOM   1025 C CE  . LYS A 1 129 ? 16.337  -6.311  4.273   1.00 64.12  ? 143 LYS A CE  1 
ATOM   1026 N NZ  . LYS A 1 129 ? 17.332  -7.240  3.677   1.00 70.31  ? 143 LYS A NZ  1 
ATOM   1027 N N   . ASP A 1 130 ? 13.819  -1.278  4.920   1.00 30.06  ? 144 ASP A N   1 
ATOM   1028 C CA  . ASP A 1 130 ? 13.963  -0.315  3.833   1.00 28.89  ? 144 ASP A CA  1 
ATOM   1029 C C   . ASP A 1 130 ? 12.550  0.209   3.512   1.00 29.33  ? 144 ASP A C   1 
ATOM   1030 O O   . ASP A 1 130 ? 11.538  -0.444  3.897   1.00 28.63  ? 144 ASP A O   1 
ATOM   1031 C CB  . ASP A 1 130 ? 14.628  -0.987  2.622   1.00 31.14  ? 144 ASP A CB  1 
ATOM   1032 C CG  . ASP A 1 130 ? 15.192  -0.019  1.603   1.00 31.97  ? 144 ASP A CG  1 
ATOM   1033 O OD1 . ASP A 1 130 ? 15.130  1.217   1.797   1.00 30.30  ? 144 ASP A OD1 1 
ATOM   1034 O OD2 . ASP A 1 130 ? 15.694  -0.528  0.553   1.00 34.53  ? 144 ASP A OD2 1 
ATOM   1035 N N   . VAL A 1 131 ? 12.523  1.408   2.960   1.00 28.72  ? 145 VAL A N   1 
ATOM   1036 C CA  . VAL A 1 131 ? 11.315  2.085   2.431   1.00 29.77  ? 145 VAL A CA  1 
ATOM   1037 C C   . VAL A 1 131 ? 11.698  2.626   1.066   1.00 30.62  ? 145 VAL A C   1 
ATOM   1038 O O   . VAL A 1 131 ? 12.786  3.151   0.880   1.00 30.58  ? 145 VAL A O   1 
ATOM   1039 C CB  . VAL A 1 131 ? 10.850  3.200   3.378   1.00 30.52  ? 145 VAL A CB  1 
ATOM   1040 C CG1 . VAL A 1 131 ? 9.694   3.982   2.775   1.00 37.07  ? 145 VAL A CG1 1 
ATOM   1041 C CG2 . VAL A 1 131 ? 10.469  2.625   4.732   1.00 32.54  ? 145 VAL A CG2 1 
ATOM   1042 N N   . PHE A 1 132 ? 10.844  2.499   0.051   1.00 26.35  ? 146 PHE A N   1 
ATOM   1043 C CA  . PHE A 1 132 ? 11.179  2.957   -1.285  1.00 24.62  ? 146 PHE A CA  1 
ATOM   1044 C C   . PHE A 1 132 ? 9.904   3.319   -2.063  1.00 28.20  ? 146 PHE A C   1 
ATOM   1045 O O   . PHE A 1 132 ? 8.807   2.819   -1.708  1.00 27.03  ? 146 PHE A O   1 
ATOM   1046 C CB  . PHE A 1 132 ? 11.996  1.924   -2.096  1.00 29.62  ? 146 PHE A CB  1 
ATOM   1047 C CG  . PHE A 1 132 ? 11.281  0.634   -2.400  1.00 29.15  ? 146 PHE A CG  1 
ATOM   1048 C CD1 . PHE A 1 132 ? 11.174  -0.350  -1.433  1.00 31.49  ? 146 PHE A CD1 1 
ATOM   1049 C CD2 . PHE A 1 132 ? 10.770  0.397   -3.668  1.00 28.77  ? 146 PHE A CD2 1 
ATOM   1050 C CE1 . PHE A 1 132 ? 10.521  -1.566  -1.712  1.00 30.96  ? 146 PHE A CE1 1 
ATOM   1051 C CE2 . PHE A 1 132 ? 10.132  -0.811  -3.955  1.00 31.09  ? 146 PHE A CE2 1 
ATOM   1052 C CZ  . PHE A 1 132 ? 10.002  -1.781  -2.980  1.00 29.95  ? 146 PHE A CZ  1 
ATOM   1053 N N   . LEU A 1 133 ? 10.055  4.191   -3.053  1.00 25.81  ? 147 LEU A N   1 
ATOM   1054 C CA  . LEU A 1 133 ? 8.947   4.617   -3.893  1.00 27.58  ? 147 LEU A CA  1 
ATOM   1055 C C   . LEU A 1 133 ? 9.017   3.930   -5.226  1.00 29.99  ? 147 LEU A C   1 
ATOM   1056 O O   . LEU A 1 133 ? 10.119  3.676   -5.741  1.00 30.25  ? 147 LEU A O   1 
ATOM   1057 C CB  . LEU A 1 133 ? 8.952   6.115   -4.135  1.00 30.20  ? 147 LEU A CB  1 
ATOM   1058 C CG  . LEU A 1 133 ? 8.870   7.021   -2.926  1.00 31.16  ? 147 LEU A CG  1 
ATOM   1059 C CD1 . LEU A 1 133 ? 8.965   8.456   -3.355  1.00 36.38  ? 147 LEU A CD1 1 
ATOM   1060 C CD2 . LEU A 1 133 ? 7.557   6.815   -2.179  1.00 32.47  ? 147 LEU A CD2 1 
ATOM   1061 N N   . VAL A 1 134 ? 7.855   3.671   -5.830  1.00 25.08  ? 148 VAL A N   1 
ATOM   1062 C CA  . VAL A 1 134 ? 7.794   3.231   -7.233  1.00 26.39  ? 148 VAL A CA  1 
ATOM   1063 C C   . VAL A 1 134 ? 6.801   4.098   -7.961  1.00 26.20  ? 148 VAL A C   1 
ATOM   1064 O O   . VAL A 1 134 ? 5.661   4.289   -7.482  1.00 24.86  ? 148 VAL A O   1 
ATOM   1065 C CB  . VAL A 1 134 ? 7.375   1.722   -7.380  1.00 25.01  ? 148 VAL A CB  1 
ATOM   1066 C CG1 . VAL A 1 134 ? 7.383   1.314   -8.832  1.00 26.14  ? 148 VAL A CG1 1 
ATOM   1067 C CG2 . VAL A 1 134 ? 8.255   0.782   -6.580  1.00 28.22  ? 148 VAL A CG2 1 
ATOM   1068 N N   . PRO A 1 135 ? 7.157   4.626   -9.175  1.00 25.26  ? 149 PRO A N   1 
ATOM   1069 C CA  . PRO A 1 135 ? 6.135   5.385   -9.886  1.00 24.80  ? 149 PRO A CA  1 
ATOM   1070 C C   . PRO A 1 135 ? 4.906   4.482   -10.199 1.00 23.35  ? 149 PRO A C   1 
ATOM   1071 O O   . PRO A 1 135 ? 5.093   3.334   -10.591 1.00 24.93  ? 149 PRO A O   1 
ATOM   1072 C CB  . PRO A 1 135 ? 6.823   5.748   -11.216 1.00 27.03  ? 149 PRO A CB  1 
ATOM   1073 C CG  . PRO A 1 135 ? 8.320   5.627   -10.933 1.00 28.06  ? 149 PRO A CG  1 
ATOM   1074 C CD  . PRO A 1 135 ? 8.426   4.517   -9.930  1.00 28.76  ? 149 PRO A CD  1 
ATOM   1075 N N   . LEU A 1 136 ? 3.728   5.027   -10.006 1.00 23.86  ? 150 LEU A N   1 
ATOM   1076 C CA  . LEU A 1 136 ? 2.498   4.282   -10.225 1.00 25.42  ? 150 LEU A CA  1 
ATOM   1077 C C   . LEU A 1 136 ? 2.410   3.745   -11.665 1.00 26.83  ? 150 LEU A C   1 
ATOM   1078 O O   . LEU A 1 136 ? 1.995   2.587   -11.904 1.00 26.23  ? 150 LEU A O   1 
ATOM   1079 C CB  . LEU A 1 136 ? 1.320   5.177   -9.861  1.00 26.13  ? 150 LEU A CB  1 
ATOM   1080 C CG  . LEU A 1 136 ? -0.035  4.561   -9.790  1.00 27.33  ? 150 LEU A CG  1 
ATOM   1081 C CD1 . LEU A 1 136 ? -0.040  3.523   -8.682  1.00 25.91  ? 150 LEU A CD1 1 
ATOM   1082 C CD2 . LEU A 1 136 ? -1.082  5.620   -9.510  1.00 27.84  ? 150 LEU A CD2 1 
ATOM   1083 N N   . ALA A 1 137 ? 2.863   4.546   -12.641 1.00 26.36  ? 151 ALA A N   1 
ATOM   1084 C CA  . ALA A 1 137 ? 2.870   4.110   -14.048 1.00 26.80  ? 151 ALA A CA  1 
ATOM   1085 C C   . ALA A 1 137 ? 3.695   2.847   -14.341 1.00 26.85  ? 151 ALA A C   1 
ATOM   1086 O O   . ALA A 1 137 ? 3.390   2.105   -15.305 1.00 27.10  ? 151 ALA A O   1 
ATOM   1087 C CB  . ALA A 1 137 ? 3.312   5.264   -14.965 1.00 30.41  ? 151 ALA A CB  1 
ATOM   1088 N N   . TYR A 1 138 ? 4.687   2.536   -13.518 1.00 26.22  ? 152 TYR A N   1 
ATOM   1089 C CA  . TYR A 1 138 ? 5.463   1.312   -13.666 1.00 26.36  ? 152 TYR A CA  1 
ATOM   1090 C C   . TYR A 1 138 ? 4.534   0.073   -13.761 1.00 27.13  ? 152 TYR A C   1 
ATOM   1091 O O   . TYR A 1 138 ? 4.788   -0.892  -14.518 1.00 26.76  ? 152 TYR A O   1 
ATOM   1092 C CB  . TYR A 1 138 ? 6.455   1.145   -12.504 1.00 26.62  ? 152 TYR A CB  1 
ATOM   1093 C CG  . TYR A 1 138 ? 7.078   -0.210  -12.454 1.00 27.79  ? 152 TYR A CG  1 
ATOM   1094 C CD1 . TYR A 1 138 ? 8.193   -0.544  -13.233 1.00 29.53  ? 152 TYR A CD1 1 
ATOM   1095 C CD2 . TYR A 1 138 ? 6.526   -1.190  -11.634 1.00 27.61  ? 152 TYR A CD2 1 
ATOM   1096 C CE1 . TYR A 1 138 ? 8.701   -1.821  -13.210 1.00 29.26  ? 152 TYR A CE1 1 
ATOM   1097 C CE2 . TYR A 1 138 ? 7.003   -2.485  -11.636 1.00 30.55  ? 152 TYR A CE2 1 
ATOM   1098 C CZ  . TYR A 1 138 ? 8.100   -2.799  -12.406 1.00 29.78  ? 152 TYR A CZ  1 
ATOM   1099 O OH  . TYR A 1 138 ? 8.550   -4.120  -12.334 1.00 34.03  ? 152 TYR A OH  1 
ATOM   1100 N N   . PHE A 1 139 ? 3.465   0.117   -12.970 1.00 26.47  ? 153 PHE A N   1 
ATOM   1101 C CA  . PHE A 1 139 ? 2.599   -1.079  -12.827 1.00 25.66  ? 153 PHE A CA  1 
ATOM   1102 C C   . PHE A 1 139 ? 1.726   -1.348  -14.059 1.00 31.71  ? 153 PHE A C   1 
ATOM   1103 O O   . PHE A 1 139 ? 1.104   -2.451  -14.162 1.00 29.11  ? 153 PHE A O   1 
ATOM   1104 C CB  . PHE A 1 139 ? 1.817   -1.025  -11.494 1.00 25.19  ? 153 PHE A CB  1 
ATOM   1105 C CG  . PHE A 1 139 ? 2.745   -1.059  -10.304 1.00 24.18  ? 153 PHE A CG  1 
ATOM   1106 C CD1 . PHE A 1 139 ? 3.337   -2.248  -9.896  1.00 24.66  ? 153 PHE A CD1 1 
ATOM   1107 C CD2 . PHE A 1 139 ? 3.087   0.115   -9.624  1.00 24.97  ? 153 PHE A CD2 1 
ATOM   1108 C CE1 . PHE A 1 139 ? 4.227   -2.283  -8.850  1.00 24.97  ? 153 PHE A CE1 1 
ATOM   1109 C CE2 . PHE A 1 139 ? 3.987   0.080   -8.596  1.00 23.26  ? 153 PHE A CE2 1 
ATOM   1110 C CZ  . PHE A 1 139 ? 4.539   -1.106  -8.183  1.00 25.92  ? 153 PHE A CZ  1 
ATOM   1111 N N   . LEU A 1 140 ? 1.732   -0.392  -14.997 1.00 27.52  ? 154 LEU A N   1 
ATOM   1112 C CA  . LEU A 1 140 ? 1.128   -0.613  -16.311 1.00 30.80  ? 154 LEU A CA  1 
ATOM   1113 C C   . LEU A 1 140 ? 2.064   -1.345  -17.270 1.00 33.93  ? 154 LEU A C   1 
ATOM   1114 O O   . LEU A 1 140 ? 1.598   -1.985  -18.208 1.00 33.42  ? 154 LEU A O   1 
ATOM   1115 C CB  . LEU A 1 140 ? 0.675   0.700   -16.926 1.00 29.93  ? 154 LEU A CB  1 
ATOM   1116 C CG  . LEU A 1 140 ? -0.268  1.556   -16.096 1.00 32.80  ? 154 LEU A CG  1 
ATOM   1117 C CD1 . LEU A 1 140 ? -0.624  2.799   -16.873 1.00 37.01  ? 154 LEU A CD1 1 
ATOM   1118 C CD2 . LEU A 1 140 ? -1.523  0.815   -15.656 1.00 33.91  ? 154 LEU A CD2 1 
ATOM   1119 N N   . HIS A 1 141 ? 3.379   -1.246  -17.063 1.00 32.27  ? 155 HIS A N   1 
ATOM   1120 C CA  . HIS A 1 141 ? 4.378   -1.895  -17.920 1.00 35.21  ? 155 HIS A CA  1 
ATOM   1121 C C   . HIS A 1 141 ? 5.519   -2.414  -17.099 1.00 35.83  ? 155 HIS A C   1 
ATOM   1122 O O   . HIS A 1 141 ? 6.645   -1.960  -17.231 1.00 36.63  ? 155 HIS A O   1 
ATOM   1123 C CB  . HIS A 1 141 ? 4.887   -0.883  -18.945 1.00 37.20  ? 155 HIS A CB  1 
ATOM   1124 C CG  . HIS A 1 141 ? 3.834   -0.453  -19.910 1.00 37.91  ? 155 HIS A CG  1 
ATOM   1125 N ND1 . HIS A 1 141 ? 3.415   -1.266  -20.948 1.00 40.73  ? 155 HIS A ND1 1 
ATOM   1126 C CD2 . HIS A 1 141 ? 3.088   0.671   -19.982 1.00 38.88  ? 155 HIS A CD2 1 
ATOM   1127 C CE1 . HIS A 1 141 ? 2.477   -0.639  -21.638 1.00 39.19  ? 155 HIS A CE1 1 
ATOM   1128 N NE2 . HIS A 1 141 ? 2.257   0.539   -21.079 1.00 37.85  ? 155 HIS A NE2 1 
ATOM   1129 N N   . PRO A 1 142 ? 5.213   -3.353  -16.202 1.00 34.47  ? 156 PRO A N   1 
ATOM   1130 C CA  . PRO A 1 142 ? 6.199   -3.864  -15.275 1.00 36.91  ? 156 PRO A CA  1 
ATOM   1131 C C   . PRO A 1 142 ? 7.170   -4.813  -15.960 1.00 38.91  ? 156 PRO A C   1 
ATOM   1132 O O   . PRO A 1 142 ? 6.921   -5.239  -17.096 1.00 38.26  ? 156 PRO A O   1 
ATOM   1133 C CB  . PRO A 1 142 ? 5.338   -4.597  -14.224 1.00 38.97  ? 156 PRO A CB  1 
ATOM   1134 C CG  . PRO A 1 142 ? 4.121   -5.022  -14.977 1.00 38.16  ? 156 PRO A CG  1 
ATOM   1135 C CD  . PRO A 1 142 ? 3.897   -4.025  -16.064 1.00 37.00  ? 156 PRO A CD  1 
ATOM   1136 N N   . GLN A 1 143 ? 8.272   -5.072  -15.296 1.00 37.52  ? 157 GLN A N   1 
ATOM   1137 C CA  . GLN A 1 143 ? 9.260   -6.058  -15.731 1.00 43.77  ? 157 GLN A CA  1 
ATOM   1138 C C   . GLN A 1 143 ? 8.976   -7.351  -14.977 1.00 45.60  ? 157 GLN A C   1 
ATOM   1139 O O   . GLN A 1 143 ? 9.190   -7.423  -13.776 1.00 38.10  ? 157 GLN A O   1 
ATOM   1140 C CB  . GLN A 1 143 ? 10.681  -5.551  -15.476 1.00 48.51  ? 157 GLN A CB  1 
ATOM   1141 C CG  . GLN A 1 143 ? 11.757  -6.458  -16.051 1.00 57.75  ? 157 GLN A CG  1 
ATOM   1142 C CD  . GLN A 1 143 ? 13.170  -5.958  -15.790 1.00 65.06  ? 157 GLN A CD  1 
ATOM   1143 O OE1 . GLN A 1 143 ? 13.588  -4.936  -16.342 1.00 74.96  ? 157 GLN A OE1 1 
ATOM   1144 N NE2 . GLN A 1 143 ? 13.914  -6.678  -14.953 1.00 64.97  ? 157 GLN A NE2 1 
ATOM   1145 N N   . VAL A 1 144 ? 8.459   -8.356  -15.696 1.00 46.07  ? 158 VAL A N   1 
ATOM   1146 C CA  . VAL A 1 144 ? 7.834   -9.521  -15.098 1.00 48.89  ? 158 VAL A CA  1 
ATOM   1147 C C   . VAL A 1 144 ? 8.820   -10.674 -15.198 1.00 52.10  ? 158 VAL A C   1 
ATOM   1148 O O   . VAL A 1 144 ? 9.471   -10.837 -16.224 1.00 52.98  ? 158 VAL A O   1 
ATOM   1149 C CB  . VAL A 1 144 ? 6.507   -9.890  -15.821 1.00 52.90  ? 158 VAL A CB  1 
ATOM   1150 C CG1 . VAL A 1 144 ? 5.864   -11.131 -15.196 1.00 54.69  ? 158 VAL A CG1 1 
ATOM   1151 C CG2 . VAL A 1 144 ? 5.526   -8.726  -15.809 1.00 51.30  ? 158 VAL A CG2 1 
ATOM   1152 N N   . HIS A 1 145 ? 8.936   -11.442 -14.124 1.00 50.11  ? 159 HIS A N   1 
ATOM   1153 C CA  . HIS A 1 145 ? 9.755   -12.660 -14.079 1.00 61.76  ? 159 HIS A CA  1 
ATOM   1154 C C   . HIS A 1 145 ? 8.858   -13.761 -13.540 1.00 64.31  ? 159 HIS A C   1 
ATOM   1155 O O   . HIS A 1 145 ? 8.154   -13.557 -12.548 1.00 63.30  ? 159 HIS A O   1 
ATOM   1156 C CB  . HIS A 1 145 ? 10.980  -12.455 -13.177 1.00 66.70  ? 159 HIS A CB  1 
ATOM   1157 C CG  . HIS A 1 145 ? 12.051  -11.623 -13.813 1.00 81.53  ? 159 HIS A CG  1 
ATOM   1158 N ND1 . HIS A 1 145 ? 11.888  -10.279 -14.086 1.00 86.86  ? 159 HIS A ND1 1 
ATOM   1159 C CD2 . HIS A 1 145 ? 13.287  -11.950 -14.263 1.00 90.66  ? 159 HIS A CD2 1 
ATOM   1160 C CE1 . HIS A 1 145 ? 12.982  -9.814  -14.664 1.00 87.38  ? 159 HIS A CE1 1 
ATOM   1161 N NE2 . HIS A 1 145 ? 13.846  -10.806 -14.784 1.00 90.15  ? 159 HIS A NE2 1 
ATOM   1162 N N   . ASP A 1 146 ? 8.855   -14.909 -14.210 1.00 67.98  ? 160 ASP A N   1 
ATOM   1163 C CA  . ASP A 1 146 ? 8.062   -16.051 -13.781 1.00 69.81  ? 160 ASP A CA  1 
ATOM   1164 C C   . ASP A 1 146 ? 8.935   -16.914 -12.881 1.00 72.20  ? 160 ASP A C   1 
ATOM   1165 O O   . ASP A 1 146 ? 10.016  -17.329 -13.301 1.00 70.01  ? 160 ASP A O   1 
ATOM   1166 C CB  . ASP A 1 146 ? 7.547   -16.801 -15.005 1.00 76.92  ? 160 ASP A CB  1 
ATOM   1167 C CG  . ASP A 1 146 ? 6.742   -15.901 -15.936 1.00 83.38  ? 160 ASP A CG  1 
ATOM   1168 O OD1 . ASP A 1 146 ? 5.924   -15.100 -15.434 1.00 86.22  ? 160 ASP A OD1 1 
ATOM   1169 O OD2 . ASP A 1 146 ? 6.940   -15.972 -17.169 1.00 89.64  ? 160 ASP A OD2 1 
ATOM   1170 N N   . GLN A 1 147 ? 8.492   -17.132 -11.635 1.00 69.40  ? 161 GLN A N   1 
ATOM   1171 C CA  . GLN A 1 147 ? 9.261   -17.891 -10.632 1.00 73.42  ? 161 GLN A CA  1 
ATOM   1172 C C   . GLN A 1 147 ? 8.700   -19.297 -10.472 1.00 75.80  ? 161 GLN A C   1 
ATOM   1173 O O   . GLN A 1 147 ? 7.487   -19.496 -10.537 1.00 75.14  ? 161 GLN A O   1 
ATOM   1174 C CB  . GLN A 1 147 ? 9.236   -17.181 -9.275  1.00 70.27  ? 161 GLN A CB  1 
ATOM   1175 N N   . ILE A 1 158 ? 3.664   -21.930 -11.406 1.00 106.72 ? 172 ILE A N   1 
ATOM   1176 C CA  . ILE A 1 158 ? 4.568   -20.830 -11.745 1.00 110.00 ? 172 ILE A CA  1 
ATOM   1177 C C   . ILE A 1 158 ? 3.827   -19.484 -11.618 1.00 97.34  ? 172 ILE A C   1 
ATOM   1178 O O   . ILE A 1 158 ? 2.756   -19.317 -12.192 1.00 93.74  ? 172 ILE A O   1 
ATOM   1179 C CB  . ILE A 1 158 ? 5.166   -21.024 -13.169 1.00 116.46 ? 172 ILE A CB  1 
ATOM   1180 C CG1 . ILE A 1 158 ? 6.147   -22.221 -13.204 1.00 119.06 ? 172 ILE A CG1 1 
ATOM   1181 C CG2 . ILE A 1 158 ? 5.826   -19.746 -13.686 1.00 116.57 ? 172 ILE A CG2 1 
ATOM   1182 C CD1 . ILE A 1 158 ? 7.496   -22.021 -12.524 1.00 116.66 ? 172 ILE A CD1 1 
ATOM   1183 N N   . ASN A 1 159 ? 4.424   -18.533 -10.890 1.00 88.23  ? 173 ASN A N   1 
ATOM   1184 C CA  . ASN A 1 159 ? 3.773   -17.252 -10.536 1.00 80.81  ? 173 ASN A CA  1 
ATOM   1185 C C   . ASN A 1 159 ? 4.591   -15.986 -10.928 1.00 71.07  ? 173 ASN A C   1 
ATOM   1186 O O   . ASN A 1 159 ? 5.823   -15.982 -10.934 1.00 63.76  ? 173 ASN A O   1 
ATOM   1187 C CB  . ASN A 1 159 ? 3.385   -17.247 -9.040  1.00 81.26  ? 173 ASN A CB  1 
ATOM   1188 C CG  . ASN A 1 159 ? 4.493   -16.741 -8.130  1.00 82.54  ? 173 ASN A CG  1 
ATOM   1189 O OD1 . ASN A 1 159 ? 4.264   -15.866 -7.288  1.00 83.54  ? 173 ASN A OD1 1 
ATOM   1190 N ND2 . ASN A 1 159 ? 5.696   -17.284 -8.291  1.00 86.04  ? 173 ASN A ND2 1 
ATOM   1191 N N   . HIS A 1 160 ? 3.874   -14.914 -11.240 1.00 65.42  ? 174 HIS A N   1 
ATOM   1192 C CA  . HIS A 1 160 ? 4.466   -13.705 -11.810 1.00 61.32  ? 174 HIS A CA  1 
ATOM   1193 C C   . HIS A 1 160 ? 5.021   -12.788 -10.705 1.00 54.69  ? 174 HIS A C   1 
ATOM   1194 O O   . HIS A 1 160 ? 4.347   -12.529 -9.707  1.00 58.32  ? 174 HIS A O   1 
ATOM   1195 C CB  . HIS A 1 160 ? 3.430   -12.959 -12.664 1.00 67.56  ? 174 HIS A CB  1 
ATOM   1196 C CG  . HIS A 1 160 ? 2.823   -13.797 -13.751 1.00 77.49  ? 174 HIS A CG  1 
ATOM   1197 N ND1 . HIS A 1 160 ? 3.579   -14.571 -14.605 1.00 81.11  ? 174 HIS A ND1 1 
ATOM   1198 C CD2 . HIS A 1 160 ? 1.534   -13.968 -14.132 1.00 81.13  ? 174 HIS A CD2 1 
ATOM   1199 C CE1 . HIS A 1 160 ? 2.783   -15.189 -15.460 1.00 82.57  ? 174 HIS A CE1 1 
ATOM   1200 N NE2 . HIS A 1 160 ? 1.538   -14.839 -15.194 1.00 87.18  ? 174 HIS A NE2 1 
ATOM   1201 N N   . ILE A 1 161 ? 6.244   -12.304 -10.916 1.00 48.36  ? 175 ILE A N   1 
ATOM   1202 C CA  . ILE A 1 161 ? 6.979   -11.446 -9.980  1.00 49.23  ? 175 ILE A CA  1 
ATOM   1203 C C   . ILE A 1 161 ? 7.422   -10.183 -10.744 1.00 45.82  ? 175 ILE A C   1 
ATOM   1204 O O   . ILE A 1 161 ? 7.911   -10.298 -11.868 1.00 46.00  ? 175 ILE A O   1 
ATOM   1205 C CB  . ILE A 1 161 ? 8.188   -12.231 -9.419  1.00 50.40  ? 175 ILE A CB  1 
ATOM   1206 C CG1 . ILE A 1 161 ? 7.690   -13.241 -8.373  1.00 54.23  ? 175 ILE A CG1 1 
ATOM   1207 C CG2 . ILE A 1 161 ? 9.279   -11.342 -8.829  1.00 50.68  ? 175 ILE A CG2 1 
ATOM   1208 C CD1 . ILE A 1 161 ? 8.754   -14.213 -7.911  1.00 59.09  ? 175 ILE A CD1 1 
ATOM   1209 N N   . PHE A 1 162 ? 7.290   -8.999  -10.123 1.00 33.75  ? 176 PHE A N   1 
ATOM   1210 C CA  . PHE A 1 162 ? 7.740   -7.748  -10.718 1.00 30.02  ? 176 PHE A CA  1 
ATOM   1211 C C   . PHE A 1 162 ? 9.138   -7.433  -10.167 1.00 32.75  ? 176 PHE A C   1 
ATOM   1212 O O   . PHE A 1 162 ? 9.338   -7.602  -8.982  1.00 33.33  ? 176 PHE A O   1 
ATOM   1213 C CB  . PHE A 1 162 ? 6.821   -6.589  -10.364 1.00 32.16  ? 176 PHE A CB  1 
ATOM   1214 C CG  . PHE A 1 162 ? 5.419   -6.716  -10.870 1.00 32.11  ? 176 PHE A CG  1 
ATOM   1215 C CD1 . PHE A 1 162 ? 5.085   -7.529  -11.953 1.00 37.52  ? 176 PHE A CD1 1 
ATOM   1216 C CD2 . PHE A 1 162 ? 4.424   -5.977  -10.281 1.00 32.55  ? 176 PHE A CD2 1 
ATOM   1217 C CE1 . PHE A 1 162 ? 3.783   -7.570  -12.416 1.00 34.84  ? 176 PHE A CE1 1 
ATOM   1218 C CE2 . PHE A 1 162 ? 3.121   -6.053  -10.724 1.00 34.21  ? 176 PHE A CE2 1 
ATOM   1219 C CZ  . PHE A 1 162 ? 2.810   -6.805  -11.815 1.00 35.89  ? 176 PHE A CZ  1 
ATOM   1220 N N   . GLU A 1 163 ? 10.058  -7.010  -11.032 1.00 33.72  ? 177 GLU A N   1 
ATOM   1221 C CA  . GLU A 1 163 ? 11.365  -6.430  -10.643 1.00 36.04  ? 177 GLU A CA  1 
ATOM   1222 C C   . GLU A 1 163 ? 11.421  -4.948  -10.958 1.00 31.25  ? 177 GLU A C   1 
ATOM   1223 O O   . GLU A 1 163 ? 11.245  -4.516  -12.099 1.00 34.66  ? 177 GLU A O   1 
ATOM   1224 C CB  . GLU A 1 163 ? 12.526  -7.127  -11.350 1.00 41.44  ? 177 GLU A CB  1 
ATOM   1225 C CG  . GLU A 1 163 ? 12.572  -8.612  -11.023 1.00 51.37  ? 177 GLU A CG  1 
ATOM   1226 C CD  . GLU A 1 163 ? 13.942  -9.260  -11.199 1.00 61.57  ? 177 GLU A CD  1 
ATOM   1227 O OE1 . GLU A 1 163 ? 14.809  -8.670  -11.899 1.00 60.72  ? 177 GLU A OE1 1 
ATOM   1228 O OE2 . GLU A 1 163 ? 14.131  -10.369 -10.619 1.00 62.89  ? 177 GLU A OE2 1 
ATOM   1229 N N   . TYR A 1 164 ? 11.640  -4.148  -9.936  1.00 31.66  ? 178 TYR A N   1 
ATOM   1230 C CA  . TYR A 1 164 ? 11.751  -2.703  -10.125 1.00 30.07  ? 178 TYR A CA  1 
ATOM   1231 C C   . TYR A 1 164 ? 13.153  -2.311  -9.705  1.00 30.69  ? 178 TYR A C   1 
ATOM   1232 O O   . TYR A 1 164 ? 13.560  -2.580  -8.562  1.00 32.21  ? 178 TYR A O   1 
ATOM   1233 C CB  . TYR A 1 164 ? 10.763  -1.929  -9.239  1.00 30.19  ? 178 TYR A CB  1 
ATOM   1234 C CG  . TYR A 1 164 ? 10.997  -0.436  -9.336  1.00 30.79  ? 178 TYR A CG  1 
ATOM   1235 C CD1 . TYR A 1 164 ? 10.659  0.244   -10.500 1.00 34.95  ? 178 TYR A CD1 1 
ATOM   1236 C CD2 . TYR A 1 164 ? 11.583  0.291   -8.305  1.00 31.35  ? 178 TYR A CD2 1 
ATOM   1237 C CE1 . TYR A 1 164 ? 10.911  1.597   -10.642 1.00 34.79  ? 178 TYR A CE1 1 
ATOM   1238 C CE2 . TYR A 1 164 ? 11.819  1.663   -8.439  1.00 31.93  ? 178 TYR A CE2 1 
ATOM   1239 C CZ  . TYR A 1 164 ? 11.493  2.293   -9.597  1.00 31.01  ? 178 TYR A CZ  1 
ATOM   1240 O OH  . TYR A 1 164 ? 11.742  3.633   -9.819  1.00 36.16  ? 178 TYR A OH  1 
ATOM   1241 N N   . THR A 1 165 ? 13.832  -1.582  -10.583 1.00 31.79  ? 179 THR A N   1 
ATOM   1242 C CA  . THR A 1 165 ? 15.146  -1.012  -10.297 1.00 32.77  ? 179 THR A CA  1 
ATOM   1243 C C   . THR A 1 165 ? 15.072  0.480   -10.093 1.00 33.74  ? 179 THR A C   1 
ATOM   1244 O O   . THR A 1 165 ? 14.605  1.216   -10.969 1.00 34.82  ? 179 THR A O   1 
ATOM   1245 C CB  . THR A 1 165 ? 16.128  -1.340  -11.455 1.00 34.38  ? 179 THR A CB  1 
ATOM   1246 O OG1 . THR A 1 165 ? 16.144  -2.748  -11.655 1.00 35.87  ? 179 THR A OG1 1 
ATOM   1247 C CG2 . THR A 1 165 ? 17.555  -0.827  -11.127 1.00 34.60  ? 179 THR A CG2 1 
ATOM   1248 N N   . ASN A 1 166 ? 15.513  0.954   -8.925  1.00 29.11  ? 180 ASN A N   1 
ATOM   1249 C CA  . ASN A 1 166 ? 15.482  2.373   -8.630  1.00 31.43  ? 180 ASN A CA  1 
ATOM   1250 C C   . ASN A 1 166 ? 16.585  3.103   -9.421  1.00 33.31  ? 180 ASN A C   1 
ATOM   1251 O O   . ASN A 1 166 ? 17.755  2.808   -9.206  1.00 30.63  ? 180 ASN A O   1 
ATOM   1252 C CB  . ASN A 1 166 ? 15.711  2.549   -7.131  1.00 34.27  ? 180 ASN A CB  1 
ATOM   1253 C CG  . ASN A 1 166 ? 15.642  3.974   -6.676  1.00 34.26  ? 180 ASN A CG  1 
ATOM   1254 O OD1 . ASN A 1 166 ? 15.532  4.922   -7.460  1.00 35.35  ? 180 ASN A OD1 1 
ATOM   1255 N ND2 . ASN A 1 166 ? 15.713  4.142   -5.351  1.00 36.04  ? 180 ASN A ND2 1 
ATOM   1256 N N   . PRO A 1 167 ? 16.235  4.032   -10.330 1.00 34.27  ? 181 PRO A N   1 
ATOM   1257 C CA  . PRO A 1 167 ? 17.322  4.701   -11.132 1.00 35.67  ? 181 PRO A CA  1 
ATOM   1258 C C   . PRO A 1 167 ? 18.269  5.621   -10.329 1.00 34.75  ? 181 PRO A C   1 
ATOM   1259 O O   . PRO A 1 167 ? 19.340  5.962   -10.811 1.00 36.25  ? 181 PRO A O   1 
ATOM   1260 C CB  . PRO A 1 167 ? 16.543  5.512   -12.201 1.00 38.36  ? 181 PRO A CB  1 
ATOM   1261 C CG  . PRO A 1 167 ? 15.202  5.723   -11.587 1.00 40.74  ? 181 PRO A CG  1 
ATOM   1262 C CD  . PRO A 1 167 ? 14.894  4.504   -10.739 1.00 37.93  ? 181 PRO A CD  1 
ATOM   1263 N N   . GLU A 1 168 ? 17.868  6.018   -9.132  1.00 35.10  ? 182 GLU A N   1 
ATOM   1264 C CA  . GLU A 1 168 ? 18.707  6.789   -8.216  1.00 40.57  ? 182 GLU A CA  1 
ATOM   1265 C C   . GLU A 1 168 ? 19.997  6.071   -7.825  1.00 39.79  ? 182 GLU A C   1 
ATOM   1266 O O   . GLU A 1 168 ? 21.056  6.729   -7.712  1.00 36.23  ? 182 GLU A O   1 
ATOM   1267 C CB  . GLU A 1 168 ? 17.960  7.068   -6.914  1.00 44.36  ? 182 GLU A CB  1 
ATOM   1268 C CG  . GLU A 1 168 ? 16.805  8.044   -7.084  1.00 51.64  ? 182 GLU A CG  1 
ATOM   1269 C CD  . GLU A 1 168 ? 17.271  9.435   -7.412  1.00 58.65  ? 182 GLU A CD  1 
ATOM   1270 O OE1 . GLU A 1 168 ? 18.089  10.031  -6.626  1.00 60.61  ? 182 GLU A OE1 1 
ATOM   1271 O OE2 . GLU A 1 168 ? 16.811  9.924   -8.462  1.00 66.07  ? 182 GLU A OE2 1 
ATOM   1272 N N   . ASP A 1 169 ? 19.871  4.766   -7.559  1.00 35.13  ? 183 ASP A N   1 
ATOM   1273 C CA  . ASP A 1 169 ? 20.923  3.934   -7.024  1.00 33.85  ? 183 ASP A CA  1 
ATOM   1274 C C   . ASP A 1 169 ? 21.149  2.548   -7.638  1.00 34.32  ? 183 ASP A C   1 
ATOM   1275 O O   . ASP A 1 169 ? 22.100  1.853   -7.263  1.00 31.87  ? 183 ASP A O   1 
ATOM   1276 C CB  . ASP A 1 169 ? 20.798  3.831   -5.508  1.00 32.35  ? 183 ASP A CB  1 
ATOM   1277 C CG  . ASP A 1 169 ? 19.557  3.065   -5.062  1.00 41.53  ? 183 ASP A CG  1 
ATOM   1278 O OD1 . ASP A 1 169 ? 18.867  2.439   -5.900  1.00 37.45  ? 183 ASP A OD1 1 
ATOM   1279 O OD2 . ASP A 1 169 ? 19.320  3.068   -3.846  1.00 42.49  ? 183 ASP A OD2 1 
ATOM   1280 N N   . GLY A 1 170 ? 20.340  2.139   -8.617  1.00 34.11  ? 184 GLY A N   1 
ATOM   1281 C CA  . GLY A 1 170 ? 20.434  0.783   -9.198  1.00 31.17  ? 184 GLY A CA  1 
ATOM   1282 C C   . GLY A 1 170 ? 20.019  -0.437  -8.401  1.00 34.10  ? 184 GLY A C   1 
ATOM   1283 O O   . GLY A 1 170 ? 20.253  -1.593  -8.837  1.00 32.09  ? 184 GLY A O   1 
ATOM   1284 N N   . VAL A 1 171 ? 19.396  -0.220  -7.243  1.00 31.38  ? 185 VAL A N   1 
ATOM   1285 C CA  . VAL A 1 171 ? 18.925  -1.304  -6.399  1.00 32.61  ? 185 VAL A CA  1 
ATOM   1286 C C   . VAL A 1 171 ? 17.646  -1.874  -6.997  1.00 36.69  ? 185 VAL A C   1 
ATOM   1287 O O   . VAL A 1 171 ? 16.739  -1.104  -7.365  1.00 31.00  ? 185 VAL A O   1 
ATOM   1288 C CB  . VAL A 1 171 ? 18.680  -0.818  -4.961  1.00 34.55  ? 185 VAL A CB  1 
ATOM   1289 C CG1 . VAL A 1 171 ? 18.047  -1.918  -4.105  1.00 37.63  ? 185 VAL A CG1 1 
ATOM   1290 C CG2 . VAL A 1 171 ? 20.031  -0.349  -4.358  1.00 38.36  ? 185 VAL A CG2 1 
ATOM   1291 N N   . THR A 1 172 ? 17.596  -3.196  -7.068  1.00 34.44  ? 186 THR A N   1 
ATOM   1292 C CA  . THR A 1 172 ? 16.423  -3.917  -7.608  1.00 36.01  ? 186 THR A CA  1 
ATOM   1293 C C   . THR A 1 172 ? 15.579  -4.486  -6.459  1.00 35.45  ? 186 THR A C   1 
ATOM   1294 O O   . THR A 1 172 ? 16.093  -5.020  -5.497  1.00 36.45  ? 186 THR A O   1 
ATOM   1295 C CB  . THR A 1 172 ? 16.844  -5.009  -8.615  1.00 37.66  ? 186 THR A CB  1 
ATOM   1296 O OG1 . THR A 1 172 ? 17.539  -4.379  -9.698  1.00 37.29  ? 186 THR A OG1 1 
ATOM   1297 C CG2 . THR A 1 172 ? 15.615  -5.747  -9.195  1.00 40.42  ? 186 THR A CG2 1 
ATOM   1298 N N   . TYR A 1 173 ? 14.268  -4.301  -6.538  1.00 32.63  ? 187 TYR A N   1 
ATOM   1299 C CA  . TYR A 1 173 ? 13.327  -4.862  -5.579  1.00 33.37  ? 187 TYR A CA  1 
ATOM   1300 C C   . TYR A 1 173 ? 12.393  -5.836  -6.316  1.00 36.49  ? 187 TYR A C   1 
ATOM   1301 O O   . TYR A 1 173 ? 12.054  -5.593  -7.485  1.00 35.55  ? 187 TYR A O   1 
ATOM   1302 C CB  . TYR A 1 173 ? 12.492  -3.731  -4.988  1.00 31.30  ? 187 TYR A CB  1 
ATOM   1303 C CG  . TYR A 1 173 ? 13.298  -2.679  -4.219  1.00 33.30  ? 187 TYR A CG  1 
ATOM   1304 C CD1 . TYR A 1 173 ? 13.547  -2.833  -2.865  1.00 32.93  ? 187 TYR A CD1 1 
ATOM   1305 C CD2 . TYR A 1 173 ? 13.823  -1.549  -4.867  1.00 34.85  ? 187 TYR A CD2 1 
ATOM   1306 C CE1 . TYR A 1 173 ? 14.265  -1.876  -2.150  1.00 32.53  ? 187 TYR A CE1 1 
ATOM   1307 C CE2 . TYR A 1 173 ? 14.540  -0.570  -4.174  1.00 34.47  ? 187 TYR A CE2 1 
ATOM   1308 C CZ  . TYR A 1 173 ? 14.785  -0.747  -2.814  1.00 35.55  ? 187 TYR A CZ  1 
ATOM   1309 O OH  . TYR A 1 173 ? 15.499  0.208   -2.123  1.00 34.39  ? 187 TYR A OH  1 
ATOM   1310 N N   . GLN A 1 174 ? 12.008  -6.918  -5.640  1.00 31.41  ? 188 GLN A N   1 
ATOM   1311 C CA  . GLN A 1 174 ? 11.014  -7.870  -6.129  1.00 34.08  ? 188 GLN A CA  1 
ATOM   1312 C C   . GLN A 1 174 ? 9.695   -7.607  -5.449  1.00 31.15  ? 188 GLN A C   1 
ATOM   1313 O O   . GLN A 1 174 ? 9.645   -7.535  -4.242  1.00 31.30  ? 188 GLN A O   1 
ATOM   1314 C CB  . GLN A 1 174 ? 11.441  -9.309  -5.827  1.00 38.19  ? 188 GLN A CB  1 
ATOM   1315 C CG  . GLN A 1 174 ? 12.656  -9.766  -6.622  1.00 44.74  ? 188 GLN A CG  1 
ATOM   1316 C CD  . GLN A 1 174 ? 12.888  -11.272 -6.505  1.00 53.77  ? 188 GLN A CD  1 
ATOM   1317 O OE1 . GLN A 1 174 ? 12.442  -11.923 -5.550  1.00 56.98  ? 188 GLN A OE1 1 
ATOM   1318 N NE2 . GLN A 1 174 ? 13.574  -11.831 -7.487  1.00 58.03  ? 188 GLN A NE2 1 
ATOM   1319 N N   . ILE A 1 175 ? 8.633   -7.449  -6.236  1.00 29.40  ? 189 ILE A N   1 
ATOM   1320 C CA  . ILE A 1 175 ? 7.320   -7.155  -5.679  1.00 30.10  ? 189 ILE A CA  1 
ATOM   1321 C C   . ILE A 1 175 ? 6.378   -8.287  -6.131  1.00 29.46  ? 189 ILE A C   1 
ATOM   1322 O O   . ILE A 1 175 ? 6.310   -8.574  -7.319  1.00 30.10  ? 189 ILE A O   1 
ATOM   1323 C CB  . ILE A 1 175 ? 6.817   -5.791  -6.181  1.00 29.52  ? 189 ILE A CB  1 
ATOM   1324 C CG1 . ILE A 1 175 ? 7.899   -4.720  -5.918  1.00 31.07  ? 189 ILE A CG1 1 
ATOM   1325 C CG2 . ILE A 1 175 ? 5.539   -5.369  -5.459  1.00 29.84  ? 189 ILE A CG2 1 
ATOM   1326 C CD1 . ILE A 1 175 ? 7.477   -3.341  -6.387  1.00 32.43  ? 189 ILE A CD1 1 
ATOM   1327 N N   . LYS A 1 176 ? 5.679   -8.909  -5.196  1.00 29.93  ? 190 LYS A N   1 
ATOM   1328 C CA  . LYS A 1 176 ? 4.857   -10.042 -5.612  1.00 32.07  ? 190 LYS A CA  1 
ATOM   1329 C C   . LYS A 1 176 ? 3.606   -10.200 -4.802  1.00 30.75  ? 190 LYS A C   1 
ATOM   1330 O O   . LYS A 1 176 ? 3.329   -9.440  -3.866  1.00 26.63  ? 190 LYS A O   1 
ATOM   1331 C CB  . LYS A 1 176 ? 5.732   -11.298 -5.566  1.00 37.85  ? 190 LYS A CB  1 
ATOM   1332 C CG  . LYS A 1 176 ? 6.204   -11.672 -4.209  1.00 40.99  ? 190 LYS A CG  1 
ATOM   1333 C CD  . LYS A 1 176 ? 7.358   -12.703 -4.226  1.00 45.94  ? 190 LYS A CD  1 
ATOM   1334 C CE  . LYS A 1 176 ? 7.502   -13.261 -2.806  1.00 52.37  ? 190 LYS A CE  1 
ATOM   1335 N NZ  . LYS A 1 176 ? 8.391   -14.448 -2.613  1.00 58.57  ? 190 LYS A NZ  1 
ATOM   1336 N N   . GLY A 1 177 ? 2.778   -11.188 -5.185  1.00 29.97  ? 191 GLY A N   1 
ATOM   1337 C CA  . GLY A 1 177 ? 1.619   -11.516 -4.359  1.00 28.91  ? 191 GLY A CA  1 
ATOM   1338 C C   . GLY A 1 177 ? 0.576   -10.427 -4.225  1.00 27.17  ? 191 GLY A C   1 
ATOM   1339 O O   . GLY A 1 177 ? 0.326   -9.697  -5.180  1.00 26.93  ? 191 GLY A O   1 
ATOM   1340 N N   . MET A 1 178 ? -0.073  -10.365 -3.049  1.00 25.71  ? 192 MET A N   1 
ATOM   1341 C CA  . MET A 1 178 ? -1.122  -9.386  -2.787  1.00 27.09  ? 192 MET A CA  1 
ATOM   1342 C C   . MET A 1 178 ? -0.607  -7.977  -3.031  1.00 25.14  ? 192 MET A C   1 
ATOM   1343 O O   . MET A 1 178 ? -1.329  -7.120  -3.547  1.00 23.69  ? 192 MET A O   1 
ATOM   1344 C CB  . MET A 1 178 ? -1.588  -9.484  -1.358  1.00 28.16  ? 192 MET A CB  1 
ATOM   1345 C CG  . MET A 1 178 ? -2.767  -8.613  -0.998  1.00 29.23  ? 192 MET A CG  1 
ATOM   1346 S SD  . MET A 1 178 ? -3.111  -8.539  0.813   1.00 33.63  ? 192 MET A SD  1 
ATOM   1347 C CE  . MET A 1 178 ? -1.665  -7.621  1.424   1.00 34.74  ? 192 MET A CE  1 
ATOM   1348 N N   . THR A 1 179 ? 0.627   -7.746  -2.608  1.00 26.12  ? 193 THR A N   1 
ATOM   1349 C CA  . THR A 1 179 ? 1.240   -6.399  -2.774  1.00 24.55  ? 193 THR A CA  1 
ATOM   1350 C C   . THR A 1 179 ? 1.300   -5.972  -4.235  1.00 25.72  ? 193 THR A C   1 
ATOM   1351 O O   . THR A 1 179 ? 0.848   -4.883  -4.586  1.00 23.11  ? 193 THR A O   1 
ATOM   1352 C CB  . THR A 1 179 ? 2.629   -6.410  -2.159  1.00 26.95  ? 193 THR A CB  1 
ATOM   1353 O OG1 . THR A 1 179 ? 2.470   -6.690  -0.756  1.00 26.15  ? 193 THR A OG1 1 
ATOM   1354 C CG2 . THR A 1 179 ? 3.294   -5.010  -2.338  1.00 28.41  ? 193 THR A CG2 1 
ATOM   1355 N N   . ALA A 1 180 ? 1.795   -6.861  -5.089  1.00 23.86  ? 194 ALA A N   1 
ATOM   1356 C CA  . ALA A 1 180 ? 1.810   -6.592  -6.553  1.00 24.57  ? 194 ALA A CA  1 
ATOM   1357 C C   . ALA A 1 180 ? 0.425   -6.443  -7.138  1.00 23.53  ? 194 ALA A C   1 
ATOM   1358 O O   . ALA A 1 180 ? 0.141   -5.561  -7.971  1.00 22.74  ? 194 ALA A O   1 
ATOM   1359 C CB  . ALA A 1 180 ? 2.577   -7.672  -7.294  1.00 25.53  ? 194 ALA A CB  1 
ATOM   1360 N N   . ASN A 1 181 ? -0.491  -7.313  -6.723  1.00 24.34  ? 195 ASN A N   1 
ATOM   1361 C CA  . ASN A 1 181 ? -1.848  -7.199  -7.188  1.00 25.06  ? 195 ASN A CA  1 
ATOM   1362 C C   . ASN A 1 181 ? -2.530  -5.897  -6.866  1.00 22.57  ? 195 ASN A C   1 
ATOM   1363 O O   . ASN A 1 181 ? -3.214  -5.326  -7.748  1.00 23.14  ? 195 ASN A O   1 
ATOM   1364 C CB  . ASN A 1 181 ? -2.690  -8.409  -6.720  1.00 26.39  ? 195 ASN A CB  1 
ATOM   1365 C CG  . ASN A 1 181 ? -2.394  -9.629  -7.585  1.00 32.35  ? 195 ASN A CG  1 
ATOM   1366 O OD1 . ASN A 1 181 ? -3.159  -9.939  -8.509  1.00 49.99  ? 195 ASN A OD1 1 
ATOM   1367 N ND2 . ASN A 1 181 ? -1.276  -10.249 -7.376  1.00 34.66  ? 195 ASN A ND2 1 
ATOM   1368 N N   . LEU A 1 182 ? -2.386  -5.417  -5.617  1.00 21.80  ? 196 LEU A N   1 
ATOM   1369 C CA  . LEU A 1 182 ? -2.983  -4.155  -5.216  1.00 23.77  ? 196 LEU A CA  1 
ATOM   1370 C C   . LEU A 1 182 ? -2.366  -2.945  -5.930  1.00 21.60  ? 196 LEU A C   1 
ATOM   1371 O O   . LEU A 1 182 ? -3.073  -1.983  -6.268  1.00 21.80  ? 196 LEU A O   1 
ATOM   1372 C CB  . LEU A 1 182 ? -2.937  -3.966  -3.708  1.00 23.70  ? 196 LEU A CB  1 
ATOM   1373 C CG  . LEU A 1 182 ? -3.854  -4.902  -2.885  1.00 23.15  ? 196 LEU A CG  1 
ATOM   1374 C CD1 . LEU A 1 182 ? -3.543  -4.804  -1.392  1.00 25.39  ? 196 LEU A CD1 1 
ATOM   1375 C CD2 . LEU A 1 182 ? -5.309  -4.590  -3.152  1.00 25.43  ? 196 LEU A CD2 1 
ATOM   1376 N N   . ALA A 1 183 ? -1.064  -3.012  -6.157  1.00 23.58  ? 197 ALA A N   1 
ATOM   1377 C CA  . ALA A 1 183 ? -0.364  -1.936  -6.896  1.00 23.90  ? 197 ALA A CA  1 
ATOM   1378 C C   . ALA A 1 183 ? -0.906  -1.770  -8.313  1.00 22.34  ? 197 ALA A C   1 
ATOM   1379 O O   . ALA A 1 183 ? -1.183  -0.653  -8.768  1.00 21.63  ? 197 ALA A O   1 
ATOM   1380 C CB  . ALA A 1 183 ? 1.136   -2.213  -6.918  1.00 24.15  ? 197 ALA A CB  1 
ATOM   1381 N N   . VAL A 1 184 ? -1.138  -2.899  -8.973  1.00 22.86  ? 198 VAL A N   1 
ATOM   1382 C CA  . VAL A 1 184 ? -1.750  -2.895  -10.317 1.00 24.29  ? 198 VAL A CA  1 
ATOM   1383 C C   . VAL A 1 184 ? -3.139  -2.317  -10.296 1.00 21.95  ? 198 VAL A C   1 
ATOM   1384 O O   . VAL A 1 184 ? -3.510  -1.471  -11.129 1.00 22.48  ? 198 VAL A O   1 
ATOM   1385 C CB  . VAL A 1 184 ? -1.697  -4.298  -10.982 1.00 24.72  ? 198 VAL A CB  1 
ATOM   1386 C CG1 . VAL A 1 184 ? -2.567  -4.307  -12.260 1.00 27.14  ? 198 VAL A CG1 1 
ATOM   1387 C CG2 . VAL A 1 184 ? -0.284  -4.684  -11.303 1.00 27.52  ? 198 VAL A CG2 1 
ATOM   1388 N N   . LEU A 1 185 ? -3.955  -2.774  -9.351  1.00 23.00  ? 199 LEU A N   1 
ATOM   1389 C CA  . LEU A 1 185 ? -5.305  -2.254  -9.206  1.00 22.17  ? 199 LEU A CA  1 
ATOM   1390 C C   . LEU A 1 185 ? -5.350  -0.714  -9.076  1.00 23.03  ? 199 LEU A C   1 
ATOM   1391 O O   . LEU A 1 185 ? -6.105  -0.026  -9.764  1.00 23.03  ? 199 LEU A O   1 
ATOM   1392 C CB  . LEU A 1 185 ? -6.002  -2.896  -8.001  1.00 23.61  ? 199 LEU A CB  1 
ATOM   1393 C CG  . LEU A 1 185 ? -7.380  -2.345  -7.647  1.00 23.97  ? 199 LEU A CG  1 
ATOM   1394 C CD1 . LEU A 1 185 ? -8.404  -2.564  -8.753  1.00 25.84  ? 199 LEU A CD1 1 
ATOM   1395 C CD2 . LEU A 1 185 ? -7.873  -3.012  -6.369  1.00 26.90  ? 199 LEU A CD2 1 
ATOM   1396 N N   . VAL A 1 186 ? -4.536  -0.168  -8.167  1.00 21.72  ? 200 VAL A N   1 
ATOM   1397 C CA  . VAL A 1 186 ? -4.485  1.258   -7.945  1.00 22.28  ? 200 VAL A CA  1 
ATOM   1398 C C   . VAL A 1 186 ? -4.035  1.984   -9.233  1.00 21.42  ? 200 VAL A C   1 
ATOM   1399 O O   . VAL A 1 186 ? -4.628  2.967   -9.603  1.00 22.98  ? 200 VAL A O   1 
ATOM   1400 C CB  . VAL A 1 186 ? -3.543  1.579   -6.747  1.00 25.19  ? 200 VAL A CB  1 
ATOM   1401 C CG1 . VAL A 1 186 ? -3.316  3.077   -6.630  1.00 28.24  ? 200 VAL A CG1 1 
ATOM   1402 C CG2 . VAL A 1 186 ? -4.216  1.131   -5.501  1.00 27.10  ? 200 VAL A CG2 1 
ATOM   1403 N N   . ALA A 1 187 ? -3.008  1.455   -9.898  1.00 21.96  ? 201 ALA A N   1 
ATOM   1404 C CA  . ALA A 1 187 ? -2.551  2.040   -11.181 1.00 23.64  ? 201 ALA A CA  1 
ATOM   1405 C C   . ALA A 1 187 ? -3.689  2.094   -12.221 1.00 23.79  ? 201 ALA A C   1 
ATOM   1406 O O   . ALA A 1 187 ? -3.897  3.112   -12.893 1.00 23.59  ? 201 ALA A O   1 
ATOM   1407 C CB  . ALA A 1 187 ? -1.344  1.318   -11.703 1.00 25.05  ? 201 ALA A CB  1 
ATOM   1408 N N   . PHE A 1 188 ? -4.390  0.978   -12.395 1.00 23.07  ? 202 PHE A N   1 
ATOM   1409 C CA  . PHE A 1 188 ? -5.522  0.966   -13.341 1.00 24.13  ? 202 PHE A CA  1 
ATOM   1410 C C   . PHE A 1 188 ? -6.558  2.014   -12.966 1.00 22.59  ? 202 PHE A C   1 
ATOM   1411 O O   . PHE A 1 188 ? -7.056  2.754   -13.804 1.00 23.79  ? 202 PHE A O   1 
ATOM   1412 C CB  . PHE A 1 188 ? -6.224  -0.402  -13.407 1.00 24.26  ? 202 PHE A CB  1 
ATOM   1413 C CG  . PHE A 1 188 ? -5.480  -1.522  -14.100 1.00 26.57  ? 202 PHE A CG  1 
ATOM   1414 C CD1 . PHE A 1 188 ? -4.353  -1.350  -14.882 1.00 26.40  ? 202 PHE A CD1 1 
ATOM   1415 C CD2 . PHE A 1 188 ? -6.001  -2.828  -13.993 1.00 28.19  ? 202 PHE A CD2 1 
ATOM   1416 C CE1 . PHE A 1 188 ? -3.716  -2.411  -15.490 1.00 28.11  ? 202 PHE A CE1 1 
ATOM   1417 C CE2 . PHE A 1 188 ? -5.374  -3.891  -14.627 1.00 28.80  ? 202 PHE A CE2 1 
ATOM   1418 C CZ  . PHE A 1 188 ? -4.257  -3.682  -15.402 1.00 30.21  ? 202 PHE A CZ  1 
ATOM   1419 N N   . ILE A 1 189 ? -6.964  2.073   -11.675 1.00 21.86  ? 203 ILE A N   1 
ATOM   1420 C CA  . ILE A 1 189 ? -7.989  2.960   -11.255 1.00 21.65  ? 203 ILE A CA  1 
ATOM   1421 C C   . ILE A 1 189 ? -7.650  4.418   -11.567 1.00 22.66  ? 203 ILE A C   1 
ATOM   1422 O O   . ILE A 1 189 ? -8.473  5.146   -12.084 1.00 24.53  ? 203 ILE A O   1 
ATOM   1423 C CB  . ILE A 1 189 ? -8.276  2.866   -9.720  1.00 21.50  ? 203 ILE A CB  1 
ATOM   1424 C CG1 . ILE A 1 189 ? -9.019  1.550   -9.455  1.00 24.83  ? 203 ILE A CG1 1 
ATOM   1425 C CG2 . ILE A 1 189 ? -9.112  4.023   -9.224  1.00 20.81  ? 203 ILE A CG2 1 
ATOM   1426 C CD1 . ILE A 1 189 ? -9.122  1.184   -7.966  1.00 26.53  ? 203 ILE A CD1 1 
ATOM   1427 N N   . ILE A 1 190 ? -6.403  4.781   -11.264 1.00 22.62  ? 204 ILE A N   1 
ATOM   1428 C CA  . ILE A 1 190 ? -5.993  6.189   -11.347 1.00 23.68  ? 204 ILE A CA  1 
ATOM   1429 C C   . ILE A 1 190 ? -5.550  6.607   -12.756 1.00 23.35  ? 204 ILE A C   1 
ATOM   1430 O O   . ILE A 1 190 ? -5.818  7.727   -13.137 1.00 26.45  ? 204 ILE A O   1 
ATOM   1431 C CB  . ILE A 1 190 ? -4.882  6.457   -10.316 1.00 24.52  ? 204 ILE A CB  1 
ATOM   1432 C CG1 . ILE A 1 190 ? -5.478  6.284   -8.908  1.00 24.17  ? 204 ILE A CG1 1 
ATOM   1433 C CG2 . ILE A 1 190 ? -4.294  7.851   -10.522 1.00 27.67  ? 204 ILE A CG2 1 
ATOM   1434 C CD1 . ILE A 1 190 ? -4.455  6.443   -7.814  1.00 26.94  ? 204 ILE A CD1 1 
ATOM   1435 N N   . LEU A 1 191 ? -4.920  5.698   -13.493 1.00 23.13  ? 205 LEU A N   1 
ATOM   1436 C CA  . LEU A 1 191 ? -4.250  6.063   -14.755 1.00 24.03  ? 205 LEU A CA  1 
ATOM   1437 C C   . LEU A 1 191 ? -4.986  5.642   -16.035 1.00 27.52  ? 205 LEU A C   1 
ATOM   1438 O O   . LEU A 1 191 ? -4.622  6.122   -17.139 1.00 27.15  ? 205 LEU A O   1 
ATOM   1439 C CB  . LEU A 1 191 ? -2.836  5.545   -14.760 1.00 25.05  ? 205 LEU A CB  1 
ATOM   1440 C CG  . LEU A 1 191 ? -1.927  6.049   -13.620 1.00 26.50  ? 205 LEU A CG  1 
ATOM   1441 C CD1 . LEU A 1 191 ? -0.598  5.341   -13.716 1.00 26.25  ? 205 LEU A CD1 1 
ATOM   1442 C CD2 . LEU A 1 191 ? -1.777  7.565   -13.667 1.00 30.36  ? 205 LEU A CD2 1 
ATOM   1443 N N   . GLU A 1 192 ? -5.955  4.741   -15.934 1.00 25.75  ? 206 GLU A N   1 
ATOM   1444 C CA  . GLU A 1 192 ? -6.663  4.338   -17.191 1.00 29.83  ? 206 GLU A CA  1 
ATOM   1445 C C   . GLU A 1 192 ? -7.358  5.534   -17.849 1.00 29.71  ? 206 GLU A C   1 
ATOM   1446 O O   . GLU A 1 192 ? -7.884  6.472   -17.201 1.00 32.11  ? 206 GLU A O   1 
ATOM   1447 C CB  . GLU A 1 192 ? -7.667  3.197   -16.936 1.00 30.77  ? 206 GLU A CB  1 
ATOM   1448 C CG  . GLU A 1 192 ? -8.887  3.675   -16.220 1.00 32.52  ? 206 GLU A CG  1 
ATOM   1449 C CD  . GLU A 1 192 ? -10.026 2.643   -16.145 1.00 42.90  ? 206 GLU A CD  1 
ATOM   1450 O OE1 . GLU A 1 192 ? -9.972  1.637   -16.894 1.00 41.89  ? 206 GLU A OE1 1 
ATOM   1451 O OE2 . GLU A 1 192 ? -10.964 2.889   -15.341 1.00 45.42  ? 206 GLU A OE2 1 
ATOM   1452 N N   . LYS A 1 193 ? -7.358  5.518   -19.181 1.00 33.69  ? 207 LYS A N   1 
ATOM   1453 C CA  . LYS A 1 193 ? -8.154  6.473   -19.951 1.00 37.19  ? 207 LYS A CA  1 
ATOM   1454 C C   . LYS A 1 193 ? -7.907  7.901   -19.557 1.00 37.85  ? 207 LYS A C   1 
ATOM   1455 O O   . LYS A 1 193 ? -8.798  8.581   -19.077 1.00 40.08  ? 207 LYS A O   1 
ATOM   1456 C CB  . LYS A 1 193 ? -9.649  6.149   -19.861 1.00 46.26  ? 207 LYS A CB  1 
ATOM   1457 C CG  . LYS A 1 193 ? -10.020 4.729   -20.275 1.00 52.78  ? 207 LYS A CG  1 
ATOM   1458 C CD  . LYS A 1 193 ? -11.537 4.558   -20.097 1.00 62.06  ? 207 LYS A CD  1 
ATOM   1459 C CE  . LYS A 1 193 ? -11.945 3.185   -19.569 1.00 65.04  ? 207 LYS A CE  1 
ATOM   1460 N NZ  . LYS A 1 193 ? -13.232 3.287   -18.810 1.00 68.64  ? 207 LYS A NZ  1 
ATOM   1461 N N   . LYS A 1 194 ? -6.682  8.356   -19.769 1.00 39.15  ? 208 LYS A N   1 
ATOM   1462 C CA  . LYS A 1 194 ? -6.290  9.752   -19.451 1.00 48.10  ? 208 LYS A CA  1 
ATOM   1463 C C   . LYS A 1 194 ? -5.737  10.410  -20.697 1.00 46.40  ? 208 LYS A C   1 
ATOM   1464 O O   . LYS A 1 194 ? -4.881  9.815   -21.353 1.00 41.76  ? 208 LYS A O   1 
ATOM   1465 C CB  . LYS A 1 194 ? -5.225  9.786   -18.352 1.00 53.57  ? 208 LYS A CB  1 
ATOM   1466 C CG  . LYS A 1 194 ? -5.787  9.529   -16.958 1.00 63.13  ? 208 LYS A CG  1 
ATOM   1467 C CD  . LYS A 1 194 ? -5.595  10.703  -16.012 1.00 68.69  ? 208 LYS A CD  1 
ATOM   1468 C CE  . LYS A 1 194 ? -4.127  10.872  -15.638 1.00 71.65  ? 208 LYS A CE  1 
ATOM   1469 N NZ  . LYS A 1 194 ? -4.020  11.558  -14.326 1.00 76.05  ? 208 LYS A NZ  1 
ATOM   1470 N N   . PRO A 1 195 ? -6.207  11.639  -21.020 1.00 54.01  ? 209 PRO A N   1 
ATOM   1471 C CA  . PRO A 1 195 ? -5.561  12.389  -22.120 1.00 56.93  ? 209 PRO A CA  1 
ATOM   1472 C C   . PRO A 1 195 ? -4.104  12.764  -21.793 1.00 59.73  ? 209 PRO A C   1 
ATOM   1473 O O   . PRO A 1 195 ? -3.791  12.995  -20.623 1.00 61.15  ? 209 PRO A O   1 
ATOM   1474 C CB  . PRO A 1 195 ? -6.427  13.652  -22.258 1.00 58.01  ? 209 PRO A CB  1 
ATOM   1475 C CG  . PRO A 1 195 ? -7.699  13.384  -21.517 1.00 60.04  ? 209 PRO A CG  1 
ATOM   1476 C CD  . PRO A 1 195 ? -7.383  12.352  -20.471 1.00 58.37  ? 209 PRO A CD  1 
ATOM   1477 N N   . THR A 1 196 ? -3.225  12.787  -22.796 1.00 60.10  ? 210 THR A N   1 
ATOM   1478 C CA  . THR A 1 196 ? -1.853  13.275  -22.609 1.00 67.87  ? 210 THR A CA  1 
ATOM   1479 C C   . THR A 1 196 ? -1.794  14.770  -22.943 1.00 71.73  ? 210 THR A C   1 
ATOM   1480 O O   . THR A 1 196 ? -1.628  15.604  -22.055 1.00 79.24  ? 210 THR A O   1 
ATOM   1481 C CB  . THR A 1 196 ? -0.835  12.497  -23.471 1.00 69.60  ? 210 THR A CB  1 
ATOM   1482 O OG1 . THR A 1 196 ? -1.072  12.760  -24.858 1.00 67.91  ? 210 THR A OG1 1 
ATOM   1483 C CG2 . THR A 1 196 ? -0.954  10.995  -23.217 1.00 70.03  ? 210 THR A CG2 1 
HETATM 1484 C C   . ACT B 2 .   ? 13.255  -7.578  -2.072  1.00 57.40  ? 301 ACT A C   1 
HETATM 1485 O O   . ACT B 2 .   ? 13.440  -6.610  -1.299  1.00 58.81  ? 301 ACT A O   1 
HETATM 1486 O OXT . ACT B 2 .   ? 13.512  -7.493  -3.279  1.00 48.57  ? 301 ACT A OXT 1 
HETATM 1487 C CH3 . ACT B 2 .   ? 12.720  -8.874  -1.533  1.00 56.82  ? 301 ACT A CH3 1 
HETATM 1488 C C   . ACT C 2 .   ? -5.672  14.801  6.689   1.00 61.91  ? 302 ACT A C   1 
HETATM 1489 O O   . ACT C 2 .   ? -5.309  14.406  7.818   1.00 69.86  ? 302 ACT A O   1 
HETATM 1490 O OXT . ACT C 2 .   ? -4.871  15.363  5.916   1.00 68.09  ? 302 ACT A OXT 1 
HETATM 1491 C CH3 . ACT C 2 .   ? -7.083  14.606  6.259   1.00 58.96  ? 302 ACT A CH3 1 
HETATM 1492 S S   . DMS D 3 .   ? 8.081   12.836  9.451   1.00 68.22  ? 303 DMS A S   1 
HETATM 1493 O O   . DMS D 3 .   ? 7.790   13.440  8.108   1.00 40.06  ? 303 DMS A O   1 
HETATM 1494 C C1  . DMS D 3 .   ? 6.727   12.908  10.513  1.00 55.90  ? 303 DMS A C1  1 
HETATM 1495 C C2  . DMS D 3 .   ? 8.163   11.115  9.496   1.00 57.01  ? 303 DMS A C2  1 
HETATM 1496 S S   . DMS E 3 .   ? -0.266  18.185  0.619   1.00 60.41  ? 304 DMS A S   1 
HETATM 1497 O O   . DMS E 3 .   ? 0.984   17.514  0.130   1.00 39.24  ? 304 DMS A O   1 
HETATM 1498 C C1  . DMS E 3 .   ? -0.142  19.897  0.578   1.00 55.43  ? 304 DMS A C1  1 
HETATM 1499 C C2  . DMS E 3 .   ? -1.544  17.950  -0.503  1.00 60.09  ? 304 DMS A C2  1 
HETATM 1500 C C4  . H1P F 4 .   ? -1.794  -13.523 6.510   0.46 33.31  ? 305 H1P A C4  1 
HETATM 1501 C C5  . H1P F 4 .   ? -2.162  -12.624 7.491   0.46 33.10  ? 305 H1P A C5  1 
HETATM 1502 C C6  . H1P F 4 .   ? 1.267   -11.985 3.862   0.46 38.05  ? 305 H1P A C6  1 
HETATM 1503 C C7  . H1P F 4 .   ? 1.685   -11.414 2.514   0.46 39.61  ? 305 H1P A C7  1 
HETATM 1504 C C8  . H1P F 4 .   ? 0.745   -10.251 2.247   0.46 35.74  ? 305 H1P A C8  1 
HETATM 1505 C C10 . H1P F 4 .   ? -0.494  -9.439  6.403   0.46 31.37  ? 305 H1P A C10 1 
HETATM 1506 C C13 . H1P F 4 .   ? 0.570   -6.834  6.553   0.46 33.03  ? 305 H1P A C13 1 
HETATM 1507 C C15 . H1P F 4 .   ? -1.344  -8.328  6.601   0.46 32.06  ? 305 H1P A C15 1 
HETATM 1508 F F   . H1P F 4 .   ? 1.148   -5.585  6.523   0.46 31.73  ? 305 H1P A F   1 
HETATM 1509 C C12 . H1P F 4 .   ? 1.420   -7.943  6.343   0.46 34.19  ? 305 H1P A C12 1 
HETATM 1510 C C11 . H1P F 4 .   ? 0.880   -9.227  6.265   0.46 32.14  ? 305 H1P A C11 1 
HETATM 1511 C C14 . H1P F 4 .   ? -0.821  -7.014  6.691   0.46 30.32  ? 305 H1P A C14 1 
HETATM 1512 C C1  . H1P F 4 .   ? -0.978  -10.844 6.384   0.46 32.38  ? 305 H1P A C1  1 
HETATM 1513 C C2  . H1P F 4 .   ? -0.642  -11.755 5.385   0.46 33.56  ? 305 H1P A C2  1 
HETATM 1514 C C3  . H1P F 4 .   ? -1.040  -13.089 5.466   0.46 34.57  ? 305 H1P A C3  1 
HETATM 1515 C C   . H1P F 4 .   ? -1.749  -11.305 7.414   0.46 30.38  ? 305 H1P A C   1 
HETATM 1516 N N   . H1P F 4 .   ? 0.069   -11.382 4.254   0.46 37.10  ? 305 H1P A N   1 
HETATM 1517 C C9  . H1P F 4 .   ? -0.390  -10.340 3.305   0.46 37.60  ? 305 H1P A C9  1 
HETATM 1518 O O   . H1P F 4 .   ? 1.888   -12.796 4.550   0.46 37.43  ? 305 H1P A O   1 
HETATM 1519 O O   . HOH G 5 .   ? -19.589 -6.173  7.175   1.00 36.74  ? 401 HOH A O   1 
HETATM 1520 O O   . HOH G 5 .   ? 5.799   -3.217  6.590   1.00 46.36  ? 402 HOH A O   1 
HETATM 1521 O O   . HOH G 5 .   ? 9.986   5.894   12.670  1.00 55.73  ? 403 HOH A O   1 
HETATM 1522 O O   . HOH G 5 .   ? -0.252  20.002  4.209   1.00 45.73  ? 404 HOH A O   1 
HETATM 1523 O O   . HOH G 5 .   ? -4.760  -9.174  -10.342 1.00 34.14  ? 405 HOH A O   1 
HETATM 1524 O O   . HOH G 5 .   ? -4.054  11.906  -11.115 1.00 39.40  ? 406 HOH A O   1 
HETATM 1525 O O   . HOH G 5 .   ? 0.023   -12.436 -7.704  1.00 46.98  ? 407 HOH A O   1 
HETATM 1526 O O   . HOH G 5 .   ? -4.442  19.699  -6.078  1.00 48.09  ? 408 HOH A O   1 
HETATM 1527 O O   . HOH G 5 .   ? -8.079  -12.321 15.577  1.00 42.46  ? 409 HOH A O   1 
HETATM 1528 O O   . HOH G 5 .   ? 16.675  2.198   -3.333  1.00 46.80  ? 410 HOH A O   1 
HETATM 1529 O O   . HOH G 5 .   ? -2.281  18.652  -11.558 1.00 47.58  ? 411 HOH A O   1 
HETATM 1530 O O   . HOH G 5 .   ? 4.006   2.933   -17.724 1.00 45.91  ? 412 HOH A O   1 
HETATM 1531 O O   . HOH G 5 .   ? -1.304  -4.578  15.691  1.00 46.72  ? 413 HOH A O   1 
HETATM 1532 O O   . HOH G 5 .   ? -16.724 -3.978  13.150  1.00 80.88  ? 414 HOH A O   1 
HETATM 1533 O O   . HOH G 5 .   ? -15.809 10.336  -7.524  1.00 44.54  ? 415 HOH A O   1 
HETATM 1534 O O   . HOH G 5 .   ? 2.945   20.023  4.912   1.00 35.20  ? 416 HOH A O   1 
HETATM 1535 O O   . HOH G 5 .   ? 3.001   -12.862 -7.451  1.00 44.92  ? 417 HOH A O   1 
HETATM 1536 O O   . HOH G 5 .   ? -9.084  0.637   -19.181 1.00 49.42  ? 418 HOH A O   1 
HETATM 1537 O O   . HOH G 5 .   ? -7.428  -8.436  16.231  1.00 49.40  ? 419 HOH A O   1 
HETATM 1538 O O   . HOH G 5 .   ? -13.474 -16.408 4.034   1.00 30.45  ? 420 HOH A O   1 
HETATM 1539 O O   . HOH G 5 .   ? -5.670  3.240   16.420  1.00 32.64  ? 421 HOH A O   1 
HETATM 1540 O O   . HOH G 5 .   ? 9.667   19.096  4.289   1.00 70.01  ? 422 HOH A O   1 
HETATM 1541 O O   . HOH G 5 .   ? -11.448 15.090  -5.963  1.00 41.72  ? 423 HOH A O   1 
HETATM 1542 O O   . HOH G 5 .   ? -4.583  14.099  -13.723 1.00 52.56  ? 424 HOH A O   1 
HETATM 1543 O O   . HOH G 5 .   ? 2.447   -9.366  -0.717  1.00 32.19  ? 425 HOH A O   1 
HETATM 1544 O O   . HOH G 5 .   ? 4.905   -5.399  -18.853 1.00 55.54  ? 426 HOH A O   1 
HETATM 1545 O O   . HOH G 5 .   ? 9.126   -14.168 18.611  1.00 96.90  ? 427 HOH A O   1 
HETATM 1546 O O   . HOH G 5 .   ? 16.657  -3.041  0.609   1.00 55.65  ? 428 HOH A O   1 
HETATM 1547 O O   . HOH G 5 .   ? 1.497   -14.648 -9.996  1.00 60.61  ? 429 HOH A O   1 
HETATM 1548 O O   . HOH G 5 .   ? -11.014 4.439   -13.133 1.00 32.20  ? 430 HOH A O   1 
HETATM 1549 O O   . HOH G 5 .   ? -13.415 -10.230 14.044  1.00 34.90  ? 431 HOH A O   1 
HETATM 1550 O O   . HOH G 5 .   ? 7.719   0.487   -16.834 1.00 46.89  ? 432 HOH A O   1 
HETATM 1551 O O   . HOH G 5 .   ? -1.790  -0.225  20.278  1.00 37.43  ? 433 HOH A O   1 
HETATM 1552 O O   . HOH G 5 .   ? 6.156   -8.666  -2.240  1.00 30.12  ? 434 HOH A O   1 
HETATM 1553 O O   . HOH G 5 .   ? -15.398 -2.956  4.267   1.00 41.42  ? 435 HOH A O   1 
HETATM 1554 O O   . HOH G 5 .   ? -8.512  -4.619  9.718   1.00 26.52  ? 436 HOH A O   1 
HETATM 1555 O O   . HOH G 5 .   ? -4.609  3.394   18.800  1.00 36.75  ? 437 HOH A O   1 
HETATM 1556 O O   . HOH G 5 .   ? 15.614  -4.050  9.918   1.00 48.87  ? 438 HOH A O   1 
HETATM 1557 O O   . HOH G 5 .   ? 6.938   10.441  13.282  1.00 48.17  ? 439 HOH A O   1 
HETATM 1558 O O   . HOH G 5 .   ? -10.624 -2.466  17.410  1.00 30.93  ? 440 HOH A O   1 
HETATM 1559 O O   . HOH G 5 .   ? 5.719   -5.061  10.988  1.00 61.70  ? 441 HOH A O   1 
HETATM 1560 O O   . HOH G 5 .   ? -22.707 -4.972  4.878   1.00 42.24  ? 442 HOH A O   1 
HETATM 1561 O O   . HOH G 5 .   ? 2.564   13.913  -1.993  1.00 37.19  ? 443 HOH A O   1 
HETATM 1562 O O   . HOH G 5 .   ? 21.383  3.844   -2.209  1.00 38.88  ? 444 HOH A O   1 
HETATM 1563 O O   . HOH G 5 .   ? 13.309  0.415   16.813  1.00 55.16  ? 445 HOH A O   1 
HETATM 1564 O O   . HOH G 5 .   ? 11.466  4.568   -12.394 1.00 44.41  ? 446 HOH A O   1 
HETATM 1565 O O   . HOH G 5 .   ? 14.222  -4.183  -13.010 1.00 52.08  ? 447 HOH A O   1 
HETATM 1566 O O   . HOH G 5 .   ? -4.378  -13.740 12.832  1.00 62.40  ? 448 HOH A O   1 
HETATM 1567 O O   . HOH G 5 .   ? 4.531   -9.249  1.580   1.00 50.02  ? 449 HOH A O   1 
HETATM 1568 O O   . HOH G 5 .   ? -0.370  7.168   10.253  1.00 35.93  ? 450 HOH A O   1 
HETATM 1569 O O   . HOH G 5 .   ? -4.799  4.898   14.248  1.00 31.04  ? 451 HOH A O   1 
HETATM 1570 O O   . HOH G 5 .   ? -0.237  -4.234  -15.805 1.00 37.73  ? 452 HOH A O   1 
HETATM 1571 O O   . HOH G 5 .   ? 15.642  0.204   8.791   1.00 36.25  ? 453 HOH A O   1 
HETATM 1572 O O   . HOH G 5 .   ? 15.862  -7.794  -5.384  1.00 57.92  ? 454 HOH A O   1 
HETATM 1573 O O   . HOH G 5 .   ? 8.201   -8.210  -18.474 1.00 47.65  ? 455 HOH A O   1 
HETATM 1574 O O   . HOH G 5 .   ? 12.874  3.271   -5.429  1.00 52.65  ? 456 HOH A O   1 
HETATM 1575 O O   . HOH G 5 .   ? 8.147   -10.978 14.947  1.00 74.37  ? 457 HOH A O   1 
HETATM 1576 O O   . HOH G 5 .   ? 15.905  4.780   9.882   1.00 40.64  ? 458 HOH A O   1 
HETATM 1577 O O   . HOH G 5 .   ? 4.390   -3.898  -21.021 1.00 52.99  ? 459 HOH A O   1 
HETATM 1578 O O   . HOH G 5 .   ? -14.298 -8.052  8.657   1.00 29.70  ? 460 HOH A O   1 
HETATM 1579 O O   . HOH G 5 .   ? -10.206 6.116   11.816  1.00 47.43  ? 461 HOH A O   1 
HETATM 1580 O O   . HOH G 5 .   ? -10.079 -12.271 -1.802  1.00 36.36  ? 462 HOH A O   1 
HETATM 1581 O O   . HOH G 5 .   ? 9.124   -9.189  -2.009  1.00 37.68  ? 463 HOH A O   1 
HETATM 1582 O O   . HOH G 5 .   ? 9.980   9.328   2.508   1.00 52.32  ? 464 HOH A O   1 
HETATM 1583 O O   . HOH G 5 .   ? -6.373  10.328  -12.174 1.00 37.90  ? 465 HOH A O   1 
HETATM 1584 O O   . HOH G 5 .   ? -13.922 3.993   3.168   1.00 60.47  ? 466 HOH A O   1 
HETATM 1585 O O   . HOH G 5 .   ? -4.683  8.947   -24.046 1.00 30.75  ? 467 HOH A O   1 
HETATM 1586 O O   . HOH G 5 .   ? -13.373 -4.356  5.210   1.00 48.10  ? 468 HOH A O   1 
HETATM 1587 O O   . HOH G 5 .   ? -19.826 -3.839  8.762   1.00 52.50  ? 469 HOH A O   1 
HETATM 1588 O O   . HOH G 5 .   ? -3.034  18.232  -7.770  1.00 43.86  ? 470 HOH A O   1 
HETATM 1589 O O   . HOH G 5 .   ? 2.824   -5.858  10.546  1.00 45.44  ? 471 HOH A O   1 
HETATM 1590 O O   . HOH G 5 .   ? 1.276   13.735  15.632  1.00 58.19  ? 472 HOH A O   1 
HETATM 1591 O O   . HOH G 5 .   ? -2.470  7.971   -17.512 1.00 33.70  ? 473 HOH A O   1 
HETATM 1592 O O   . HOH G 5 .   ? 4.020   -9.005  11.556  1.00 57.46  ? 474 HOH A O   1 
HETATM 1593 O O   . HOH G 5 .   ? 4.000   4.749   16.506  1.00 53.03  ? 475 HOH A O   1 
HETATM 1594 O O   . HOH G 5 .   ? -4.426  15.580  1.351   1.00 44.54  ? 476 HOH A O   1 
HETATM 1595 O O   . HOH G 5 .   ? -19.245 3.870   -7.886  1.00 52.48  ? 477 HOH A O   1 
HETATM 1596 O O   . HOH G 5 .   ? -2.286  14.375  2.703   1.00 37.93  ? 478 HOH A O   1 
HETATM 1597 O O   . HOH G 5 .   ? 0.537   -6.952  13.088  1.00 36.81  ? 479 HOH A O   1 
HETATM 1598 O O   . HOH G 5 .   ? -9.908  -6.295  8.000   1.00 25.88  ? 480 HOH A O   1 
HETATM 1599 O O   . HOH G 5 .   ? -7.632  10.659  6.801   1.00 39.77  ? 481 HOH A O   1 
HETATM 1600 O O   . HOH G 5 .   ? -5.565  10.889  8.974   1.00 44.76  ? 482 HOH A O   1 
HETATM 1601 O O   . HOH G 5 .   ? 6.940   -4.581  8.772   1.00 43.18  ? 483 HOH A O   1 
HETATM 1602 O O   . HOH G 5 .   ? -2.374  9.074   -20.099 1.00 39.89  ? 484 HOH A O   1 
HETATM 1603 O O   . HOH G 5 .   ? 4.188   16.925  6.913   1.00 42.65  ? 485 HOH A O   1 
HETATM 1604 O O   . HOH G 5 .   ? -10.989 12.118  -11.936 1.00 52.50  ? 486 HOH A O   1 
HETATM 1605 O O   . HOH G 5 .   ? -12.952 10.350  0.202   1.00 51.95  ? 487 HOH A O   1 
HETATM 1606 O O   . HOH G 5 .   ? -15.582 -16.486 13.134  1.00 46.71  ? 488 HOH A O   1 
HETATM 1607 O O   . HOH G 5 .   ? -9.001  -9.679  14.443  1.00 34.65  ? 489 HOH A O   1 
HETATM 1608 O O   . HOH G 5 .   ? 12.715  5.413   -3.078  1.00 33.93  ? 490 HOH A O   1 
HETATM 1609 O O   . HOH G 5 .   ? -15.720 3.691   10.353  1.00 56.20  ? 491 HOH A O   1 
HETATM 1610 O O   . HOH G 5 .   ? 16.585  6.334   -3.607  1.00 45.28  ? 492 HOH A O   1 
HETATM 1611 O O   . HOH G 5 .   ? 6.433   12.579  0.993   1.00 50.34  ? 493 HOH A O   1 
HETATM 1612 O O   . HOH G 5 .   ? 5.679   7.919   -13.847 1.00 39.10  ? 494 HOH A O   1 
HETATM 1613 O O   . HOH G 5 .   ? -13.951 -0.699  10.015  1.00 35.97  ? 495 HOH A O   1 
HETATM 1614 O O   . HOH G 5 .   ? 3.592   7.434   -12.247 1.00 28.94  ? 496 HOH A O   1 
HETATM 1615 O O   . HOH G 5 .   ? -11.492 -21.795 9.070   1.00 48.60  ? 497 HOH A O   1 
HETATM 1616 O O   . HOH G 5 .   ? 7.975   5.131   14.250  1.00 43.18  ? 498 HOH A O   1 
HETATM 1617 O O   . HOH G 5 .   ? -15.144 -2.655  11.742  1.00 59.67  ? 499 HOH A O   1 
HETATM 1618 O O   . HOH G 5 .   ? 19.992  -4.802  -6.351  1.00 48.54  ? 500 HOH A O   1 
HETATM 1619 O O   . HOH G 5 .   ? 1.465   4.059   16.129  1.00 37.85  ? 501 HOH A O   1 
HETATM 1620 O O   . HOH G 5 .   ? -3.803  -7.275  18.007  1.00 46.79  ? 502 HOH A O   1 
HETATM 1621 O O   . HOH G 5 .   ? 0.763   -12.373 -0.971  1.00 42.10  ? 503 HOH A O   1 
HETATM 1622 O O   . HOH G 5 .   ? -12.416 2.246   8.456   1.00 33.31  ? 504 HOH A O   1 
HETATM 1623 O O   . HOH G 5 .   ? 0.983   9.891   -12.195 1.00 35.33  ? 505 HOH A O   1 
HETATM 1624 O O   . HOH G 5 .   ? -0.816  9.759   16.520  1.00 61.61  ? 506 HOH A O   1 
HETATM 1625 O O   . HOH G 5 .   ? -6.060  -18.450 0.870   1.00 48.10  ? 507 HOH A O   1 
HETATM 1626 O O   . HOH G 5 .   ? 8.563   22.015  0.943   1.00 54.76  ? 508 HOH A O   1 
HETATM 1627 O O   . HOH G 5 .   ? 12.727  -0.939  -13.379 1.00 40.07  ? 509 HOH A O   1 
HETATM 1628 O O   . HOH G 5 .   ? -1.629  11.241  -12.395 1.00 49.09  ? 510 HOH A O   1 
HETATM 1629 O O   . HOH G 5 .   ? -15.366 -8.348  13.428  1.00 51.64  ? 511 HOH A O   1 
HETATM 1630 O O   . HOH G 5 .   ? -1.826  15.802  4.615   1.00 50.19  ? 512 HOH A O   1 
HETATM 1631 O O   . HOH G 5 .   ? -15.397 -0.625  13.684  1.00 53.57  ? 513 HOH A O   1 
HETATM 1632 O O   . HOH G 5 .   ? 10.641  8.352   -9.949  1.00 54.01  ? 514 HOH A O   1 
HETATM 1633 O O   . HOH G 5 .   ? -13.125 -19.670 9.174   1.00 40.23  ? 515 HOH A O   1 
HETATM 1634 O O   . HOH G 5 .   ? 16.262  -6.547  9.072   1.00 50.40  ? 516 HOH A O   1 
HETATM 1635 O O   . HOH G 5 .   ? -13.023 -16.797 11.300  1.00 51.83  ? 517 HOH A O   1 
HETATM 1636 O O   . HOH G 5 .   ? 1.059   10.770  -26.210 1.00 46.49  ? 518 HOH A O   1 
HETATM 1637 O O   . HOH G 5 .   ? -15.365 12.799  -6.000  1.00 60.41  ? 519 HOH A O   1 
HETATM 1638 O O   . HOH G 5 .   ? 3.675   -14.483 -4.362  1.00 66.90  ? 520 HOH A O   1 
HETATM 1639 O O   . HOH G 5 .   ? -0.634  14.019  13.779  1.00 53.03  ? 521 HOH A O   1 
HETATM 1640 O O   . HOH G 5 .   ? -9.696  -16.051 -1.740  1.00 43.59  ? 522 HOH A O   1 
HETATM 1641 O O   . HOH G 5 .   ? -15.406 3.885   -12.202 1.00 48.12  ? 523 HOH A O   1 
HETATM 1642 O O   . HOH G 5 .   ? 8.195   19.121  -0.610  1.00 50.54  ? 524 HOH A O   1 
HETATM 1643 O O   . HOH G 5 .   ? 11.250  7.565   -12.323 1.00 50.81  ? 525 HOH A O   1 
HETATM 1644 O O   . HOH G 5 .   ? -4.611  11.318  -25.549 1.00 49.64  ? 526 HOH A O   1 
HETATM 1645 O O   . HOH G 5 .   ? -8.944  -6.532  18.433  1.00 47.29  ? 527 HOH A O   1 
HETATM 1646 O O   . HOH G 5 .   ? 10.352  -11.598 -2.340  1.00 67.65  ? 528 HOH A O   1 
HETATM 1647 O O   . HOH G 5 .   ? -14.831 -6.019  13.716  1.00 61.91  ? 529 HOH A O   1 
HETATM 1648 O O   . HOH G 5 .   ? 0.705   -0.641  18.854  1.00 53.11  ? 530 HOH A O   1 
HETATM 1649 O O   . HOH G 5 .   ? 22.446  3.138   -11.258 1.00 53.00  ? 531 HOH A O   1 
HETATM 1650 O O   . HOH G 5 .   ? -2.999  11.415  -27.507 1.00 46.19  ? 532 HOH A O   1 
HETATM 1651 O O   . HOH G 5 .   ? 16.595  1.934   6.971   1.00 36.86  ? 533 HOH A O   1 
HETATM 1652 O O   . HOH G 5 .   ? -0.971  5.646   16.521  1.00 59.52  ? 534 HOH A O   1 
HETATM 1653 O O   . HOH G 5 .   ? -1.659  -3.432  -18.211 1.00 51.43  ? 535 HOH A O   1 
HETATM 1654 O O   . HOH G 5 .   ? -13.954 0.233   6.744   1.00 46.31  ? 536 HOH A O   1 
HETATM 1655 O O   . HOH G 5 .   ? -13.423 10.725  -11.747 1.00 56.69  ? 537 HOH A O   1 
HETATM 1656 O O   . HOH G 5 .   ? -11.513 -9.013  15.171  1.00 47.08  ? 538 HOH A O   1 
HETATM 1657 O O   . HOH G 5 .   ? -14.974 5.902   13.766  1.00 66.74  ? 539 HOH A O   1 
HETATM 1658 O O   . HOH G 5 .   ? -8.420  11.635  -13.581 1.00 58.36  ? 540 HOH A O   1 
HETATM 1659 O O   . HOH G 5 .   ? 18.375  9.462   -11.995 1.00 65.74  ? 541 HOH A O   1 
HETATM 1660 O O   . HOH G 5 .   ? 2.434   -4.061  -23.361 1.00 58.78  ? 542 HOH A O   1 
HETATM 1661 O O   . HOH G 5 .   ? -17.547 8.879   -6.155  1.00 60.55  ? 543 HOH A O   1 
HETATM 1662 O O   . HOH G 5 .   ? -1.741  19.812  9.935   1.00 44.66  ? 544 HOH A O   1 
HETATM 1663 O O   . HOH G 5 .   ? 7.452   4.899   -14.837 1.00 50.31  ? 545 HOH A O   1 
HETATM 1664 O O   . HOH G 5 .   ? 1.078   2.584   18.267  1.00 47.58  ? 546 HOH A O   1 
HETATM 1665 O O   . HOH G 5 .   ? -12.181 5.378   4.048   1.00 52.43  ? 547 HOH A O   1 
HETATM 1666 O O   . HOH G 5 .   ? -12.678 4.694   6.887   1.00 53.85  ? 548 HOH A O   1 
HETATM 1667 O O   . HOH G 5 .   ? 8.937   3.553   -13.817 1.00 43.99  ? 549 HOH A O   1 
HETATM 1668 O O   . HOH G 5 .   ? -3.819  -12.617 -2.463  1.00 72.90  ? 550 HOH A O   1 
HETATM 1669 O O   . HOH G 5 .   ? 1.804   8.594   -14.608 1.00 46.83  ? 551 HOH A O   1 
HETATM 1670 O O   . HOH G 5 .   ? 1.172   -15.709 -3.852  1.00 72.94  ? 552 HOH A O   1 
HETATM 1671 O O   . HOH G 5 .   ? 4.816   8.444   -16.224 1.00 50.76  ? 553 HOH A O   1 
HETATM 1672 O O   . HOH G 5 .   ? -1.688  1.378   22.421  1.00 51.17  ? 554 HOH A O   1 
HETATM 1673 O O   . HOH G 5 .   ? 9.605   1.731   -15.881 1.00 48.94  ? 555 HOH A O   1 
HETATM 1674 O O   . HOH G 5 .   ? 0.401   6.961   -16.930 1.00 37.24  ? 556 HOH A O   1 
HETATM 1675 O O   . HOH G 5 .   ? -8.931  7.624   8.652   1.00 54.55  ? 557 HOH A O   1 
HETATM 1676 O O   . HOH G 5 .   ? 4.435   6.966   -18.250 1.00 39.34  ? 558 HOH A O   1 
# 
loop_
_pdbx_poly_seq_scheme.asym_id 
_pdbx_poly_seq_scheme.entity_id 
_pdbx_poly_seq_scheme.seq_id 
_pdbx_poly_seq_scheme.mon_id 
_pdbx_poly_seq_scheme.ndb_seq_num 
_pdbx_poly_seq_scheme.pdb_seq_num 
_pdbx_poly_seq_scheme.auth_seq_num 
_pdbx_poly_seq_scheme.pdb_mon_id 
_pdbx_poly_seq_scheme.auth_mon_id 
_pdbx_poly_seq_scheme.pdb_strand_id 
_pdbx_poly_seq_scheme.pdb_ins_code 
_pdbx_poly_seq_scheme.hetero 
A 1 1   SER 1   15  15  SER SER A . n 
A 1 2   MET 2   16  16  MET MET A . n 
A 1 3   LEU 3   17  17  LEU LEU A . n 
A 1 4   ASP 4   18  18  ASP ASP A . n 
A 1 5   ASP 5   19  19  ASP ASP A . n 
A 1 6   ALA 6   20  20  ALA ALA A . n 
A 1 7   LYS 7   21  21  LYS LYS A . n 
A 1 8   ALA 8   22  22  ALA ALA A . n 
A 1 9   ARG 9   23  23  ARG ARG A . n 
A 1 10  LEU 10  24  24  LEU LEU A . n 
A 1 11  ARG 11  25  25  ARG ARG A . n 
A 1 12  LYS 12  26  26  LYS LYS A . n 
A 1 13  TYR 13  27  27  TYR TYR A . n 
A 1 14  ASP 14  28  28  ASP ASP A . n 
A 1 15  ILE 15  29  29  ILE ILE A . n 
A 1 16  GLY 16  30  30  GLY GLY A . n 
A 1 17  GLY 17  31  31  GLY GLY A . n 
A 1 18  LYS 18  32  32  LYS LYS A . n 
A 1 19  TYR 19  33  33  TYR TYR A . n 
A 1 20  SER 20  34  34  SER SER A . n 
A 1 21  HIS 21  35  35  HIS HIS A . n 
A 1 22  LEU 22  36  36  LEU LEU A . n 
A 1 23  PRO 23  37  37  PRO PRO A . n 
A 1 24  TYR 24  38  38  TYR TYR A . n 
A 1 25  ASN 25  39  39  ASN ASN A . n 
A 1 26  LYS 26  40  40  LYS LYS A . n 
A 1 27  TYR 27  41  41  TYR TYR A . n 
A 1 28  SER 28  42  42  SER SER A . n 
A 1 29  VAL 29  43  43  VAL VAL A . n 
A 1 30  LEU 30  44  44  LEU LEU A . n 
A 1 31  LEU 31  45  45  LEU LEU A . n 
A 1 32  PRO 32  46  46  PRO PRO A . n 
A 1 33  LEU 33  47  47  LEU LEU A . n 
A 1 34  VAL 34  48  48  VAL VAL A . n 
A 1 35  ALA 35  49  49  ALA ALA A . n 
A 1 36  LYS 36  50  50  LYS LYS A . n 
A 1 37  GLU 37  51  51  GLU GLU A . n 
A 1 38  GLY 38  52  52  GLY GLY A . n 
A 1 39  LYS 39  53  53  LYS LYS A . n 
A 1 40  LEU 40  54  54  LEU LEU A . n 
A 1 41  HIS 41  55  55  HIS HIS A . n 
A 1 42  LEU 42  56  56  LEU LEU A . n 
A 1 43  LEU 43  57  57  LEU LEU A . n 
A 1 44  PHE 44  58  58  PHE PHE A . n 
A 1 45  THR 45  59  59  THR THR A . n 
A 1 46  VAL 46  60  60  VAL VAL A . n 
A 1 47  ARG 47  61  61  ARG ARG A . n 
A 1 48  SER 48  62  62  SER SER A . n 
A 1 49  GLU 49  63  63  GLU GLU A . n 
A 1 50  LYS 50  64  64  LYS LYS A . n 
A 1 51  LEU 51  65  65  LEU LEU A . n 
A 1 52  ARG 52  66  66  ARG ARG A . n 
A 1 53  ARG 53  67  67  ARG ARG A . n 
A 1 54  ALA 54  68  68  ALA ALA A . n 
A 1 55  PRO 55  69  69  PRO PRO A . n 
A 1 56  GLY 56  70  70  GLY GLY A . n 
A 1 57  GLU 57  71  71  GLU GLU A . n 
A 1 58  VAL 58  72  72  VAL VAL A . n 
A 1 59  CYS 59  73  73  CYS CYS A . n 
A 1 60  PHE 60  74  74  PHE PHE A . n 
A 1 61  PRO 61  75  75  PRO PRO A . n 
A 1 62  GLY 62  76  76  GLY GLY A . n 
A 1 63  GLY 63  77  77  GLY GLY A . n 
A 1 64  LYS 64  78  78  LYS LYS A . n 
A 1 65  ARG 65  79  79  ARG ARG A . n 
A 1 66  ASP 66  80  80  ASP ASP A . n 
A 1 67  PRO 67  81  81  PRO PRO A . n 
A 1 68  THR 68  82  82  THR THR A . n 
A 1 69  ASP 69  83  83  ASP ASP A . n 
A 1 70  MET 70  84  84  MET MET A . n 
A 1 71  ASP 71  85  85  ASP ASP A . n 
A 1 72  ASP 72  86  86  ASP ASP A . n 
A 1 73  ALA 73  87  87  ALA ALA A . n 
A 1 74  ALA 74  88  88  ALA ALA A . n 
A 1 75  THR 75  89  89  THR THR A . n 
A 1 76  ALA 76  90  90  ALA ALA A . n 
A 1 77  LEU 77  91  91  LEU LEU A . n 
A 1 78  ARG 78  92  92  ARG ARG A . n 
A 1 79  GLU 79  93  93  GLU GLU A . n 
A 1 80  ALA 80  94  94  ALA ALA A . n 
A 1 81  GLN 81  95  95  GLN GLN A . n 
A 1 82  GLU 82  96  96  GLU GLU A . n 
A 1 83  GLU 83  97  97  GLU GLU A . n 
A 1 84  VAL 84  98  98  VAL VAL A . n 
A 1 85  GLY 85  99  99  GLY GLY A . n 
A 1 86  LEU 86  100 100 LEU LEU A . n 
A 1 87  ARG 87  101 101 ARG ARG A . n 
A 1 88  HYP 88  102 102 HYP HYP A . n 
A 1 89  HIS 89  103 103 HIS HIS A . n 
A 1 90  GLN 90  104 104 GLN GLN A . n 
A 1 91  VAL 91  105 105 VAL VAL A . n 
A 1 92  GLU 92  106 106 GLU GLU A . n 
A 1 93  VAL 93  107 107 VAL VAL A . n 
A 1 94  VAL 94  108 108 VAL VAL A . n 
A 1 95  CSO 95  109 109 CSO CSO A . n 
A 1 96  CYS 96  110 110 CYS CYS A . n 
A 1 97  LEU 97  111 111 LEU LEU A . n 
A 1 98  VAL 98  112 112 VAL VAL A . n 
A 1 99  PRO 99  113 113 PRO PRO A . n 
A 1 100 CYS 100 114 114 CYS CYS A . n 
A 1 101 LEU 101 115 115 LEU LEU A . n 
A 1 102 ILE 102 116 116 ILE ILE A . n 
A 1 103 ASP 103 117 117 ASP ASP A . n 
A 1 104 THR 104 118 118 THR THR A . n 
A 1 105 ASP 105 119 119 ASP ASP A . n 
A 1 106 THR 106 120 120 THR THR A . n 
A 1 107 LEU 107 121 121 LEU LEU A . n 
A 1 108 ILE 108 122 122 ILE ILE A . n 
A 1 109 THR 109 123 123 THR THR A . n 
A 1 110 PRO 110 124 124 PRO PRO A . n 
A 1 111 PHE 111 125 125 PHE PHE A . n 
A 1 112 VAL 112 126 126 VAL VAL A . n 
A 1 113 GLY 113 127 127 GLY GLY A . n 
A 1 114 LEU 114 128 128 LEU LEU A . n 
A 1 115 ILE 115 129 129 ILE ILE A . n 
A 1 116 ASP 116 130 130 ASP ASP A . n 
A 1 117 HIS 117 131 131 HIS HIS A . n 
A 1 118 ASN 118 132 132 ASN ASN A . n 
A 1 119 PHE 119 133 133 PHE PHE A . n 
A 1 120 GLN 120 134 134 GLN GLN A . n 
A 1 121 ALA 121 135 135 ALA ALA A . n 
A 1 122 GLN 122 136 136 GLN GLN A . n 
A 1 123 PRO 123 137 137 PRO PRO A . n 
A 1 124 ASN 124 138 138 ASN ASN A . n 
A 1 125 PRO 125 139 139 PRO PRO A . n 
A 1 126 ALA 126 140 140 ALA ALA A . n 
A 1 127 GLU 127 141 141 GLU GLU A . n 
A 1 128 VAL 128 142 142 VAL VAL A . n 
A 1 129 LYS 129 143 143 LYS LYS A . n 
A 1 130 ASP 130 144 144 ASP ASP A . n 
A 1 131 VAL 131 145 145 VAL VAL A . n 
A 1 132 PHE 132 146 146 PHE PHE A . n 
A 1 133 LEU 133 147 147 LEU LEU A . n 
A 1 134 VAL 134 148 148 VAL VAL A . n 
A 1 135 PRO 135 149 149 PRO PRO A . n 
A 1 136 LEU 136 150 150 LEU LEU A . n 
A 1 137 ALA 137 151 151 ALA ALA A . n 
A 1 138 TYR 138 152 152 TYR TYR A . n 
A 1 139 PHE 139 153 153 PHE PHE A . n 
A 1 140 LEU 140 154 154 LEU LEU A . n 
A 1 141 HIS 141 155 155 HIS HIS A . n 
A 1 142 PRO 142 156 156 PRO PRO A . n 
A 1 143 GLN 143 157 157 GLN GLN A . n 
A 1 144 VAL 144 158 158 VAL VAL A . n 
A 1 145 HIS 145 159 159 HIS HIS A . n 
A 1 146 ASP 146 160 160 ASP ASP A . n 
A 1 147 GLN 147 161 161 GLN GLN A . n 
A 1 148 HIS 148 162 ?   ?   ?   A . n 
A 1 149 TYR 149 163 ?   ?   ?   A . n 
A 1 150 VAL 150 164 ?   ?   ?   A . n 
A 1 151 THR 151 165 ?   ?   ?   A . n 
A 1 152 ARG 152 166 ?   ?   ?   A . n 
A 1 153 LEU 153 167 ?   ?   ?   A . n 
A 1 154 GLY 154 168 ?   ?   ?   A . n 
A 1 155 HIS 155 169 ?   ?   ?   A . n 
A 1 156 ARG 156 170 ?   ?   ?   A . n 
A 1 157 PHE 157 171 ?   ?   ?   A . n 
A 1 158 ILE 158 172 172 ILE ILE A . n 
A 1 159 ASN 159 173 173 ASN ASN A . n 
A 1 160 HIS 160 174 174 HIS HIS A . n 
A 1 161 ILE 161 175 175 ILE ILE A . n 
A 1 162 PHE 162 176 176 PHE PHE A . n 
A 1 163 GLU 163 177 177 GLU GLU A . n 
A 1 164 TYR 164 178 178 TYR TYR A . n 
A 1 165 THR 165 179 179 THR THR A . n 
A 1 166 ASN 166 180 180 ASN ASN A . n 
A 1 167 PRO 167 181 181 PRO PRO A . n 
A 1 168 GLU 168 182 182 GLU GLU A . n 
A 1 169 ASP 169 183 183 ASP ASP A . n 
A 1 170 GLY 170 184 184 GLY GLY A . n 
A 1 171 VAL 171 185 185 VAL VAL A . n 
A 1 172 THR 172 186 186 THR THR A . n 
A 1 173 TYR 173 187 187 TYR TYR A . n 
A 1 174 GLN 174 188 188 GLN GLN A . n 
A 1 175 ILE 175 189 189 ILE ILE A . n 
A 1 176 LYS 176 190 190 LYS LYS A . n 
A 1 177 GLY 177 191 191 GLY GLY A . n 
A 1 178 MET 178 192 192 MET MET A . n 
A 1 179 THR 179 193 193 THR THR A . n 
A 1 180 ALA 180 194 194 ALA ALA A . n 
A 1 181 ASN 181 195 195 ASN ASN A . n 
A 1 182 LEU 182 196 196 LEU LEU A . n 
A 1 183 ALA 183 197 197 ALA ALA A . n 
A 1 184 VAL 184 198 198 VAL VAL A . n 
A 1 185 LEU 185 199 199 LEU LEU A . n 
A 1 186 VAL 186 200 200 VAL VAL A . n 
A 1 187 ALA 187 201 201 ALA ALA A . n 
A 1 188 PHE 188 202 202 PHE PHE A . n 
A 1 189 ILE 189 203 203 ILE ILE A . n 
A 1 190 ILE 190 204 204 ILE ILE A . n 
A 1 191 LEU 191 205 205 LEU LEU A . n 
A 1 192 GLU 192 206 206 GLU GLU A . n 
A 1 193 LYS 193 207 207 LYS LYS A . n 
A 1 194 LYS 194 208 208 LYS LYS A . n 
A 1 195 PRO 195 209 209 PRO PRO A . n 
A 1 196 THR 196 210 210 THR THR A . n 
# 
loop_
_pdbx_nonpoly_scheme.asym_id 
_pdbx_nonpoly_scheme.entity_id 
_pdbx_nonpoly_scheme.mon_id 
_pdbx_nonpoly_scheme.ndb_seq_num 
_pdbx_nonpoly_scheme.pdb_seq_num 
_pdbx_nonpoly_scheme.auth_seq_num 
_pdbx_nonpoly_scheme.pdb_mon_id 
_pdbx_nonpoly_scheme.auth_mon_id 
_pdbx_nonpoly_scheme.pdb_strand_id 
_pdbx_nonpoly_scheme.pdb_ins_code 
B 2 ACT 1   301 1   ACT ACT A . 
C 2 ACT 1   302 2   ACT ACT A . 
D 3 DMS 1   303 1   DMS DMS A . 
E 3 DMS 1   304 2   DMS DMS A . 
F 4 H1P 1   305 1   H1P LIG A . 
G 5 HOH 1   401 9   HOH HOH A . 
G 5 HOH 2   402 11  HOH HOH A . 
G 5 HOH 3   403 69  HOH HOH A . 
G 5 HOH 4   404 143 HOH HOH A . 
G 5 HOH 5   405 64  HOH HOH A . 
G 5 HOH 6   406 101 HOH HOH A . 
G 5 HOH 7   407 125 HOH HOH A . 
G 5 HOH 8   408 199 HOH HOH A . 
G 5 HOH 9   409 140 HOH HOH A . 
G 5 HOH 10  410 134 HOH HOH A . 
G 5 HOH 11  411 137 HOH HOH A . 
G 5 HOH 12  412 197 HOH HOH A . 
G 5 HOH 13  413 79  HOH HOH A . 
G 5 HOH 14  414 203 HOH HOH A . 
G 5 HOH 15  415 109 HOH HOH A . 
G 5 HOH 16  416 13  HOH HOH A . 
G 5 HOH 17  417 124 HOH HOH A . 
G 5 HOH 18  418 94  HOH HOH A . 
G 5 HOH 19  419 157 HOH HOH A . 
G 5 HOH 20  420 53  HOH HOH A . 
G 5 HOH 21  421 6   HOH HOH A . 
G 5 HOH 22  422 71  HOH HOH A . 
G 5 HOH 23  423 113 HOH HOH A . 
G 5 HOH 24  424 166 HOH HOH A . 
G 5 HOH 25  425 20  HOH HOH A . 
G 5 HOH 26  426 118 HOH HOH A . 
G 5 HOH 27  427 207 HOH HOH A . 
G 5 HOH 28  428 80  HOH HOH A . 
G 5 HOH 29  429 162 HOH HOH A . 
G 5 HOH 30  430 105 HOH HOH A . 
G 5 HOH 31  431 36  HOH HOH A . 
G 5 HOH 32  432 117 HOH HOH A . 
G 5 HOH 33  433 26  HOH HOH A . 
G 5 HOH 34  434 97  HOH HOH A . 
G 5 HOH 35  435 38  HOH HOH A . 
G 5 HOH 36  436 14  HOH HOH A . 
G 5 HOH 37  437 19  HOH HOH A . 
G 5 HOH 38  438 48  HOH HOH A . 
G 5 HOH 39  439 35  HOH HOH A . 
G 5 HOH 40  440 10  HOH HOH A . 
G 5 HOH 41  441 196 HOH HOH A . 
G 5 HOH 42  442 25  HOH HOH A . 
G 5 HOH 43  443 108 HOH HOH A . 
G 5 HOH 44  444 116 HOH HOH A . 
G 5 HOH 45  445 61  HOH HOH A . 
G 5 HOH 46  446 103 HOH HOH A . 
G 5 HOH 47  447 158 HOH HOH A . 
G 5 HOH 48  448 141 HOH HOH A . 
G 5 HOH 49  449 208 HOH HOH A . 
G 5 HOH 50  450 39  HOH HOH A . 
G 5 HOH 51  451 1   HOH HOH A . 
G 5 HOH 52  452 104 HOH HOH A . 
G 5 HOH 53  453 15  HOH HOH A . 
G 5 HOH 54  454 186 HOH HOH A . 
G 5 HOH 55  455 139 HOH HOH A . 
G 5 HOH 56  456 179 HOH HOH A . 
G 5 HOH 57  457 201 HOH HOH A . 
G 5 HOH 58  458 110 HOH HOH A . 
G 5 HOH 59  459 167 HOH HOH A . 
G 5 HOH 60  460 2   HOH HOH A . 
G 5 HOH 61  461 34  HOH HOH A . 
G 5 HOH 62  462 7   HOH HOH A . 
G 5 HOH 63  463 102 HOH HOH A . 
G 5 HOH 64  464 159 HOH HOH A . 
G 5 HOH 65  465 99  HOH HOH A . 
G 5 HOH 66  466 62  HOH HOH A . 
G 5 HOH 67  467 12  HOH HOH A . 
G 5 HOH 68  468 59  HOH HOH A . 
G 5 HOH 69  469 202 HOH HOH A . 
G 5 HOH 70  470 193 HOH HOH A . 
G 5 HOH 71  471 51  HOH HOH A . 
G 5 HOH 72  472 88  HOH HOH A . 
G 5 HOH 73  473 45  HOH HOH A . 
G 5 HOH 74  474 206 HOH HOH A . 
G 5 HOH 75  475 66  HOH HOH A . 
G 5 HOH 76  476 85  HOH HOH A . 
G 5 HOH 77  477 146 HOH HOH A . 
G 5 HOH 78  478 28  HOH HOH A . 
G 5 HOH 79  479 56  HOH HOH A . 
G 5 HOH 80  480 8   HOH HOH A . 
G 5 HOH 81  481 37  HOH HOH A . 
G 5 HOH 82  482 22  HOH HOH A . 
G 5 HOH 83  483 40  HOH HOH A . 
G 5 HOH 84  484 24  HOH HOH A . 
G 5 HOH 85  485 27  HOH HOH A . 
G 5 HOH 86  486 153 HOH HOH A . 
G 5 HOH 87  487 49  HOH HOH A . 
G 5 HOH 88  488 152 HOH HOH A . 
G 5 HOH 89  489 17  HOH HOH A . 
G 5 HOH 90  490 96  HOH HOH A . 
G 5 HOH 91  491 78  HOH HOH A . 
G 5 HOH 92  492 200 HOH HOH A . 
G 5 HOH 93  493 58  HOH HOH A . 
G 5 HOH 94  494 106 HOH HOH A . 
G 5 HOH 95  495 31  HOH HOH A . 
G 5 HOH 96  496 98  HOH HOH A . 
G 5 HOH 97  497 72  HOH HOH A . 
G 5 HOH 98  498 5   HOH HOH A . 
G 5 HOH 99  499 75  HOH HOH A . 
G 5 HOH 100 500 154 HOH HOH A . 
G 5 HOH 101 501 55  HOH HOH A . 
G 5 HOH 102 502 42  HOH HOH A . 
G 5 HOH 103 503 30  HOH HOH A . 
G 5 HOH 104 504 21  HOH HOH A . 
G 5 HOH 105 505 170 HOH HOH A . 
G 5 HOH 106 506 182 HOH HOH A . 
G 5 HOH 107 507 43  HOH HOH A . 
G 5 HOH 108 508 155 HOH HOH A . 
G 5 HOH 109 509 121 HOH HOH A . 
G 5 HOH 110 510 127 HOH HOH A . 
G 5 HOH 111 511 149 HOH HOH A . 
G 5 HOH 112 512 145 HOH HOH A . 
G 5 HOH 113 513 63  HOH HOH A . 
G 5 HOH 114 514 176 HOH HOH A . 
G 5 HOH 115 515 138 HOH HOH A . 
G 5 HOH 116 516 46  HOH HOH A . 
G 5 HOH 117 517 194 HOH HOH A . 
G 5 HOH 118 518 191 HOH HOH A . 
G 5 HOH 119 519 126 HOH HOH A . 
G 5 HOH 120 520 178 HOH HOH A . 
G 5 HOH 121 521 111 HOH HOH A . 
G 5 HOH 122 522 23  HOH HOH A . 
G 5 HOH 123 523 119 HOH HOH A . 
G 5 HOH 124 524 122 HOH HOH A . 
G 5 HOH 125 525 184 HOH HOH A . 
G 5 HOH 126 526 57  HOH HOH A . 
G 5 HOH 127 527 129 HOH HOH A . 
G 5 HOH 128 528 150 HOH HOH A . 
G 5 HOH 129 529 173 HOH HOH A . 
G 5 HOH 130 530 50  HOH HOH A . 
G 5 HOH 131 531 172 HOH HOH A . 
G 5 HOH 132 532 174 HOH HOH A . 
G 5 HOH 133 533 16  HOH HOH A . 
G 5 HOH 134 534 169 HOH HOH A . 
G 5 HOH 135 535 147 HOH HOH A . 
G 5 HOH 136 536 44  HOH HOH A . 
G 5 HOH 137 537 123 HOH HOH A . 
G 5 HOH 138 538 144 HOH HOH A . 
G 5 HOH 139 539 205 HOH HOH A . 
G 5 HOH 140 540 161 HOH HOH A . 
G 5 HOH 141 541 204 HOH HOH A . 
G 5 HOH 142 542 177 HOH HOH A . 
G 5 HOH 143 543 168 HOH HOH A . 
G 5 HOH 144 544 29  HOH HOH A . 
G 5 HOH 145 545 192 HOH HOH A . 
G 5 HOH 146 546 131 HOH HOH A . 
G 5 HOH 147 547 190 HOH HOH A . 
G 5 HOH 148 548 132 HOH HOH A . 
G 5 HOH 149 549 188 HOH HOH A . 
G 5 HOH 150 550 195 HOH HOH A . 
G 5 HOH 151 551 171 HOH HOH A . 
G 5 HOH 152 552 185 HOH HOH A . 
G 5 HOH 153 553 148 HOH HOH A . 
G 5 HOH 154 554 165 HOH HOH A . 
G 5 HOH 155 555 130 HOH HOH A . 
G 5 HOH 156 556 68  HOH HOH A . 
G 5 HOH 157 557 164 HOH HOH A . 
G 5 HOH 158 558 115 HOH HOH A . 
# 
loop_
_pdbx_struct_mod_residue.id 
_pdbx_struct_mod_residue.label_asym_id 
_pdbx_struct_mod_residue.label_comp_id 
_pdbx_struct_mod_residue.label_seq_id 
_pdbx_struct_mod_residue.auth_asym_id 
_pdbx_struct_mod_residue.auth_comp_id 
_pdbx_struct_mod_residue.auth_seq_id 
_pdbx_struct_mod_residue.PDB_ins_code 
_pdbx_struct_mod_residue.parent_comp_id 
_pdbx_struct_mod_residue.details 
1 A HYP 88 A HYP 102 ? PRO 'modified residue' 
2 A CSO 95 A CSO 109 ? CYS 'modified residue' 
# 
_pdbx_struct_assembly.id                   1 
_pdbx_struct_assembly.details              author_and_software_defined_assembly 
_pdbx_struct_assembly.method_details       PISA 
_pdbx_struct_assembly.oligomeric_details   monomeric 
_pdbx_struct_assembly.oligomeric_count     1 
# 
_pdbx_struct_assembly_gen.assembly_id       1 
_pdbx_struct_assembly_gen.oper_expression   1 
_pdbx_struct_assembly_gen.asym_id_list      A,B,C,D,E,F,G 
# 
loop_
_pdbx_struct_assembly_prop.biol_id 
_pdbx_struct_assembly_prop.type 
_pdbx_struct_assembly_prop.value 
_pdbx_struct_assembly_prop.details 
1 'ABSA (A^2)' 760   ? 
1 MORE         5     ? 
1 'SSA (A^2)'  10280 ? 
# 
_pdbx_struct_oper_list.id                   1 
_pdbx_struct_oper_list.type                 'identity operation' 
_pdbx_struct_oper_list.name                 1_555 
_pdbx_struct_oper_list.symmetry_operation   x,y,z 
_pdbx_struct_oper_list.matrix[1][1]         1.0000000000 
_pdbx_struct_oper_list.matrix[1][2]         0.0000000000 
_pdbx_struct_oper_list.matrix[1][3]         0.0000000000 
_pdbx_struct_oper_list.vector[1]            0.0000000000 
_pdbx_struct_oper_list.matrix[2][1]         0.0000000000 
_pdbx_struct_oper_list.matrix[2][2]         1.0000000000 
_pdbx_struct_oper_list.matrix[2][3]         0.0000000000 
_pdbx_struct_oper_list.vector[2]            0.0000000000 
_pdbx_struct_oper_list.matrix[3][1]         0.0000000000 
_pdbx_struct_oper_list.matrix[3][2]         0.0000000000 
_pdbx_struct_oper_list.matrix[3][3]         1.0000000000 
_pdbx_struct_oper_list.vector[3]            0.0000000000 
# 
loop_
_pdbx_audit_revision_history.ordinal 
_pdbx_audit_revision_history.data_content_type 
_pdbx_audit_revision_history.major_revision 
_pdbx_audit_revision_history.minor_revision 
_pdbx_audit_revision_history.revision_date 
1 'Structure model' 1 0 2019-03-27 
2 'Structure model' 1 1 2023-11-15 
# 
_pdbx_audit_revision_details.ordinal             1 
_pdbx_audit_revision_details.revision_ordinal    1 
_pdbx_audit_revision_details.data_content_type   'Structure model' 
_pdbx_audit_revision_details.provider            repository 
_pdbx_audit_revision_details.type                'Initial release' 
_pdbx_audit_revision_details.description         ? 
_pdbx_audit_revision_details.details             ? 
# 
loop_
_pdbx_audit_revision_group.ordinal 
_pdbx_audit_revision_group.revision_ordinal 
_pdbx_audit_revision_group.data_content_type 
_pdbx_audit_revision_group.group 
1 2 'Structure model' 'Data collection'     
2 2 'Structure model' 'Database references' 
# 
loop_
_pdbx_audit_revision_category.ordinal 
_pdbx_audit_revision_category.revision_ordinal 
_pdbx_audit_revision_category.data_content_type 
_pdbx_audit_revision_category.category 
1 2 'Structure model' chem_comp_atom 
2 2 'Structure model' chem_comp_bond 
3 2 'Structure model' database_2     
# 
loop_
_pdbx_audit_revision_item.ordinal 
_pdbx_audit_revision_item.revision_ordinal 
_pdbx_audit_revision_item.data_content_type 
_pdbx_audit_revision_item.item 
1 2 'Structure model' '_database_2.pdbx_DOI'                
2 2 'Structure model' '_database_2.pdbx_database_accession' 
# 
_phasing.method   MR 
# 
loop_
_software.pdbx_ordinal 
_software.name 
_software.version 
_software.date 
_software.type 
_software.contact_author 
_software.contact_author_email 
_software.classification 
_software.location 
_software.language 
_software.citation_id 
1 REFMAC      5.8.0189 ?               program 'Garib N. Murshudov' garib@ysbl.york.ac.uk    refinement        
http://www.ccp4.ac.uk/dist/html/refmac5.html        Fortran_77 ? 
2 Aimless     0.5.32   29/03/17        program 'Phil Evans'         ?                        'data scaling'    
http://www.mrc-lmb.cam.ac.uk/harry/pre/aimless.html ?          ? 
3 PDB_EXTRACT 3.23     'SEP. 23, 2016' package PDB                  deposit@deposit.rcsb.org 'data extraction' 
http://sw-tools.pdb.org/apps/PDB_EXTRACT/           C++        ? 
4 XDS         .        ?               program ?                    ?                        'data reduction'  ? ?          ? 
5 REFMAC      .        ?               program ?                    ?                        phasing           ? ?          ? 
# 
loop_
_pdbx_validate_torsion.id 
_pdbx_validate_torsion.PDB_model_num 
_pdbx_validate_torsion.auth_comp_id 
_pdbx_validate_torsion.auth_asym_id 
_pdbx_validate_torsion.auth_seq_id 
_pdbx_validate_torsion.PDB_ins_code 
_pdbx_validate_torsion.label_alt_id 
_pdbx_validate_torsion.phi 
_pdbx_validate_torsion.psi 
1 1 ARG A 66  ? ? -66.44 -71.79 
2 1 ALA A 68  ? ? 64.14  61.22  
3 1 THR A 118 ? ? 71.36  -19.00 
# 
loop_
_pdbx_unobs_or_zero_occ_atoms.id 
_pdbx_unobs_or_zero_occ_atoms.PDB_model_num 
_pdbx_unobs_or_zero_occ_atoms.polymer_flag 
_pdbx_unobs_or_zero_occ_atoms.occupancy_flag 
_pdbx_unobs_or_zero_occ_atoms.auth_asym_id 
_pdbx_unobs_or_zero_occ_atoms.auth_comp_id 
_pdbx_unobs_or_zero_occ_atoms.auth_seq_id 
_pdbx_unobs_or_zero_occ_atoms.PDB_ins_code 
_pdbx_unobs_or_zero_occ_atoms.auth_atom_id 
_pdbx_unobs_or_zero_occ_atoms.label_alt_id 
_pdbx_unobs_or_zero_occ_atoms.label_asym_id 
_pdbx_unobs_or_zero_occ_atoms.label_comp_id 
_pdbx_unobs_or_zero_occ_atoms.label_seq_id 
_pdbx_unobs_or_zero_occ_atoms.label_atom_id 
1 1 Y 1 A GLN 161 ? CG  ? A GLN 147 CG  
2 1 Y 1 A GLN 161 ? CD  ? A GLN 147 CD  
3 1 Y 1 A GLN 161 ? OE1 ? A GLN 147 OE1 
4 1 Y 1 A GLN 161 ? NE2 ? A GLN 147 NE2 
# 
loop_
_pdbx_unobs_or_zero_occ_residues.id 
_pdbx_unobs_or_zero_occ_residues.PDB_model_num 
_pdbx_unobs_or_zero_occ_residues.polymer_flag 
_pdbx_unobs_or_zero_occ_residues.occupancy_flag 
_pdbx_unobs_or_zero_occ_residues.auth_asym_id 
_pdbx_unobs_or_zero_occ_residues.auth_comp_id 
_pdbx_unobs_or_zero_occ_residues.auth_seq_id 
_pdbx_unobs_or_zero_occ_residues.PDB_ins_code 
_pdbx_unobs_or_zero_occ_residues.label_asym_id 
_pdbx_unobs_or_zero_occ_residues.label_comp_id 
_pdbx_unobs_or_zero_occ_residues.label_seq_id 
1  1 Y 1 A HIS 162 ? A HIS 148 
2  1 Y 1 A TYR 163 ? A TYR 149 
3  1 Y 1 A VAL 164 ? A VAL 150 
4  1 Y 1 A THR 165 ? A THR 151 
5  1 Y 1 A ARG 166 ? A ARG 152 
6  1 Y 1 A LEU 167 ? A LEU 153 
7  1 Y 1 A GLY 168 ? A GLY 154 
8  1 Y 1 A HIS 169 ? A HIS 155 
9  1 Y 1 A ARG 170 ? A ARG 156 
10 1 Y 1 A PHE 171 ? A PHE 157 
# 
loop_
_chem_comp_atom.comp_id 
_chem_comp_atom.atom_id 
_chem_comp_atom.type_symbol 
_chem_comp_atom.pdbx_aromatic_flag 
_chem_comp_atom.pdbx_stereo_config 
_chem_comp_atom.pdbx_ordinal 
ACT C    C N N 1   
ACT O    O N N 2   
ACT OXT  O N N 3   
ACT CH3  C N N 4   
ACT H1   H N N 5   
ACT H2   H N N 6   
ACT H3   H N N 7   
ALA N    N N N 8   
ALA CA   C N S 9   
ALA C    C N N 10  
ALA O    O N N 11  
ALA CB   C N N 12  
ALA OXT  O N N 13  
ALA H    H N N 14  
ALA H2   H N N 15  
ALA HA   H N N 16  
ALA HB1  H N N 17  
ALA HB2  H N N 18  
ALA HB3  H N N 19  
ALA HXT  H N N 20  
ARG N    N N N 21  
ARG CA   C N S 22  
ARG C    C N N 23  
ARG O    O N N 24  
ARG CB   C N N 25  
ARG CG   C N N 26  
ARG CD   C N N 27  
ARG NE   N N N 28  
ARG CZ   C N N 29  
ARG NH1  N N N 30  
ARG NH2  N N N 31  
ARG OXT  O N N 32  
ARG H    H N N 33  
ARG H2   H N N 34  
ARG HA   H N N 35  
ARG HB2  H N N 36  
ARG HB3  H N N 37  
ARG HG2  H N N 38  
ARG HG3  H N N 39  
ARG HD2  H N N 40  
ARG HD3  H N N 41  
ARG HE   H N N 42  
ARG HH11 H N N 43  
ARG HH12 H N N 44  
ARG HH21 H N N 45  
ARG HH22 H N N 46  
ARG HXT  H N N 47  
ASN N    N N N 48  
ASN CA   C N S 49  
ASN C    C N N 50  
ASN O    O N N 51  
ASN CB   C N N 52  
ASN CG   C N N 53  
ASN OD1  O N N 54  
ASN ND2  N N N 55  
ASN OXT  O N N 56  
ASN H    H N N 57  
ASN H2   H N N 58  
ASN HA   H N N 59  
ASN HB2  H N N 60  
ASN HB3  H N N 61  
ASN HD21 H N N 62  
ASN HD22 H N N 63  
ASN HXT  H N N 64  
ASP N    N N N 65  
ASP CA   C N S 66  
ASP C    C N N 67  
ASP O    O N N 68  
ASP CB   C N N 69  
ASP CG   C N N 70  
ASP OD1  O N N 71  
ASP OD2  O N N 72  
ASP OXT  O N N 73  
ASP H    H N N 74  
ASP H2   H N N 75  
ASP HA   H N N 76  
ASP HB2  H N N 77  
ASP HB3  H N N 78  
ASP HD2  H N N 79  
ASP HXT  H N N 80  
CSO N    N N N 81  
CSO CA   C N R 82  
CSO CB   C N N 83  
CSO SG   S N N 84  
CSO C    C N N 85  
CSO O    O N N 86  
CSO OXT  O N N 87  
CSO OD   O N N 88  
CSO H    H N N 89  
CSO H2   H N N 90  
CSO HA   H N N 91  
CSO HB2  H N N 92  
CSO HB3  H N N 93  
CSO HXT  H N N 94  
CSO HD   H N N 95  
CYS N    N N N 96  
CYS CA   C N R 97  
CYS C    C N N 98  
CYS O    O N N 99  
CYS CB   C N N 100 
CYS SG   S N N 101 
CYS OXT  O N N 102 
CYS H    H N N 103 
CYS H2   H N N 104 
CYS HA   H N N 105 
CYS HB2  H N N 106 
CYS HB3  H N N 107 
CYS HG   H N N 108 
CYS HXT  H N N 109 
DMS S    S N N 110 
DMS O    O N N 111 
DMS C1   C N N 112 
DMS C2   C N N 113 
DMS H11  H N N 114 
DMS H12  H N N 115 
DMS H13  H N N 116 
DMS H21  H N N 117 
DMS H22  H N N 118 
DMS H23  H N N 119 
GLN N    N N N 120 
GLN CA   C N S 121 
GLN C    C N N 122 
GLN O    O N N 123 
GLN CB   C N N 124 
GLN CG   C N N 125 
GLN CD   C N N 126 
GLN OE1  O N N 127 
GLN NE2  N N N 128 
GLN OXT  O N N 129 
GLN H    H N N 130 
GLN H2   H N N 131 
GLN HA   H N N 132 
GLN HB2  H N N 133 
GLN HB3  H N N 134 
GLN HG2  H N N 135 
GLN HG3  H N N 136 
GLN HE21 H N N 137 
GLN HE22 H N N 138 
GLN HXT  H N N 139 
GLU N    N N N 140 
GLU CA   C N S 141 
GLU C    C N N 142 
GLU O    O N N 143 
GLU CB   C N N 144 
GLU CG   C N N 145 
GLU CD   C N N 146 
GLU OE1  O N N 147 
GLU OE2  O N N 148 
GLU OXT  O N N 149 
GLU H    H N N 150 
GLU H2   H N N 151 
GLU HA   H N N 152 
GLU HB2  H N N 153 
GLU HB3  H N N 154 
GLU HG2  H N N 155 
GLU HG3  H N N 156 
GLU HE2  H N N 157 
GLU HXT  H N N 158 
GLY N    N N N 159 
GLY CA   C N N 160 
GLY C    C N N 161 
GLY O    O N N 162 
GLY OXT  O N N 163 
GLY H    H N N 164 
GLY H2   H N N 165 
GLY HA2  H N N 166 
GLY HA3  H N N 167 
GLY HXT  H N N 168 
H1P C4   C Y N 169 
H1P C5   C Y N 170 
H1P C6   C N N 171 
H1P C7   C N N 172 
H1P C8   C N N 173 
H1P C10  C Y N 174 
H1P C13  C Y N 175 
H1P C15  C Y N 176 
H1P F    F N N 177 
H1P C12  C Y N 178 
H1P C11  C Y N 179 
H1P C14  C Y N 180 
H1P C1   C Y N 181 
H1P C2   C Y N 182 
H1P C3   C Y N 183 
H1P C    C Y N 184 
H1P N    N N N 185 
H1P C9   C N N 186 
H1P O    O N N 187 
H1P H1   H N N 188 
H1P H2   H N N 189 
H1P H3   H N N 190 
H1P H4   H N N 191 
H1P H5   H N N 192 
H1P H6   H N N 193 
H1P H7   H N N 194 
H1P H8   H N N 195 
H1P H9   H N N 196 
H1P H10  H N N 197 
H1P H11  H N N 198 
H1P H12  H N N 199 
HIS N    N N N 200 
HIS CA   C N S 201 
HIS C    C N N 202 
HIS O    O N N 203 
HIS CB   C N N 204 
HIS CG   C Y N 205 
HIS ND1  N Y N 206 
HIS CD2  C Y N 207 
HIS CE1  C Y N 208 
HIS NE2  N Y N 209 
HIS OXT  O N N 210 
HIS H    H N N 211 
HIS H2   H N N 212 
HIS HA   H N N 213 
HIS HB2  H N N 214 
HIS HB3  H N N 215 
HIS HD1  H N N 216 
HIS HD2  H N N 217 
HIS HE1  H N N 218 
HIS HE2  H N N 219 
HIS HXT  H N N 220 
HOH O    O N N 221 
HOH H1   H N N 222 
HOH H2   H N N 223 
HYP N    N N N 224 
HYP CA   C N S 225 
HYP C    C N N 226 
HYP O    O N N 227 
HYP CB   C N N 228 
HYP CG   C N R 229 
HYP CD   C N N 230 
HYP OD1  O N N 231 
HYP OXT  O N N 232 
HYP H    H N N 233 
HYP HA   H N N 234 
HYP HB2  H N N 235 
HYP HB3  H N N 236 
HYP HG   H N N 237 
HYP HD22 H N N 238 
HYP HD23 H N N 239 
HYP HD1  H N N 240 
HYP HXT  H N N 241 
ILE N    N N N 242 
ILE CA   C N S 243 
ILE C    C N N 244 
ILE O    O N N 245 
ILE CB   C N S 246 
ILE CG1  C N N 247 
ILE CG2  C N N 248 
ILE CD1  C N N 249 
ILE OXT  O N N 250 
ILE H    H N N 251 
ILE H2   H N N 252 
ILE HA   H N N 253 
ILE HB   H N N 254 
ILE HG12 H N N 255 
ILE HG13 H N N 256 
ILE HG21 H N N 257 
ILE HG22 H N N 258 
ILE HG23 H N N 259 
ILE HD11 H N N 260 
ILE HD12 H N N 261 
ILE HD13 H N N 262 
ILE HXT  H N N 263 
LEU N    N N N 264 
LEU CA   C N S 265 
LEU C    C N N 266 
LEU O    O N N 267 
LEU CB   C N N 268 
LEU CG   C N N 269 
LEU CD1  C N N 270 
LEU CD2  C N N 271 
LEU OXT  O N N 272 
LEU H    H N N 273 
LEU H2   H N N 274 
LEU HA   H N N 275 
LEU HB2  H N N 276 
LEU HB3  H N N 277 
LEU HG   H N N 278 
LEU HD11 H N N 279 
LEU HD12 H N N 280 
LEU HD13 H N N 281 
LEU HD21 H N N 282 
LEU HD22 H N N 283 
LEU HD23 H N N 284 
LEU HXT  H N N 285 
LYS N    N N N 286 
LYS CA   C N S 287 
LYS C    C N N 288 
LYS O    O N N 289 
LYS CB   C N N 290 
LYS CG   C N N 291 
LYS CD   C N N 292 
LYS CE   C N N 293 
LYS NZ   N N N 294 
LYS OXT  O N N 295 
LYS H    H N N 296 
LYS H2   H N N 297 
LYS HA   H N N 298 
LYS HB2  H N N 299 
LYS HB3  H N N 300 
LYS HG2  H N N 301 
LYS HG3  H N N 302 
LYS HD2  H N N 303 
LYS HD3  H N N 304 
LYS HE2  H N N 305 
LYS HE3  H N N 306 
LYS HZ1  H N N 307 
LYS HZ2  H N N 308 
LYS HZ3  H N N 309 
LYS HXT  H N N 310 
MET N    N N N 311 
MET CA   C N S 312 
MET C    C N N 313 
MET O    O N N 314 
MET CB   C N N 315 
MET CG   C N N 316 
MET SD   S N N 317 
MET CE   C N N 318 
MET OXT  O N N 319 
MET H    H N N 320 
MET H2   H N N 321 
MET HA   H N N 322 
MET HB2  H N N 323 
MET HB3  H N N 324 
MET HG2  H N N 325 
MET HG3  H N N 326 
MET HE1  H N N 327 
MET HE2  H N N 328 
MET HE3  H N N 329 
MET HXT  H N N 330 
PHE N    N N N 331 
PHE CA   C N S 332 
PHE C    C N N 333 
PHE O    O N N 334 
PHE CB   C N N 335 
PHE CG   C Y N 336 
PHE CD1  C Y N 337 
PHE CD2  C Y N 338 
PHE CE1  C Y N 339 
PHE CE2  C Y N 340 
PHE CZ   C Y N 341 
PHE OXT  O N N 342 
PHE H    H N N 343 
PHE H2   H N N 344 
PHE HA   H N N 345 
PHE HB2  H N N 346 
PHE HB3  H N N 347 
PHE HD1  H N N 348 
PHE HD2  H N N 349 
PHE HE1  H N N 350 
PHE HE2  H N N 351 
PHE HZ   H N N 352 
PHE HXT  H N N 353 
PRO N    N N N 354 
PRO CA   C N S 355 
PRO C    C N N 356 
PRO O    O N N 357 
PRO CB   C N N 358 
PRO CG   C N N 359 
PRO CD   C N N 360 
PRO OXT  O N N 361 
PRO H    H N N 362 
PRO HA   H N N 363 
PRO HB2  H N N 364 
PRO HB3  H N N 365 
PRO HG2  H N N 366 
PRO HG3  H N N 367 
PRO HD2  H N N 368 
PRO HD3  H N N 369 
PRO HXT  H N N 370 
SER N    N N N 371 
SER CA   C N S 372 
SER C    C N N 373 
SER O    O N N 374 
SER CB   C N N 375 
SER OG   O N N 376 
SER OXT  O N N 377 
SER H    H N N 378 
SER H2   H N N 379 
SER HA   H N N 380 
SER HB2  H N N 381 
SER HB3  H N N 382 
SER HG   H N N 383 
SER HXT  H N N 384 
THR N    N N N 385 
THR CA   C N S 386 
THR C    C N N 387 
THR O    O N N 388 
THR CB   C N R 389 
THR OG1  O N N 390 
THR CG2  C N N 391 
THR OXT  O N N 392 
THR H    H N N 393 
THR H2   H N N 394 
THR HA   H N N 395 
THR HB   H N N 396 
THR HG1  H N N 397 
THR HG21 H N N 398 
THR HG22 H N N 399 
THR HG23 H N N 400 
THR HXT  H N N 401 
TYR N    N N N 402 
TYR CA   C N S 403 
TYR C    C N N 404 
TYR O    O N N 405 
TYR CB   C N N 406 
TYR CG   C Y N 407 
TYR CD1  C Y N 408 
TYR CD2  C Y N 409 
TYR CE1  C Y N 410 
TYR CE2  C Y N 411 
TYR CZ   C Y N 412 
TYR OH   O N N 413 
TYR OXT  O N N 414 
TYR H    H N N 415 
TYR H2   H N N 416 
TYR HA   H N N 417 
TYR HB2  H N N 418 
TYR HB3  H N N 419 
TYR HD1  H N N 420 
TYR HD2  H N N 421 
TYR HE1  H N N 422 
TYR HE2  H N N 423 
TYR HH   H N N 424 
TYR HXT  H N N 425 
VAL N    N N N 426 
VAL CA   C N S 427 
VAL C    C N N 428 
VAL O    O N N 429 
VAL CB   C N N 430 
VAL CG1  C N N 431 
VAL CG2  C N N 432 
VAL OXT  O N N 433 
VAL H    H N N 434 
VAL H2   H N N 435 
VAL HA   H N N 436 
VAL HB   H N N 437 
VAL HG11 H N N 438 
VAL HG12 H N N 439 
VAL HG13 H N N 440 
VAL HG21 H N N 441 
VAL HG22 H N N 442 
VAL HG23 H N N 443 
VAL HXT  H N N 444 
# 
loop_
_chem_comp_bond.comp_id 
_chem_comp_bond.atom_id_1 
_chem_comp_bond.atom_id_2 
_chem_comp_bond.value_order 
_chem_comp_bond.pdbx_aromatic_flag 
_chem_comp_bond.pdbx_stereo_config 
_chem_comp_bond.pdbx_ordinal 
ACT C   O    doub N N 1   
ACT C   OXT  sing N N 2   
ACT C   CH3  sing N N 3   
ACT CH3 H1   sing N N 4   
ACT CH3 H2   sing N N 5   
ACT CH3 H3   sing N N 6   
ALA N   CA   sing N N 7   
ALA N   H    sing N N 8   
ALA N   H2   sing N N 9   
ALA CA  C    sing N N 10  
ALA CA  CB   sing N N 11  
ALA CA  HA   sing N N 12  
ALA C   O    doub N N 13  
ALA C   OXT  sing N N 14  
ALA CB  HB1  sing N N 15  
ALA CB  HB2  sing N N 16  
ALA CB  HB3  sing N N 17  
ALA OXT HXT  sing N N 18  
ARG N   CA   sing N N 19  
ARG N   H    sing N N 20  
ARG N   H2   sing N N 21  
ARG CA  C    sing N N 22  
ARG CA  CB   sing N N 23  
ARG CA  HA   sing N N 24  
ARG C   O    doub N N 25  
ARG C   OXT  sing N N 26  
ARG CB  CG   sing N N 27  
ARG CB  HB2  sing N N 28  
ARG CB  HB3  sing N N 29  
ARG CG  CD   sing N N 30  
ARG CG  HG2  sing N N 31  
ARG CG  HG3  sing N N 32  
ARG CD  NE   sing N N 33  
ARG CD  HD2  sing N N 34  
ARG CD  HD3  sing N N 35  
ARG NE  CZ   sing N N 36  
ARG NE  HE   sing N N 37  
ARG CZ  NH1  sing N N 38  
ARG CZ  NH2  doub N N 39  
ARG NH1 HH11 sing N N 40  
ARG NH1 HH12 sing N N 41  
ARG NH2 HH21 sing N N 42  
ARG NH2 HH22 sing N N 43  
ARG OXT HXT  sing N N 44  
ASN N   CA   sing N N 45  
ASN N   H    sing N N 46  
ASN N   H2   sing N N 47  
ASN CA  C    sing N N 48  
ASN CA  CB   sing N N 49  
ASN CA  HA   sing N N 50  
ASN C   O    doub N N 51  
ASN C   OXT  sing N N 52  
ASN CB  CG   sing N N 53  
ASN CB  HB2  sing N N 54  
ASN CB  HB3  sing N N 55  
ASN CG  OD1  doub N N 56  
ASN CG  ND2  sing N N 57  
ASN ND2 HD21 sing N N 58  
ASN ND2 HD22 sing N N 59  
ASN OXT HXT  sing N N 60  
ASP N   CA   sing N N 61  
ASP N   H    sing N N 62  
ASP N   H2   sing N N 63  
ASP CA  C    sing N N 64  
ASP CA  CB   sing N N 65  
ASP CA  HA   sing N N 66  
ASP C   O    doub N N 67  
ASP C   OXT  sing N N 68  
ASP CB  CG   sing N N 69  
ASP CB  HB2  sing N N 70  
ASP CB  HB3  sing N N 71  
ASP CG  OD1  doub N N 72  
ASP CG  OD2  sing N N 73  
ASP OD2 HD2  sing N N 74  
ASP OXT HXT  sing N N 75  
CSO N   CA   sing N N 76  
CSO N   H    sing N N 77  
CSO N   H2   sing N N 78  
CSO CA  CB   sing N N 79  
CSO CA  C    sing N N 80  
CSO CA  HA   sing N N 81  
CSO CB  SG   sing N N 82  
CSO CB  HB2  sing N N 83  
CSO CB  HB3  sing N N 84  
CSO SG  OD   sing N N 85  
CSO C   O    doub N N 86  
CSO C   OXT  sing N N 87  
CSO OXT HXT  sing N N 88  
CSO OD  HD   sing N N 89  
CYS N   CA   sing N N 90  
CYS N   H    sing N N 91  
CYS N   H2   sing N N 92  
CYS CA  C    sing N N 93  
CYS CA  CB   sing N N 94  
CYS CA  HA   sing N N 95  
CYS C   O    doub N N 96  
CYS C   OXT  sing N N 97  
CYS CB  SG   sing N N 98  
CYS CB  HB2  sing N N 99  
CYS CB  HB3  sing N N 100 
CYS SG  HG   sing N N 101 
CYS OXT HXT  sing N N 102 
DMS S   O    doub N N 103 
DMS S   C1   sing N N 104 
DMS S   C2   sing N N 105 
DMS C1  H11  sing N N 106 
DMS C1  H12  sing N N 107 
DMS C1  H13  sing N N 108 
DMS C2  H21  sing N N 109 
DMS C2  H22  sing N N 110 
DMS C2  H23  sing N N 111 
GLN N   CA   sing N N 112 
GLN N   H    sing N N 113 
GLN N   H2   sing N N 114 
GLN CA  C    sing N N 115 
GLN CA  CB   sing N N 116 
GLN CA  HA   sing N N 117 
GLN C   O    doub N N 118 
GLN C   OXT  sing N N 119 
GLN CB  CG   sing N N 120 
GLN CB  HB2  sing N N 121 
GLN CB  HB3  sing N N 122 
GLN CG  CD   sing N N 123 
GLN CG  HG2  sing N N 124 
GLN CG  HG3  sing N N 125 
GLN CD  OE1  doub N N 126 
GLN CD  NE2  sing N N 127 
GLN NE2 HE21 sing N N 128 
GLN NE2 HE22 sing N N 129 
GLN OXT HXT  sing N N 130 
GLU N   CA   sing N N 131 
GLU N   H    sing N N 132 
GLU N   H2   sing N N 133 
GLU CA  C    sing N N 134 
GLU CA  CB   sing N N 135 
GLU CA  HA   sing N N 136 
GLU C   O    doub N N 137 
GLU C   OXT  sing N N 138 
GLU CB  CG   sing N N 139 
GLU CB  HB2  sing N N 140 
GLU CB  HB3  sing N N 141 
GLU CG  CD   sing N N 142 
GLU CG  HG2  sing N N 143 
GLU CG  HG3  sing N N 144 
GLU CD  OE1  doub N N 145 
GLU CD  OE2  sing N N 146 
GLU OE2 HE2  sing N N 147 
GLU OXT HXT  sing N N 148 
GLY N   CA   sing N N 149 
GLY N   H    sing N N 150 
GLY N   H2   sing N N 151 
GLY CA  C    sing N N 152 
GLY CA  HA2  sing N N 153 
GLY CA  HA3  sing N N 154 
GLY C   O    doub N N 155 
GLY C   OXT  sing N N 156 
GLY OXT HXT  sing N N 157 
H1P C5  C    doub Y N 158 
H1P C5  C4   sing Y N 159 
H1P C   C1   sing Y N 160 
H1P C4  C3   doub Y N 161 
H1P C1  C10  sing N N 162 
H1P C1  C2   doub Y N 163 
H1P C15 C14  doub Y N 164 
H1P C15 C10  sing Y N 165 
H1P C14 C13  sing Y N 166 
H1P C10 C11  doub Y N 167 
H1P C13 C12  doub Y N 168 
H1P C13 F    sing N N 169 
H1P C11 C12  sing Y N 170 
H1P C3  C2   sing Y N 171 
H1P C2  N    sing N N 172 
H1P O   C6   doub N N 173 
H1P N   C6   sing N N 174 
H1P N   C9   sing N N 175 
H1P C6  C7   sing N N 176 
H1P C9  C8   doub N N 177 
H1P C7  C8   sing N N 178 
H1P C4  H1   sing N N 179 
H1P C5  H2   sing N N 180 
H1P C7  H3   sing N N 181 
H1P C7  H4   sing N N 182 
H1P C8  H5   sing N N 183 
H1P C15 H6   sing N N 184 
H1P C12 H7   sing N N 185 
H1P C11 H8   sing N N 186 
H1P C14 H9   sing N N 187 
H1P C3  H10  sing N N 188 
H1P C   H11  sing N N 189 
H1P C9  H12  sing N N 190 
HIS N   CA   sing N N 191 
HIS N   H    sing N N 192 
HIS N   H2   sing N N 193 
HIS CA  C    sing N N 194 
HIS CA  CB   sing N N 195 
HIS CA  HA   sing N N 196 
HIS C   O    doub N N 197 
HIS C   OXT  sing N N 198 
HIS CB  CG   sing N N 199 
HIS CB  HB2  sing N N 200 
HIS CB  HB3  sing N N 201 
HIS CG  ND1  sing Y N 202 
HIS CG  CD2  doub Y N 203 
HIS ND1 CE1  doub Y N 204 
HIS ND1 HD1  sing N N 205 
HIS CD2 NE2  sing Y N 206 
HIS CD2 HD2  sing N N 207 
HIS CE1 NE2  sing Y N 208 
HIS CE1 HE1  sing N N 209 
HIS NE2 HE2  sing N N 210 
HIS OXT HXT  sing N N 211 
HOH O   H1   sing N N 212 
HOH O   H2   sing N N 213 
HYP N   CA   sing N N 214 
HYP N   CD   sing N N 215 
HYP N   H    sing N N 216 
HYP CA  C    sing N N 217 
HYP CA  CB   sing N N 218 
HYP CA  HA   sing N N 219 
HYP C   O    doub N N 220 
HYP C   OXT  sing N N 221 
HYP CB  CG   sing N N 222 
HYP CB  HB2  sing N N 223 
HYP CB  HB3  sing N N 224 
HYP CG  CD   sing N N 225 
HYP CG  OD1  sing N N 226 
HYP CG  HG   sing N N 227 
HYP CD  HD22 sing N N 228 
HYP CD  HD23 sing N N 229 
HYP OD1 HD1  sing N N 230 
HYP OXT HXT  sing N N 231 
ILE N   CA   sing N N 232 
ILE N   H    sing N N 233 
ILE N   H2   sing N N 234 
ILE CA  C    sing N N 235 
ILE CA  CB   sing N N 236 
ILE CA  HA   sing N N 237 
ILE C   O    doub N N 238 
ILE C   OXT  sing N N 239 
ILE CB  CG1  sing N N 240 
ILE CB  CG2  sing N N 241 
ILE CB  HB   sing N N 242 
ILE CG1 CD1  sing N N 243 
ILE CG1 HG12 sing N N 244 
ILE CG1 HG13 sing N N 245 
ILE CG2 HG21 sing N N 246 
ILE CG2 HG22 sing N N 247 
ILE CG2 HG23 sing N N 248 
ILE CD1 HD11 sing N N 249 
ILE CD1 HD12 sing N N 250 
ILE CD1 HD13 sing N N 251 
ILE OXT HXT  sing N N 252 
LEU N   CA   sing N N 253 
LEU N   H    sing N N 254 
LEU N   H2   sing N N 255 
LEU CA  C    sing N N 256 
LEU CA  CB   sing N N 257 
LEU CA  HA   sing N N 258 
LEU C   O    doub N N 259 
LEU C   OXT  sing N N 260 
LEU CB  CG   sing N N 261 
LEU CB  HB2  sing N N 262 
LEU CB  HB3  sing N N 263 
LEU CG  CD1  sing N N 264 
LEU CG  CD2  sing N N 265 
LEU CG  HG   sing N N 266 
LEU CD1 HD11 sing N N 267 
LEU CD1 HD12 sing N N 268 
LEU CD1 HD13 sing N N 269 
LEU CD2 HD21 sing N N 270 
LEU CD2 HD22 sing N N 271 
LEU CD2 HD23 sing N N 272 
LEU OXT HXT  sing N N 273 
LYS N   CA   sing N N 274 
LYS N   H    sing N N 275 
LYS N   H2   sing N N 276 
LYS CA  C    sing N N 277 
LYS CA  CB   sing N N 278 
LYS CA  HA   sing N N 279 
LYS C   O    doub N N 280 
LYS C   OXT  sing N N 281 
LYS CB  CG   sing N N 282 
LYS CB  HB2  sing N N 283 
LYS CB  HB3  sing N N 284 
LYS CG  CD   sing N N 285 
LYS CG  HG2  sing N N 286 
LYS CG  HG3  sing N N 287 
LYS CD  CE   sing N N 288 
LYS CD  HD2  sing N N 289 
LYS CD  HD3  sing N N 290 
LYS CE  NZ   sing N N 291 
LYS CE  HE2  sing N N 292 
LYS CE  HE3  sing N N 293 
LYS NZ  HZ1  sing N N 294 
LYS NZ  HZ2  sing N N 295 
LYS NZ  HZ3  sing N N 296 
LYS OXT HXT  sing N N 297 
MET N   CA   sing N N 298 
MET N   H    sing N N 299 
MET N   H2   sing N N 300 
MET CA  C    sing N N 301 
MET CA  CB   sing N N 302 
MET CA  HA   sing N N 303 
MET C   O    doub N N 304 
MET C   OXT  sing N N 305 
MET CB  CG   sing N N 306 
MET CB  HB2  sing N N 307 
MET CB  HB3  sing N N 308 
MET CG  SD   sing N N 309 
MET CG  HG2  sing N N 310 
MET CG  HG3  sing N N 311 
MET SD  CE   sing N N 312 
MET CE  HE1  sing N N 313 
MET CE  HE2  sing N N 314 
MET CE  HE3  sing N N 315 
MET OXT HXT  sing N N 316 
PHE N   CA   sing N N 317 
PHE N   H    sing N N 318 
PHE N   H2   sing N N 319 
PHE CA  C    sing N N 320 
PHE CA  CB   sing N N 321 
PHE CA  HA   sing N N 322 
PHE C   O    doub N N 323 
PHE C   OXT  sing N N 324 
PHE CB  CG   sing N N 325 
PHE CB  HB2  sing N N 326 
PHE CB  HB3  sing N N 327 
PHE CG  CD1  doub Y N 328 
PHE CG  CD2  sing Y N 329 
PHE CD1 CE1  sing Y N 330 
PHE CD1 HD1  sing N N 331 
PHE CD2 CE2  doub Y N 332 
PHE CD2 HD2  sing N N 333 
PHE CE1 CZ   doub Y N 334 
PHE CE1 HE1  sing N N 335 
PHE CE2 CZ   sing Y N 336 
PHE CE2 HE2  sing N N 337 
PHE CZ  HZ   sing N N 338 
PHE OXT HXT  sing N N 339 
PRO N   CA   sing N N 340 
PRO N   CD   sing N N 341 
PRO N   H    sing N N 342 
PRO CA  C    sing N N 343 
PRO CA  CB   sing N N 344 
PRO CA  HA   sing N N 345 
PRO C   O    doub N N 346 
PRO C   OXT  sing N N 347 
PRO CB  CG   sing N N 348 
PRO CB  HB2  sing N N 349 
PRO CB  HB3  sing N N 350 
PRO CG  CD   sing N N 351 
PRO CG  HG2  sing N N 352 
PRO CG  HG3  sing N N 353 
PRO CD  HD2  sing N N 354 
PRO CD  HD3  sing N N 355 
PRO OXT HXT  sing N N 356 
SER N   CA   sing N N 357 
SER N   H    sing N N 358 
SER N   H2   sing N N 359 
SER CA  C    sing N N 360 
SER CA  CB   sing N N 361 
SER CA  HA   sing N N 362 
SER C   O    doub N N 363 
SER C   OXT  sing N N 364 
SER CB  OG   sing N N 365 
SER CB  HB2  sing N N 366 
SER CB  HB3  sing N N 367 
SER OG  HG   sing N N 368 
SER OXT HXT  sing N N 369 
THR N   CA   sing N N 370 
THR N   H    sing N N 371 
THR N   H2   sing N N 372 
THR CA  C    sing N N 373 
THR CA  CB   sing N N 374 
THR CA  HA   sing N N 375 
THR C   O    doub N N 376 
THR C   OXT  sing N N 377 
THR CB  OG1  sing N N 378 
THR CB  CG2  sing N N 379 
THR CB  HB   sing N N 380 
THR OG1 HG1  sing N N 381 
THR CG2 HG21 sing N N 382 
THR CG2 HG22 sing N N 383 
THR CG2 HG23 sing N N 384 
THR OXT HXT  sing N N 385 
TYR N   CA   sing N N 386 
TYR N   H    sing N N 387 
TYR N   H2   sing N N 388 
TYR CA  C    sing N N 389 
TYR CA  CB   sing N N 390 
TYR CA  HA   sing N N 391 
TYR C   O    doub N N 392 
TYR C   OXT  sing N N 393 
TYR CB  CG   sing N N 394 
TYR CB  HB2  sing N N 395 
TYR CB  HB3  sing N N 396 
TYR CG  CD1  doub Y N 397 
TYR CG  CD2  sing Y N 398 
TYR CD1 CE1  sing Y N 399 
TYR CD1 HD1  sing N N 400 
TYR CD2 CE2  doub Y N 401 
TYR CD2 HD2  sing N N 402 
TYR CE1 CZ   doub Y N 403 
TYR CE1 HE1  sing N N 404 
TYR CE2 CZ   sing Y N 405 
TYR CE2 HE2  sing N N 406 
TYR CZ  OH   sing N N 407 
TYR OH  HH   sing N N 408 
TYR OXT HXT  sing N N 409 
VAL N   CA   sing N N 410 
VAL N   H    sing N N 411 
VAL N   H2   sing N N 412 
VAL CA  C    sing N N 413 
VAL CA  CB   sing N N 414 
VAL CA  HA   sing N N 415 
VAL C   O    doub N N 416 
VAL C   OXT  sing N N 417 
VAL CB  CG1  sing N N 418 
VAL CB  CG2  sing N N 419 
VAL CB  HB   sing N N 420 
VAL CG1 HG11 sing N N 421 
VAL CG1 HG12 sing N N 422 
VAL CG1 HG13 sing N N 423 
VAL CG2 HG21 sing N N 424 
VAL CG2 HG22 sing N N 425 
VAL CG2 HG23 sing N N 426 
VAL OXT HXT  sing N N 427 
# 
_pdbx_deposit_group.group_id            G_1002045 
_pdbx_deposit_group.group_description   
;human NUDT7 screened against the 3D-Fragment Consortium Library by X-ray Crystallography at the XChem facility of Diamond Light Source beamline I04-1
;
_pdbx_deposit_group.group_title         'PanDDA analysis group deposition of models with modelled events (e.g. bound ligands)' 
_pdbx_deposit_group.group_type          'changed state' 
# 
loop_
_pdbx_entity_nonpoly.entity_id 
_pdbx_entity_nonpoly.name 
_pdbx_entity_nonpoly.comp_id 
2 'ACETATE ION'                                                   ACT 
3 'DIMETHYL SULFOXIDE'                                            DMS 
4 "1-(4'-fluoro[1,1'-biphenyl]-2-yl)-1,3-dihydro-2H-pyrrol-2-one" H1P 
5 water                                                           HOH 
# 
_pdbx_related_exp_data_set.ordinal              1 
_pdbx_related_exp_data_set.data_reference       10.5281/zenodo.1244111 
_pdbx_related_exp_data_set.metadata_reference   10.5281/zenodo.1244111 
_pdbx_related_exp_data_set.data_set_type        'other data' 
_pdbx_related_exp_data_set.details              'Complete PanDDA analysis' 
# 
